data_9QZK
#
_entry.id   9QZK
#
_cell.length_a   113.727
_cell.length_b   162.278
_cell.length_c   238.237
_cell.angle_alpha   90.00
_cell.angle_beta   90.00
_cell.angle_gamma   90.00
#
_symmetry.space_group_name_H-M   'P 21 21 21'
#
_entity_poly.entity_id   1
_entity_poly.type   'polypeptide(L)'
_entity_poly.pdbx_seq_one_letter_code
;DAPHAPQVILQLLAKLGIACREVSDSAELPAARRVQAVLLDDAVGTLLVLFPQSQLLDLARLTELTGRKLLAIKPERLER
MLGKHELHRLPALPPLTSSPCLYDERLLQEPRLLIESGQPGILLEIASNDFRGLLGKASAARFGEPLENINLNLDRPDDD
RAEISQAVQAFTARRIQQRLEQTIEIPPLPQTAQKIIKLRVDPNASVDDITGLVETDPALAAQVVSWAASPYYAAPGKIR
SVEDAIVRVLGFDLVINLALGLALGKSLSLPKDQPQQATPYWQQAIYTAAVIEGLTRAMPRELRPESGLSYLGGLLHNFG
YLVLAHVFPPHFSLICRHLEVNPHLGHAYIEQHLLGITREQIGAWLMRVWDMPDDLYCALRFQQDPSYTGPNAVYANLIC
LTNRLLRNSGIGDGTQQAIPAALYERLGITPEKAGDAVKKVLEAEAALRELAAQFNR
;
_entity_poly.pdbx_strand_id   A,B,C,D
#
# COMPACT_ATOMS: atom_id res chain seq x y z
N ASP A 1 -4.12 -26.32 20.49
CA ASP A 1 -5.05 -27.38 20.14
C ASP A 1 -6.22 -26.86 19.26
N ALA A 2 -7.28 -26.36 19.87
CA ALA A 2 -8.43 -25.88 19.11
C ALA A 2 -8.09 -24.59 18.38
N PRO A 3 -8.43 -24.46 17.10
CA PRO A 3 -8.16 -23.22 16.38
C PRO A 3 -8.95 -22.05 16.96
N HIS A 4 -8.34 -20.87 16.90
CA HIS A 4 -9.00 -19.65 17.36
C HIS A 4 -8.66 -18.53 16.38
N ALA A 5 -9.46 -17.46 16.43
CA ALA A 5 -9.29 -16.31 15.54
C ALA A 5 -8.00 -15.56 15.90
N PRO A 6 -7.38 -14.90 14.91
CA PRO A 6 -6.08 -14.25 15.15
C PRO A 6 -6.15 -13.15 16.20
N GLN A 7 -5.09 -13.03 17.00
CA GLN A 7 -5.11 -12.04 18.09
C GLN A 7 -5.16 -10.63 17.55
N VAL A 8 -4.52 -10.39 16.39
CA VAL A 8 -4.50 -9.04 15.81
C VAL A 8 -5.88 -8.60 15.36
N ILE A 9 -6.72 -9.54 14.90
CA ILE A 9 -8.07 -9.20 14.46
C ILE A 9 -8.99 -8.98 15.65
N LEU A 10 -8.96 -9.89 16.63
CA LEU A 10 -9.75 -9.72 17.85
C LEU A 10 -9.32 -8.48 18.62
N GLN A 11 -8.03 -8.15 18.54
CA GLN A 11 -7.54 -6.93 19.17
C GLN A 11 -8.07 -5.70 18.45
N LEU A 12 -8.13 -5.75 17.11
CA LEU A 12 -8.64 -4.64 16.31
C LEU A 12 -10.12 -4.38 16.57
N LEU A 13 -10.94 -5.44 16.58
CA LEU A 13 -12.38 -5.27 16.77
C LEU A 13 -12.70 -4.72 18.15
N ALA A 14 -11.93 -5.12 19.17
CA ALA A 14 -12.14 -4.52 20.48
C ALA A 14 -11.82 -3.03 20.45
N LYS A 15 -10.76 -2.65 19.72
CA LYS A 15 -10.40 -1.24 19.62
C LYS A 15 -11.48 -0.44 18.90
N LEU A 16 -12.17 -1.06 17.94
CA LEU A 16 -13.23 -0.40 17.18
C LEU A 16 -14.59 -0.56 17.83
N GLY A 17 -14.67 -1.25 18.97
CA GLY A 17 -15.95 -1.32 19.65
C GLY A 17 -16.98 -2.20 18.98
N ILE A 18 -16.56 -3.25 18.30
CA ILE A 18 -17.46 -4.16 17.62
C ILE A 18 -17.50 -5.48 18.38
N ALA A 19 -18.70 -5.90 18.80
CA ALA A 19 -18.85 -7.20 19.44
C ALA A 19 -18.68 -8.33 18.42
N CYS A 20 -18.11 -9.46 18.85
CA CYS A 20 -17.83 -10.57 17.95
C CYS A 20 -17.65 -11.85 18.73
N ARG A 21 -18.28 -12.93 18.27
CA ARG A 21 -18.06 -14.27 18.83
C ARG A 21 -17.64 -15.23 17.71
N GLU A 22 -16.73 -16.15 18.05
CA GLU A 22 -16.22 -17.12 17.08
C GLU A 22 -17.31 -18.12 16.68
N VAL A 23 -17.28 -18.53 15.41
CA VAL A 23 -18.22 -19.49 14.86
C VAL A 23 -17.46 -20.41 13.90
N SER A 24 -17.56 -21.71 14.09
CA SER A 24 -16.89 -22.66 13.19
C SER A 24 -17.52 -22.66 11.81
N ASP A 25 -16.65 -22.68 10.79
CA ASP A 25 -17.09 -22.69 9.40
C ASP A 25 -17.83 -23.99 9.09
N SER A 26 -18.94 -23.87 8.36
CA SER A 26 -19.78 -25.02 8.04
C SER A 26 -20.60 -24.72 6.79
N ALA A 27 -20.85 -25.76 6.00
CA ALA A 27 -21.68 -25.59 4.83
C ALA A 27 -23.14 -25.42 5.21
N GLU A 28 -23.51 -25.75 6.44
CA GLU A 28 -24.89 -25.54 6.87
C GLU A 28 -25.25 -24.07 7.01
N LEU A 29 -24.25 -23.19 7.17
CA LEU A 29 -24.55 -21.76 7.39
C LEU A 29 -25.15 -21.15 6.14
N PRO A 30 -26.25 -20.39 6.26
CA PRO A 30 -26.88 -19.81 5.07
C PRO A 30 -25.96 -18.83 4.36
N ALA A 31 -26.06 -18.81 3.02
CA ALA A 31 -25.12 -18.02 2.23
C ALA A 31 -25.26 -16.52 2.48
N ALA A 32 -26.48 -16.06 2.76
CA ALA A 32 -26.73 -14.62 2.84
C ALA A 32 -26.09 -14.00 4.08
N ARG A 33 -25.78 -14.79 5.10
CA ARG A 33 -25.15 -14.26 6.30
C ARG A 33 -23.63 -14.19 6.20
N ARG A 34 -23.06 -14.70 5.10
CA ARG A 34 -21.61 -14.82 4.93
C ARG A 34 -21.13 -13.71 4.00
N VAL A 35 -20.35 -12.79 4.56
CA VAL A 35 -19.78 -11.68 3.80
C VAL A 35 -18.50 -12.15 3.15
N GLN A 36 -18.44 -12.09 1.82
CA GLN A 36 -17.23 -12.41 1.07
C GLN A 36 -16.45 -11.12 0.79
N ALA A 37 -15.13 -11.21 0.87
CA ALA A 37 -14.28 -10.07 0.56
C ALA A 37 -13.29 -10.45 -0.54
N VAL A 38 -13.23 -9.66 -1.59
CA VAL A 38 -12.28 -9.88 -2.68
C VAL A 38 -11.49 -8.60 -2.91
N LEU A 39 -10.25 -8.74 -3.34
CA LEU A 39 -9.41 -7.59 -3.69
C LEU A 39 -9.25 -7.54 -5.20
N LEU A 40 -9.68 -6.42 -5.78
CA LEU A 40 -9.66 -6.22 -7.21
C LEU A 40 -8.72 -5.06 -7.53
N ASP A 41 -8.13 -5.11 -8.72
CA ASP A 41 -7.22 -4.04 -9.08
C ASP A 41 -7.25 -3.81 -10.58
N ASP A 42 -6.70 -2.66 -10.95
CA ASP A 42 -6.50 -2.24 -12.31
C ASP A 42 -5.33 -1.27 -12.30
N ALA A 43 -5.19 -0.47 -13.36
CA ALA A 43 -4.09 0.46 -13.42
C ALA A 43 -4.15 1.47 -12.27
N VAL A 44 -5.36 1.89 -11.90
CA VAL A 44 -5.54 2.96 -10.90
C VAL A 44 -5.13 2.50 -9.51
N GLY A 45 -5.39 1.25 -9.15
CA GLY A 45 -5.02 0.74 -7.85
C GLY A 45 -5.94 -0.38 -7.41
N THR A 46 -5.89 -0.67 -6.11
CA THR A 46 -6.67 -1.75 -5.51
C THR A 46 -8.07 -1.27 -5.13
N LEU A 47 -9.03 -2.18 -5.17
CA LEU A 47 -10.39 -1.94 -4.71
C LEU A 47 -10.91 -3.14 -3.96
N LEU A 48 -11.40 -2.91 -2.74
CA LEU A 48 -11.96 -3.96 -1.89
C LEU A 48 -13.46 -4.05 -2.12
N VAL A 49 -13.96 -5.23 -2.48
CA VAL A 49 -15.37 -5.44 -2.74
C VAL A 49 -15.91 -6.43 -1.74
N LEU A 50 -17.03 -6.06 -1.11
CA LEU A 50 -17.72 -6.90 -0.13
C LEU A 50 -19.12 -7.19 -0.67
N PHE A 51 -19.54 -8.46 -0.59
CA PHE A 51 -20.89 -8.82 -1.02
C PHE A 51 -21.28 -10.13 -0.37
N PRO A 52 -22.58 -10.36 -0.15
CA PRO A 52 -23.00 -11.65 0.43
C PRO A 52 -22.76 -12.79 -0.55
N GLN A 53 -22.50 -13.97 0.03
CA GLN A 53 -22.23 -15.16 -0.78
C GLN A 53 -23.47 -15.72 -1.40
N SER A 54 -24.56 -14.98 -1.23
CA SER A 54 -25.82 -15.30 -1.88
C SER A 54 -25.90 -14.77 -3.31
N GLN A 55 -24.85 -14.12 -3.80
CA GLN A 55 -24.82 -13.54 -5.15
C GLN A 55 -23.43 -13.74 -5.75
N LEU A 56 -23.34 -13.74 -7.09
CA LEU A 56 -22.03 -13.81 -7.73
C LEU A 56 -21.60 -12.42 -8.16
N LEU A 57 -20.29 -12.19 -8.10
CA LEU A 57 -19.71 -10.92 -8.51
C LEU A 57 -19.61 -10.93 -10.03
N ASP A 58 -20.24 -9.95 -10.68
CA ASP A 58 -20.24 -9.87 -12.14
C ASP A 58 -19.32 -8.72 -12.51
N LEU A 59 -18.16 -9.06 -13.08
CA LEU A 59 -17.17 -8.04 -13.42
C LEU A 59 -17.67 -7.08 -14.49
N ALA A 60 -18.58 -7.55 -15.35
CA ALA A 60 -19.16 -6.69 -16.36
C ALA A 60 -19.98 -5.58 -15.71
N ARG A 61 -20.89 -5.96 -14.81
CA ARG A 61 -21.68 -4.96 -14.11
C ARG A 61 -20.85 -4.09 -13.18
N LEU A 62 -19.75 -4.61 -12.65
CA LEU A 62 -18.88 -3.79 -11.82
C LEU A 62 -18.28 -2.64 -12.62
N THR A 63 -17.88 -2.91 -13.87
CA THR A 63 -17.37 -1.85 -14.71
C THR A 63 -18.47 -0.87 -15.10
N GLU A 64 -19.68 -1.37 -15.32
CA GLU A 64 -20.80 -0.48 -15.63
C GLU A 64 -21.10 0.48 -14.48
N LEU A 65 -20.93 0.02 -13.24
CA LEU A 65 -21.20 0.85 -12.07
C LEU A 65 -20.08 1.83 -11.78
N THR A 66 -18.83 1.38 -11.94
CA THR A 66 -17.68 2.17 -11.51
C THR A 66 -16.89 2.77 -12.66
N GLY A 67 -16.97 2.19 -13.86
CA GLY A 67 -16.15 2.57 -14.99
C GLY A 67 -14.79 1.93 -15.05
N ARG A 68 -14.41 1.13 -14.06
CA ARG A 68 -13.10 0.50 -14.01
C ARG A 68 -13.19 -0.93 -14.51
N LYS A 69 -12.14 -1.39 -15.17
CA LYS A 69 -12.05 -2.78 -15.62
C LYS A 69 -11.21 -3.52 -14.58
N LEU A 70 -11.90 -4.11 -13.60
CA LEU A 70 -11.26 -4.73 -12.44
C LEU A 70 -11.08 -6.23 -12.61
N LEU A 71 -9.96 -6.74 -12.09
CA LEU A 71 -9.68 -8.16 -12.14
C LEU A 71 -9.05 -8.58 -10.81
N ALA A 72 -9.08 -9.88 -10.55
CA ALA A 72 -8.51 -10.38 -9.30
C ALA A 72 -7.02 -10.03 -9.25
N ILE A 73 -6.53 -9.65 -8.07
CA ILE A 73 -5.11 -9.32 -7.92
C ILE A 73 -4.27 -10.60 -8.00
N LYS A 74 -3.00 -10.46 -8.35
CA LYS A 74 -2.12 -11.61 -8.40
C LYS A 74 -1.94 -12.20 -7.00
N PRO A 75 -1.85 -13.52 -6.86
CA PRO A 75 -1.78 -14.10 -5.51
C PRO A 75 -0.59 -13.62 -4.71
N GLU A 76 0.51 -13.31 -5.37
CA GLU A 76 1.66 -12.73 -4.69
C GLU A 76 1.31 -11.37 -4.10
N ARG A 77 0.48 -10.61 -4.81
CA ARG A 77 -0.01 -9.33 -4.28
C ARG A 77 -0.93 -9.55 -3.07
N LEU A 78 -1.76 -10.59 -3.10
CA LEU A 78 -2.63 -10.89 -1.98
C LEU A 78 -1.83 -11.40 -0.79
N GLU A 79 -0.92 -12.34 -1.04
CA GLU A 79 -0.18 -12.95 0.06
C GLU A 79 0.70 -11.93 0.75
N ARG A 80 1.13 -10.88 0.04
CA ARG A 80 1.88 -9.83 0.73
C ARG A 80 0.96 -9.02 1.64
N MET A 81 -0.26 -8.72 1.19
CA MET A 81 -1.19 -7.94 2.02
C MET A 81 -1.76 -8.77 3.15
N LEU A 82 -2.08 -10.05 2.90
CA LEU A 82 -2.47 -10.94 4.00
C LEU A 82 -1.32 -11.20 4.96
N GLY A 83 -0.09 -11.18 4.47
CA GLY A 83 1.06 -11.42 5.32
C GLY A 83 1.37 -10.24 6.22
N LYS A 84 0.92 -9.05 5.86
CA LYS A 84 1.21 -7.87 6.68
C LYS A 84 0.69 -8.04 8.09
N HIS A 85 -0.47 -8.70 8.25
CA HIS A 85 -1.10 -8.94 9.54
C HIS A 85 -1.06 -10.41 9.94
N GLU A 86 -0.31 -11.25 9.24
CA GLU A 86 -0.21 -12.68 9.54
C GLU A 86 -1.58 -13.37 9.41
N LEU A 87 -2.25 -13.11 8.28
CA LEU A 87 -3.53 -13.74 7.96
C LEU A 87 -3.39 -14.69 6.78
N HIS A 88 -4.26 -15.72 6.78
CA HIS A 88 -4.35 -16.69 5.69
C HIS A 88 -5.69 -16.66 4.97
N ARG A 89 -6.58 -15.75 5.33
CA ARG A 89 -7.81 -15.48 4.61
C ARG A 89 -8.05 -13.99 4.70
N LEU A 90 -9.00 -13.49 3.90
CA LEU A 90 -9.25 -12.05 3.88
C LEU A 90 -10.57 -11.73 4.60
N PRO A 91 -10.51 -11.25 5.85
CA PRO A 91 -11.73 -10.77 6.51
C PRO A 91 -12.27 -9.52 5.84
N ALA A 92 -13.59 -9.37 5.91
CA ALA A 92 -14.25 -8.19 5.31
C ALA A 92 -14.19 -7.00 6.25
N LEU A 93 -12.96 -6.58 6.55
CA LEU A 93 -12.70 -5.43 7.41
C LEU A 93 -11.92 -4.35 6.66
N PRO A 94 -12.59 -3.27 6.25
CA PRO A 94 -11.91 -2.19 5.48
C PRO A 94 -10.72 -1.60 6.20
N PRO A 95 -10.69 -1.58 7.54
CA PRO A 95 -9.48 -1.08 8.23
C PRO A 95 -8.19 -1.81 7.87
N LEU A 96 -8.26 -3.08 7.47
CA LEU A 96 -7.05 -3.83 7.16
C LEU A 96 -6.28 -3.28 5.96
N THR A 97 -6.94 -2.54 5.08
CA THR A 97 -6.27 -2.02 3.89
C THR A 97 -6.54 -0.54 3.74
N SER A 98 -5.61 0.12 3.05
CA SER A 98 -5.78 1.52 2.69
C SER A 98 -6.67 1.68 1.48
N SER A 99 -7.03 0.60 0.81
CA SER A 99 -7.75 0.68 -0.45
C SER A 99 -9.18 1.16 -0.25
N PRO A 100 -9.75 1.83 -1.24
CA PRO A 100 -11.18 2.17 -1.17
C PRO A 100 -12.04 0.92 -1.16
N CYS A 101 -13.17 1.02 -0.48
CA CYS A 101 -14.08 -0.10 -0.31
C CYS A 101 -15.41 0.19 -1.00
N LEU A 102 -15.94 -0.85 -1.65
CA LEU A 102 -17.26 -0.87 -2.25
C LEU A 102 -18.01 -2.11 -1.77
N TYR A 103 -19.28 -1.94 -1.41
CA TYR A 103 -20.06 -3.05 -0.88
C TYR A 103 -21.49 -3.02 -1.40
N ASP A 104 -22.06 -4.20 -1.57
CA ASP A 104 -23.45 -4.28 -1.96
C ASP A 104 -24.33 -4.03 -0.71
N GLU A 105 -25.34 -3.16 -0.86
CA GLU A 105 -26.18 -2.80 0.30
C GLU A 105 -26.89 -4.02 0.83
N ARG A 106 -27.26 -4.95 -0.04
CA ARG A 106 -28.10 -6.05 0.39
C ARG A 106 -27.39 -6.93 1.41
N LEU A 107 -26.06 -6.81 1.49
CA LEU A 107 -25.25 -7.41 2.53
C LEU A 107 -25.86 -7.25 3.93
N LEU A 108 -26.42 -6.06 4.23
CA LEU A 108 -26.87 -5.69 5.56
C LEU A 108 -28.24 -6.25 5.96
N GLN A 109 -28.96 -6.90 5.03
CA GLN A 109 -30.35 -7.34 5.29
C GLN A 109 -30.44 -8.38 6.41
N GLU A 110 -29.41 -9.25 6.55
CA GLU A 110 -29.43 -10.28 7.58
C GLU A 110 -28.89 -9.71 8.89
N PRO A 111 -29.62 -9.91 9.99
CA PRO A 111 -29.17 -9.36 11.29
C PRO A 111 -27.81 -9.84 11.77
N ARG A 112 -27.45 -11.08 11.47
CA ARG A 112 -26.21 -11.71 11.96
C ARG A 112 -25.29 -12.03 10.79
N LEU A 113 -24.24 -11.22 10.61
CA LEU A 113 -23.29 -11.44 9.53
C LEU A 113 -22.13 -12.31 9.99
N LEU A 114 -21.51 -13.02 9.02
CA LEU A 114 -20.38 -13.90 9.27
C LEU A 114 -19.25 -13.53 8.32
N ILE A 115 -18.11 -13.12 8.88
CA ILE A 115 -16.94 -12.75 8.10
C ILE A 115 -15.82 -13.73 8.41
N GLU A 116 -14.89 -13.88 7.47
CA GLU A 116 -13.75 -14.73 7.74
C GLU A 116 -12.89 -14.17 8.86
N SER A 117 -12.48 -15.03 9.78
CA SER A 117 -11.59 -14.61 10.85
C SER A 117 -10.20 -14.33 10.33
N GLY A 118 -9.85 -14.91 9.19
CA GLY A 118 -8.49 -14.97 8.72
C GLY A 118 -7.75 -16.21 9.15
N GLN A 119 -8.26 -16.90 10.16
CA GLN A 119 -7.84 -18.25 10.50
C GLN A 119 -8.84 -19.20 9.85
N PRO A 120 -8.41 -20.09 8.95
CA PRO A 120 -9.39 -20.91 8.22
C PRO A 120 -10.22 -21.76 9.17
N GLY A 121 -11.50 -21.92 8.83
CA GLY A 121 -12.42 -22.70 9.64
C GLY A 121 -13.11 -21.93 10.75
N ILE A 122 -12.64 -20.74 11.08
CA ILE A 122 -13.20 -19.91 12.15
C ILE A 122 -13.83 -18.67 11.51
N LEU A 123 -15.10 -18.44 11.80
CA LEU A 123 -15.77 -17.22 11.38
C LEU A 123 -16.08 -16.33 12.57
N LEU A 124 -16.28 -15.06 12.28
CA LEU A 124 -16.72 -14.09 13.27
C LEU A 124 -18.17 -13.72 12.98
N GLU A 125 -19.01 -13.82 14.00
CA GLU A 125 -20.39 -13.37 13.90
C GLU A 125 -20.43 -11.96 14.47
N ILE A 126 -20.86 -11.01 13.64
CA ILE A 126 -20.91 -9.59 13.98
C ILE A 126 -22.30 -9.06 13.68
N ALA A 127 -22.81 -8.23 14.59
CA ALA A 127 -24.10 -7.59 14.38
C ALA A 127 -24.06 -6.67 13.18
N SER A 128 -25.11 -6.71 12.36
CA SER A 128 -25.11 -5.93 11.13
C SER A 128 -24.97 -4.44 11.43
N ASN A 129 -25.69 -3.95 12.44
CA ASN A 129 -25.64 -2.53 12.76
C ASN A 129 -24.24 -2.13 13.24
N ASP A 130 -23.53 -3.02 13.93
CA ASP A 130 -22.14 -2.74 14.28
C ASP A 130 -21.28 -2.72 13.02
N PHE A 131 -21.56 -3.64 12.10
CA PHE A 131 -20.77 -3.75 10.88
C PHE A 131 -20.93 -2.53 9.99
N ARG A 132 -22.10 -1.91 10.01
CA ARG A 132 -22.36 -0.73 9.18
C ARG A 132 -21.36 0.37 9.50
N GLY A 133 -20.88 0.41 10.73
CA GLY A 133 -19.97 1.45 11.18
C GLY A 133 -18.64 1.43 10.47
N LEU A 134 -18.27 0.28 9.92
CA LEU A 134 -17.05 0.18 9.12
C LEU A 134 -17.22 0.70 7.70
N LEU A 135 -18.46 0.91 7.25
CA LEU A 135 -18.76 1.27 5.85
C LEU A 135 -19.12 2.74 5.70
N GLY A 136 -18.78 3.57 6.68
CA GLY A 136 -19.16 4.97 6.61
C GLY A 136 -18.46 5.71 5.50
N LYS A 137 -17.24 5.29 5.16
CA LYS A 137 -16.44 5.92 4.11
C LYS A 137 -16.40 5.07 2.85
N ALA A 138 -17.29 4.11 2.72
CA ALA A 138 -17.36 3.24 1.55
C ALA A 138 -18.42 3.72 0.57
N SER A 139 -18.40 3.13 -0.62
CA SER A 139 -19.43 3.33 -1.62
C SER A 139 -20.49 2.24 -1.44
N ALA A 140 -21.76 2.62 -1.54
CA ALA A 140 -22.86 1.66 -1.44
C ALA A 140 -23.51 1.49 -2.81
N ALA A 141 -23.77 0.26 -3.21
CA ALA A 141 -24.32 0.01 -4.53
C ALA A 141 -25.03 -1.33 -4.54
N ARG A 142 -25.75 -1.58 -5.64
CA ARG A 142 -26.41 -2.86 -5.87
C ARG A 142 -25.87 -3.44 -7.17
N PHE A 143 -25.02 -4.45 -7.07
CA PHE A 143 -24.36 -4.95 -8.26
C PHE A 143 -24.19 -6.46 -8.32
N GLY A 144 -24.35 -7.19 -7.22
CA GLY A 144 -24.27 -8.63 -7.28
C GLY A 144 -25.50 -9.21 -7.96
N GLU A 145 -25.32 -10.40 -8.54
CA GLU A 145 -26.44 -11.11 -9.16
C GLU A 145 -26.89 -12.19 -8.21
N PRO A 146 -28.08 -12.11 -7.62
CA PRO A 146 -28.49 -13.14 -6.67
C PRO A 146 -28.56 -14.50 -7.35
N LEU A 147 -28.12 -15.53 -6.63
CA LEU A 147 -28.07 -16.87 -7.19
C LEU A 147 -29.47 -17.37 -7.50
N GLU A 148 -30.48 -16.86 -6.81
CA GLU A 148 -31.84 -17.32 -7.06
C GLU A 148 -32.31 -17.00 -8.47
N ASN A 149 -31.72 -15.99 -9.13
CA ASN A 149 -32.04 -15.68 -10.52
C ASN A 149 -31.34 -16.56 -11.54
N ILE A 150 -30.35 -17.36 -11.13
CA ILE A 150 -29.58 -18.22 -12.04
C ILE A 150 -30.15 -19.64 -11.99
N ASN A 151 -30.75 -20.07 -13.09
CA ASN A 151 -31.46 -21.35 -13.15
C ASN A 151 -30.53 -22.41 -13.76
N LEU A 152 -29.92 -23.23 -12.89
CA LEU A 152 -29.17 -24.38 -13.38
C LEU A 152 -30.14 -25.45 -13.91
N ASN A 153 -29.76 -26.09 -15.00
CA ASN A 153 -30.54 -27.17 -15.60
C ASN A 153 -30.01 -28.49 -15.07
N LEU A 154 -30.53 -28.91 -13.92
CA LEU A 154 -30.25 -30.23 -13.36
C LEU A 154 -31.43 -31.19 -13.52
N ASP A 155 -32.55 -30.72 -14.08
CA ASP A 155 -33.84 -31.40 -14.02
C ASP A 155 -34.51 -31.58 -15.38
N ARG A 156 -34.04 -30.92 -16.43
CA ARG A 156 -34.70 -30.90 -17.74
C ARG A 156 -33.69 -31.22 -18.84
N PRO A 157 -33.29 -32.48 -18.94
CA PRO A 157 -32.36 -32.88 -20.02
C PRO A 157 -32.94 -32.69 -21.41
N ASP A 158 -34.27 -32.70 -21.55
CA ASP A 158 -34.88 -32.57 -22.86
C ASP A 158 -34.60 -31.20 -23.49
N ASP A 159 -34.37 -30.18 -22.67
CA ASP A 159 -34.04 -28.85 -23.18
C ASP A 159 -32.55 -28.70 -23.48
N ASP A 160 -31.74 -29.72 -23.21
CA ASP A 160 -30.29 -29.59 -23.35
C ASP A 160 -29.90 -29.20 -24.78
N ARG A 161 -30.45 -29.91 -25.76
CA ARG A 161 -30.09 -29.61 -27.14
C ARG A 161 -30.49 -28.19 -27.53
N ALA A 162 -31.64 -27.73 -27.02
CA ALA A 162 -32.10 -26.38 -27.36
C ALA A 162 -31.20 -25.32 -26.74
N GLU A 163 -30.94 -25.42 -25.43
CA GLU A 163 -30.18 -24.38 -24.75
C GLU A 163 -28.74 -24.29 -25.23
N ILE A 164 -28.16 -25.41 -25.65
CA ILE A 164 -26.83 -25.35 -26.25
C ILE A 164 -26.89 -24.60 -27.57
N SER A 165 -27.93 -24.85 -28.37
CA SER A 165 -28.08 -24.12 -29.63
C SER A 165 -28.26 -22.62 -29.36
N GLN A 166 -28.93 -22.28 -28.26
CA GLN A 166 -29.09 -20.88 -27.88
C GLN A 166 -27.75 -20.23 -27.56
N ALA A 167 -26.91 -20.96 -26.82
CA ALA A 167 -25.62 -20.39 -26.43
C ALA A 167 -24.77 -20.29 -27.68
N VAL A 168 -24.81 -21.32 -28.51
CA VAL A 168 -23.89 -21.31 -29.68
C VAL A 168 -24.26 -20.10 -30.54
N GLN A 169 -25.56 -19.87 -30.75
CA GLN A 169 -25.89 -18.76 -31.68
C GLN A 169 -25.38 -17.44 -31.09
N ALA A 170 -25.61 -17.22 -29.80
CA ALA A 170 -25.24 -15.93 -29.20
C ALA A 170 -23.73 -15.70 -29.17
N PHE A 171 -22.94 -16.71 -28.82
CA PHE A 171 -21.50 -16.47 -28.59
C PHE A 171 -20.58 -17.03 -29.69
N THR A 172 -20.93 -18.17 -30.27
CA THR A 172 -19.99 -18.79 -31.23
C THR A 172 -19.76 -17.92 -32.44
N ALA A 173 -20.81 -17.30 -32.98
CA ALA A 173 -20.65 -16.54 -34.23
C ALA A 173 -20.32 -17.52 -35.36
N ARG A 174 -20.95 -18.69 -35.35
CA ARG A 174 -20.73 -19.68 -36.41
C ARG A 174 -22.07 -19.93 -37.10
N ARG A 175 -22.04 -20.46 -38.32
CA ARG A 175 -23.31 -20.62 -39.07
C ARG A 175 -24.17 -21.66 -38.39
N ILE A 176 -25.48 -21.47 -38.43
CA ILE A 176 -26.38 -22.48 -37.84
C ILE A 176 -26.68 -23.53 -38.90
N GLN A 177 -26.50 -24.81 -38.60
CA GLN A 177 -26.88 -25.88 -39.54
C GLN A 177 -28.05 -26.66 -38.95
N GLN A 178 -28.97 -27.09 -39.79
CA GLN A 178 -30.19 -27.80 -39.38
C GLN A 178 -29.98 -28.64 -38.12
N ARG A 179 -28.79 -29.20 -37.94
CA ARG A 179 -28.49 -30.06 -36.80
C ARG A 179 -27.41 -29.42 -35.95
N LEU A 180 -27.52 -29.59 -34.63
CA LEU A 180 -26.56 -29.00 -33.71
C LEU A 180 -25.16 -29.57 -33.91
N GLU A 181 -25.06 -30.86 -34.24
CA GLU A 181 -23.74 -31.45 -34.46
C GLU A 181 -23.05 -30.79 -35.66
N GLN A 182 -23.82 -30.49 -36.71
CA GLN A 182 -23.23 -29.80 -37.86
C GLN A 182 -22.80 -28.38 -37.51
N THR A 183 -23.59 -27.69 -36.68
CA THR A 183 -23.29 -26.29 -36.35
C THR A 183 -21.98 -26.17 -35.58
N ILE A 184 -21.77 -27.07 -34.62
CA ILE A 184 -20.56 -27.05 -33.80
C ILE A 184 -19.39 -27.61 -34.60
N GLU A 185 -18.19 -27.13 -34.27
CA GLU A 185 -16.96 -27.68 -34.84
C GLU A 185 -16.61 -28.90 -33.99
N ILE A 186 -16.97 -30.08 -34.48
CA ILE A 186 -16.77 -31.34 -33.76
C ILE A 186 -15.44 -31.94 -34.21
N PRO A 187 -14.49 -32.18 -33.30
CA PRO A 187 -13.33 -32.98 -33.68
C PRO A 187 -13.75 -34.38 -34.04
N PRO A 188 -13.07 -35.02 -34.99
CA PRO A 188 -13.54 -36.33 -35.47
C PRO A 188 -13.67 -37.39 -34.38
N LEU A 189 -12.81 -37.33 -33.34
CA LEU A 189 -12.63 -38.33 -32.27
C LEU A 189 -11.67 -39.41 -32.76
N PRO A 190 -10.60 -39.67 -32.04
CA PRO A 190 -9.53 -40.54 -32.58
C PRO A 190 -10.03 -41.94 -32.86
N GLN A 191 -9.49 -42.54 -33.92
CA GLN A 191 -9.91 -43.89 -34.31
C GLN A 191 -9.61 -44.90 -33.22
N THR A 192 -8.52 -44.71 -32.47
CA THR A 192 -8.21 -45.63 -31.39
C THR A 192 -9.37 -45.71 -30.40
N ALA A 193 -9.91 -44.55 -30.03
CA ALA A 193 -11.09 -44.52 -29.16
C ALA A 193 -12.32 -45.08 -29.86
N GLN A 194 -12.46 -44.85 -31.16
CA GLN A 194 -13.61 -45.37 -31.87
C GLN A 194 -13.63 -46.89 -31.85
N LYS A 195 -12.46 -47.50 -32.00
CA LYS A 195 -12.35 -48.95 -31.98
C LYS A 195 -12.65 -49.51 -30.59
N ILE A 196 -12.21 -48.80 -29.55
CA ILE A 196 -12.45 -49.26 -28.18
C ILE A 196 -13.94 -49.23 -27.86
N ILE A 197 -14.67 -48.24 -28.39
CA ILE A 197 -16.11 -48.14 -28.11
C ILE A 197 -16.84 -49.34 -28.68
N LYS A 198 -16.51 -49.73 -29.92
CA LYS A 198 -17.14 -50.92 -30.51
C LYS A 198 -16.73 -52.19 -29.78
N LEU A 199 -15.49 -52.24 -29.28
CA LEU A 199 -15.06 -53.43 -28.55
C LEU A 199 -15.80 -53.59 -27.23
N ARG A 200 -16.19 -52.46 -26.60
CA ARG A 200 -16.82 -52.52 -25.28
C ARG A 200 -18.15 -53.27 -25.32
N VAL A 201 -18.88 -53.18 -26.45
CA VAL A 201 -20.21 -53.77 -26.55
C VAL A 201 -20.18 -55.23 -26.95
N ASP A 202 -19.00 -55.80 -27.20
CA ASP A 202 -18.90 -57.24 -27.44
C ASP A 202 -18.96 -57.94 -26.09
N PRO A 203 -19.98 -58.78 -25.86
CA PRO A 203 -20.06 -59.48 -24.56
C PRO A 203 -18.87 -60.38 -24.29
N ASN A 204 -18.29 -60.95 -25.33
CA ASN A 204 -17.17 -61.88 -25.23
C ASN A 204 -15.89 -61.30 -25.82
N ALA A 205 -15.64 -60.02 -25.55
CA ALA A 205 -14.32 -59.46 -25.81
C ALA A 205 -13.30 -60.11 -24.87
N SER A 206 -12.09 -60.30 -25.35
CA SER A 206 -11.09 -61.08 -24.63
C SER A 206 -9.87 -60.22 -24.31
N VAL A 207 -9.03 -60.74 -23.41
CA VAL A 207 -7.82 -60.01 -23.06
C VAL A 207 -6.92 -59.87 -24.29
N ASP A 208 -6.94 -60.86 -25.16
CA ASP A 208 -6.18 -60.75 -26.41
C ASP A 208 -6.73 -59.66 -27.31
N ASP A 209 -8.06 -59.47 -27.31
CA ASP A 209 -8.63 -58.46 -28.20
C ASP A 209 -8.19 -57.06 -27.80
N ILE A 210 -8.19 -56.76 -26.50
CA ILE A 210 -7.79 -55.43 -26.04
C ILE A 210 -6.27 -55.27 -26.04
N THR A 211 -5.53 -56.34 -25.73
CA THR A 211 -4.08 -56.22 -25.75
C THR A 211 -3.58 -55.92 -27.16
N GLY A 212 -4.23 -56.53 -28.15
CA GLY A 212 -3.86 -56.22 -29.53
C GLY A 212 -4.29 -54.83 -29.94
N LEU A 213 -5.50 -54.43 -29.55
CA LEU A 213 -5.99 -53.10 -29.94
C LEU A 213 -5.19 -52.01 -29.25
N VAL A 214 -4.81 -52.21 -27.99
CA VAL A 214 -4.01 -51.20 -27.31
C VAL A 214 -2.64 -51.06 -27.97
N GLU A 215 -2.14 -52.14 -28.56
CA GLU A 215 -0.81 -52.13 -29.15
C GLU A 215 -0.78 -51.47 -30.52
N THR A 216 -1.93 -51.21 -31.12
CA THR A 216 -1.98 -50.44 -32.35
C THR A 216 -1.56 -48.98 -32.13
N ASP A 217 -1.66 -48.49 -30.90
CA ASP A 217 -1.31 -47.11 -30.53
C ASP A 217 -0.23 -47.19 -29.46
N PRO A 218 1.04 -47.30 -29.85
CA PRO A 218 2.12 -47.43 -28.85
C PRO A 218 2.18 -46.28 -27.86
N ALA A 219 1.79 -45.07 -28.27
CA ALA A 219 1.75 -43.97 -27.32
C ALA A 219 0.72 -44.24 -26.22
N LEU A 220 -0.47 -44.73 -26.60
CA LEU A 220 -1.46 -45.14 -25.60
C LEU A 220 -0.99 -46.35 -24.80
N ALA A 221 -0.35 -47.31 -25.46
CA ALA A 221 0.11 -48.51 -24.77
C ALA A 221 1.18 -48.16 -23.74
N ALA A 222 2.03 -47.17 -24.04
CA ALA A 222 3.05 -46.77 -23.08
C ALA A 222 2.42 -46.19 -21.82
N GLN A 223 1.31 -45.46 -21.96
CA GLN A 223 0.62 -44.93 -20.79
C GLN A 223 -0.01 -46.03 -19.95
N VAL A 224 -0.47 -47.10 -20.58
CA VAL A 224 -1.11 -48.17 -19.81
C VAL A 224 -0.09 -48.89 -18.94
N VAL A 225 1.08 -49.20 -19.51
CA VAL A 225 2.12 -49.84 -18.70
C VAL A 225 2.60 -48.90 -17.61
N SER A 226 2.73 -47.61 -17.93
CA SER A 226 3.09 -46.63 -16.91
C SER A 226 2.00 -46.53 -15.84
N TRP A 227 0.74 -46.73 -16.24
CA TRP A 227 -0.35 -46.73 -15.26
C TRP A 227 -0.24 -47.92 -14.32
N ALA A 228 -0.03 -49.11 -14.88
CA ALA A 228 0.17 -50.29 -14.05
C ALA A 228 1.50 -50.23 -13.31
N ALA A 229 2.51 -49.56 -13.88
CA ALA A 229 3.80 -49.44 -13.22
C ALA A 229 3.78 -48.48 -12.05
N SER A 230 2.74 -47.66 -11.92
CA SER A 230 2.71 -46.63 -10.90
C SER A 230 2.68 -47.27 -9.51
N PRO A 231 3.39 -46.68 -8.53
CA PRO A 231 3.44 -47.26 -7.18
C PRO A 231 2.08 -47.39 -6.53
N TYR A 232 1.11 -46.57 -6.95
CA TYR A 232 -0.26 -46.66 -6.46
C TYR A 232 -0.77 -48.07 -6.70
N TYR A 233 -0.93 -48.48 -7.96
CA TYR A 233 -1.50 -49.80 -8.25
C TYR A 233 -0.54 -50.95 -7.98
N ALA A 234 0.76 -50.77 -8.23
CA ALA A 234 1.65 -51.93 -8.22
C ALA A 234 2.89 -51.69 -7.37
N ALA A 235 3.59 -52.78 -7.12
CA ALA A 235 4.81 -52.97 -6.36
C ALA A 235 6.02 -52.83 -7.29
N PRO A 236 7.23 -52.47 -6.74
CA PRO A 236 8.34 -51.93 -7.55
C PRO A 236 8.37 -52.18 -9.06
N GLY A 237 9.01 -53.26 -9.54
CA GLY A 237 9.29 -53.33 -10.95
C GLY A 237 8.95 -54.57 -11.74
N LYS A 238 7.66 -54.81 -11.98
CA LYS A 238 7.20 -55.82 -12.93
C LYS A 238 6.47 -55.05 -14.04
N ILE A 239 7.05 -55.02 -15.22
CA ILE A 239 6.49 -54.21 -16.30
C ILE A 239 6.11 -55.12 -17.48
N ARG A 240 7.11 -55.80 -18.05
CA ARG A 240 6.98 -56.79 -19.13
C ARG A 240 6.07 -56.22 -20.22
N SER A 241 5.08 -56.95 -20.70
CA SER A 241 4.20 -56.52 -21.78
C SER A 241 2.96 -55.83 -21.25
N VAL A 242 2.21 -55.21 -22.16
CA VAL A 242 0.87 -54.72 -21.85
C VAL A 242 0.00 -55.86 -21.35
N GLU A 243 0.18 -57.05 -21.93
CA GLU A 243 -0.58 -58.22 -21.49
C GLU A 243 -0.26 -58.55 -20.04
N ASP A 244 0.99 -58.36 -19.62
CA ASP A 244 1.34 -58.61 -18.23
C ASP A 244 0.67 -57.60 -17.31
N ALA A 245 0.65 -56.33 -17.73
CA ALA A 245 0.00 -55.30 -16.93
C ALA A 245 -1.52 -55.51 -16.83
N ILE A 246 -2.15 -55.97 -17.91
CA ILE A 246 -3.60 -56.20 -17.88
C ILE A 246 -3.95 -57.38 -16.97
N VAL A 247 -3.16 -58.47 -17.04
CA VAL A 247 -3.56 -59.70 -16.35
C VAL A 247 -3.13 -59.68 -14.88
N ARG A 248 -1.96 -59.10 -14.58
CA ARG A 248 -1.37 -59.11 -13.26
C ARG A 248 -1.78 -57.94 -12.37
N VAL A 249 -1.97 -56.74 -12.94
CA VAL A 249 -2.14 -55.51 -12.16
C VAL A 249 -3.55 -54.93 -12.31
N LEU A 250 -3.92 -54.52 -13.53
CA LEU A 250 -5.10 -53.67 -13.73
C LEU A 250 -6.40 -54.44 -13.91
N GLY A 251 -6.35 -55.61 -14.52
CA GLY A 251 -7.56 -56.34 -14.82
C GLY A 251 -8.16 -55.93 -16.15
N PHE A 252 -9.06 -56.77 -16.66
CA PHE A 252 -9.67 -56.49 -17.95
C PHE A 252 -10.67 -55.34 -17.88
N ASP A 253 -11.52 -55.34 -16.84
CA ASP A 253 -12.59 -54.36 -16.78
C ASP A 253 -12.02 -52.94 -16.65
N LEU A 254 -10.98 -52.78 -15.85
CA LEU A 254 -10.40 -51.44 -15.68
C LEU A 254 -9.69 -50.98 -16.96
N VAL A 255 -8.88 -51.86 -17.56
CA VAL A 255 -8.00 -51.43 -18.64
C VAL A 255 -8.79 -51.12 -19.90
N ILE A 256 -9.91 -51.82 -20.14
CA ILE A 256 -10.72 -51.48 -21.32
C ILE A 256 -11.30 -50.08 -21.17
N ASN A 257 -11.70 -49.71 -19.95
CA ASN A 257 -12.23 -48.38 -19.70
C ASN A 257 -11.12 -47.35 -19.50
N LEU A 258 -10.01 -47.74 -18.85
CA LEU A 258 -8.91 -46.80 -18.70
C LEU A 258 -8.34 -46.40 -20.05
N ALA A 259 -8.22 -47.35 -20.98
CA ALA A 259 -7.77 -47.01 -22.32
C ALA A 259 -8.77 -46.11 -23.03
N LEU A 260 -10.07 -46.31 -22.77
CA LEU A 260 -11.07 -45.45 -23.41
C LEU A 260 -10.93 -44.02 -22.93
N GLY A 261 -10.69 -43.82 -21.64
CA GLY A 261 -10.51 -42.46 -21.14
C GLY A 261 -9.25 -41.80 -21.65
N LEU A 262 -8.14 -42.56 -21.66
CA LEU A 262 -6.89 -41.97 -22.15
C LEU A 262 -6.95 -41.64 -23.64
N ALA A 263 -7.70 -42.42 -24.41
CA ALA A 263 -7.84 -42.15 -25.84
C ALA A 263 -8.65 -40.89 -26.11
N LEU A 264 -9.72 -40.66 -25.34
CA LEU A 264 -10.49 -39.43 -25.49
C LEU A 264 -9.70 -38.20 -25.03
N GLY A 265 -8.75 -38.39 -24.13
CA GLY A 265 -8.00 -37.25 -23.59
C GLY A 265 -7.19 -36.52 -24.64
N LYS A 266 -6.71 -37.22 -25.66
CA LYS A 266 -5.98 -36.57 -26.74
C LYS A 266 -6.89 -35.94 -27.80
N SER A 267 -8.21 -36.17 -27.74
CA SER A 267 -9.11 -35.61 -28.75
C SER A 267 -9.23 -34.09 -28.65
N LEU A 268 -8.97 -33.50 -27.48
CA LEU A 268 -9.04 -32.06 -27.31
C LEU A 268 -7.83 -31.57 -26.54
N SER A 269 -7.23 -30.48 -27.03
CA SER A 269 -6.08 -29.90 -26.37
C SER A 269 -6.50 -29.20 -25.07
N LEU A 270 -5.56 -29.13 -24.13
CA LEU A 270 -5.80 -28.40 -22.89
C LEU A 270 -5.94 -26.91 -23.17
N PRO A 271 -6.79 -26.21 -22.41
CA PRO A 271 -6.98 -24.78 -22.65
C PRO A 271 -5.71 -23.97 -22.43
N LYS A 272 -5.56 -22.93 -23.25
CA LYS A 272 -4.42 -22.03 -23.14
C LYS A 272 -4.47 -21.20 -21.86
N ASP A 273 -5.68 -20.99 -21.31
CA ASP A 273 -5.87 -20.23 -20.10
C ASP A 273 -6.48 -21.14 -19.02
N GLN A 274 -6.29 -20.74 -17.76
CA GLN A 274 -6.84 -21.45 -16.62
C GLN A 274 -7.04 -20.45 -15.49
N PRO A 275 -7.98 -20.70 -14.57
CA PRO A 275 -8.07 -19.86 -13.37
C PRO A 275 -6.78 -19.95 -12.58
N GLN A 276 -6.36 -18.83 -12.01
CA GLN A 276 -5.07 -18.80 -11.32
C GLN A 276 -5.07 -19.71 -10.11
N GLN A 277 -3.95 -20.41 -9.91
CA GLN A 277 -3.78 -21.37 -8.83
C GLN A 277 -4.92 -22.38 -8.78
N ALA A 278 -5.36 -22.84 -9.95
CA ALA A 278 -6.33 -23.92 -10.05
C ALA A 278 -5.64 -25.27 -9.98
N THR A 279 -6.40 -26.28 -9.54
CA THR A 279 -5.89 -27.65 -9.57
C THR A 279 -5.69 -28.09 -11.02
N PRO A 280 -4.52 -28.65 -11.38
CA PRO A 280 -4.30 -29.07 -12.77
C PRO A 280 -5.30 -30.13 -13.19
N TYR A 281 -5.68 -30.07 -14.48
CA TYR A 281 -6.82 -30.84 -15.00
C TYR A 281 -6.70 -32.32 -14.70
N TRP A 282 -5.55 -32.92 -15.03
CA TRP A 282 -5.42 -34.36 -14.87
C TRP A 282 -5.31 -34.76 -13.40
N GLN A 283 -4.80 -33.89 -12.53
CA GLN A 283 -4.88 -34.21 -11.10
C GLN A 283 -6.33 -34.27 -10.67
N GLN A 284 -7.14 -33.30 -11.09
CA GLN A 284 -8.55 -33.36 -10.75
C GLN A 284 -9.21 -34.59 -11.37
N ALA A 285 -8.75 -35.00 -12.55
CA ALA A 285 -9.31 -36.20 -13.17
C ALA A 285 -8.86 -37.46 -12.43
N ILE A 286 -7.56 -37.57 -12.15
CA ILE A 286 -7.04 -38.78 -11.53
C ILE A 286 -7.54 -38.91 -10.08
N TYR A 287 -7.44 -37.84 -9.30
CA TYR A 287 -7.92 -37.89 -7.92
C TYR A 287 -9.39 -38.33 -7.87
N THR A 288 -10.22 -37.74 -8.73
CA THR A 288 -11.64 -38.10 -8.73
C THR A 288 -11.83 -39.57 -9.11
N ALA A 289 -10.99 -40.07 -10.02
CA ALA A 289 -11.12 -41.46 -10.43
C ALA A 289 -10.71 -42.41 -9.31
N ALA A 290 -9.57 -42.14 -8.67
CA ALA A 290 -9.08 -43.04 -7.63
C ALA A 290 -10.04 -43.10 -6.44
N VAL A 291 -10.69 -41.99 -6.10
CA VAL A 291 -11.63 -42.01 -4.98
C VAL A 291 -12.89 -42.81 -5.32
N ILE A 292 -13.34 -42.75 -6.58
CA ILE A 292 -14.50 -43.56 -6.96
C ILE A 292 -14.15 -45.03 -6.83
N GLU A 293 -12.89 -45.37 -7.10
CA GLU A 293 -12.47 -46.76 -7.04
C GLU A 293 -12.57 -47.26 -5.60
N GLY A 294 -12.06 -46.47 -4.65
CA GLY A 294 -12.15 -46.87 -3.26
C GLY A 294 -13.56 -46.83 -2.70
N LEU A 295 -14.36 -45.84 -3.13
CA LEU A 295 -15.75 -45.76 -2.70
C LEU A 295 -16.58 -46.91 -3.27
N THR A 296 -16.29 -47.31 -4.50
CA THR A 296 -16.99 -48.45 -5.09
C THR A 296 -16.64 -49.73 -4.33
N ARG A 297 -15.38 -49.85 -3.89
CA ARG A 297 -14.96 -51.02 -3.15
C ARG A 297 -15.65 -51.12 -1.80
N ALA A 298 -16.00 -49.98 -1.19
CA ALA A 298 -16.68 -49.95 0.10
C ALA A 298 -18.20 -50.08 -0.02
N MET A 299 -18.73 -50.10 -1.21
CA MET A 299 -20.17 -50.20 -1.42
C MET A 299 -20.64 -51.64 -1.20
N PRO A 300 -21.87 -51.80 -0.73
CA PRO A 300 -22.43 -53.15 -0.58
C PRO A 300 -22.55 -53.88 -1.91
N ARG A 301 -22.38 -55.19 -1.86
CA ARG A 301 -22.41 -56.00 -3.08
C ARG A 301 -23.73 -55.85 -3.82
N GLU A 302 -24.84 -55.62 -3.10
CA GLU A 302 -26.12 -55.42 -3.77
C GLU A 302 -26.11 -54.19 -4.66
N LEU A 303 -25.30 -53.18 -4.33
CA LEU A 303 -25.31 -51.90 -5.04
C LEU A 303 -24.05 -51.55 -5.80
N ARG A 304 -23.01 -52.38 -5.77
CA ARG A 304 -21.79 -52.03 -6.50
C ARG A 304 -22.08 -52.00 -7.99
N PRO A 305 -21.74 -50.92 -8.69
CA PRO A 305 -21.91 -50.89 -10.13
C PRO A 305 -20.69 -51.53 -10.78
N GLU A 306 -20.63 -51.47 -12.10
CA GLU A 306 -19.43 -51.94 -12.78
C GLU A 306 -18.26 -51.10 -12.31
N SER A 307 -17.25 -51.76 -11.76
CA SER A 307 -16.12 -51.05 -11.16
C SER A 307 -15.33 -50.29 -12.24
N GLY A 308 -15.18 -50.86 -13.44
CA GLY A 308 -14.42 -50.19 -14.46
C GLY A 308 -15.14 -48.98 -15.05
N LEU A 309 -16.44 -49.11 -15.29
CA LEU A 309 -17.20 -48.00 -15.86
C LEU A 309 -17.28 -46.82 -14.88
N SER A 310 -17.33 -47.11 -13.58
CA SER A 310 -17.32 -46.02 -12.60
C SER A 310 -16.02 -45.25 -12.69
N TYR A 311 -14.91 -45.96 -12.93
CA TYR A 311 -13.61 -45.31 -13.06
C TYR A 311 -13.56 -44.41 -14.28
N LEU A 312 -14.26 -44.79 -15.35
CA LEU A 312 -14.30 -43.95 -16.52
C LEU A 312 -15.02 -42.64 -16.23
N GLY A 313 -16.01 -42.68 -15.34
CA GLY A 313 -16.73 -41.46 -15.01
C GLY A 313 -15.85 -40.44 -14.30
N GLY A 314 -14.97 -40.91 -13.41
CA GLY A 314 -14.05 -39.99 -12.75
C GLY A 314 -13.03 -39.39 -13.69
N LEU A 315 -12.60 -40.17 -14.68
CA LEU A 315 -11.65 -39.64 -15.65
C LEU A 315 -12.26 -38.56 -16.53
N LEU A 316 -13.56 -38.66 -16.78
CA LEU A 316 -14.23 -37.80 -17.76
C LEU A 316 -15.28 -36.86 -17.16
N HIS A 317 -15.38 -36.77 -15.83
CA HIS A 317 -16.41 -35.92 -15.25
C HIS A 317 -16.22 -34.45 -15.61
N ASN A 318 -14.97 -34.03 -15.80
CA ASN A 318 -14.65 -32.64 -16.10
C ASN A 318 -14.47 -32.39 -17.58
N PHE A 319 -14.91 -33.34 -18.42
CA PHE A 319 -14.60 -33.24 -19.85
C PHE A 319 -15.27 -32.04 -20.50
N GLY A 320 -16.44 -31.61 -20.01
CA GLY A 320 -17.09 -30.45 -20.59
C GLY A 320 -16.25 -29.20 -20.46
N TYR A 321 -15.39 -29.14 -19.44
CA TYR A 321 -14.43 -28.05 -19.33
C TYR A 321 -13.55 -27.95 -20.56
N LEU A 322 -13.07 -29.09 -21.07
CA LEU A 322 -12.31 -29.08 -22.31
C LEU A 322 -13.17 -28.66 -23.50
N VAL A 323 -14.45 -29.02 -23.50
CA VAL A 323 -15.32 -28.64 -24.61
C VAL A 323 -15.56 -27.13 -24.62
N LEU A 324 -15.83 -26.53 -23.45
CA LEU A 324 -16.10 -25.10 -23.38
C LEU A 324 -14.90 -24.25 -23.80
N ALA A 325 -13.70 -24.71 -23.47
CA ALA A 325 -12.51 -23.98 -23.90
C ALA A 325 -12.37 -24.00 -25.41
N HIS A 326 -12.89 -25.06 -26.05
CA HIS A 326 -12.79 -25.18 -27.50
C HIS A 326 -13.87 -24.38 -28.23
N VAL A 327 -15.13 -24.47 -27.77
CA VAL A 327 -16.24 -23.86 -28.49
C VAL A 327 -16.31 -22.35 -28.25
N PHE A 328 -16.01 -21.89 -27.03
CA PHE A 328 -16.11 -20.46 -26.69
C PHE A 328 -14.81 -19.96 -26.06
N PRO A 329 -13.72 -19.88 -26.82
CA PRO A 329 -12.43 -19.47 -26.22
C PRO A 329 -12.47 -18.10 -25.56
N PRO A 330 -13.14 -17.07 -26.13
CA PRO A 330 -13.14 -15.77 -25.43
C PRO A 330 -13.91 -15.79 -24.12
N HIS A 331 -15.05 -16.48 -24.10
CA HIS A 331 -15.82 -16.62 -22.87
C HIS A 331 -15.11 -17.50 -21.86
N PHE A 332 -14.30 -18.46 -22.32
CA PHE A 332 -13.64 -19.34 -21.38
C PHE A 332 -12.68 -18.57 -20.47
N SER A 333 -11.92 -17.63 -21.04
CA SER A 333 -11.08 -16.77 -20.22
C SER A 333 -11.89 -15.85 -19.34
N LEU A 334 -13.08 -15.46 -19.82
CA LEU A 334 -14.01 -14.70 -19.00
C LEU A 334 -14.54 -15.54 -17.83
N ILE A 335 -14.79 -16.84 -18.08
CA ILE A 335 -15.15 -17.76 -17.00
C ILE A 335 -14.04 -17.85 -15.97
N CYS A 336 -12.79 -17.90 -16.43
CA CYS A 336 -11.65 -17.97 -15.51
C CYS A 336 -11.55 -16.70 -14.68
N ARG A 337 -11.77 -15.54 -15.30
CA ARG A 337 -11.65 -14.29 -14.56
C ARG A 337 -12.71 -14.19 -13.48
N HIS A 338 -13.89 -14.77 -13.74
CA HIS A 338 -14.96 -14.75 -12.75
C HIS A 338 -14.80 -15.82 -11.67
N LEU A 339 -14.21 -16.97 -11.99
CA LEU A 339 -13.92 -17.94 -10.94
C LEU A 339 -12.90 -17.38 -9.95
N GLU A 340 -11.97 -16.54 -10.42
CA GLU A 340 -10.98 -15.96 -9.53
C GLU A 340 -11.59 -14.95 -8.56
N VAL A 341 -12.73 -14.35 -8.90
CA VAL A 341 -13.36 -13.35 -8.05
C VAL A 341 -14.59 -13.88 -7.34
N ASN A 342 -14.90 -15.17 -7.49
CA ASN A 342 -16.00 -15.81 -6.76
C ASN A 342 -15.47 -17.09 -6.12
N PRO A 343 -14.56 -16.97 -5.13
CA PRO A 343 -14.02 -18.16 -4.47
C PRO A 343 -15.08 -18.99 -3.77
N HIS A 344 -16.18 -18.38 -3.39
CA HIS A 344 -17.25 -19.05 -2.66
C HIS A 344 -18.16 -19.86 -3.58
N LEU A 345 -17.94 -19.83 -4.89
CA LEU A 345 -18.87 -20.45 -5.84
C LEU A 345 -18.20 -21.55 -6.66
N GLY A 346 -18.98 -22.60 -6.93
CA GLY A 346 -18.57 -23.60 -7.88
C GLY A 346 -18.73 -23.10 -9.30
N HIS A 347 -18.06 -23.78 -10.23
CA HIS A 347 -18.06 -23.29 -11.60
C HIS A 347 -19.47 -23.24 -12.19
N ALA A 348 -20.36 -24.12 -11.72
CA ALA A 348 -21.64 -24.32 -12.40
C ALA A 348 -22.48 -23.05 -12.45
N TYR A 349 -22.49 -22.26 -11.37
CA TYR A 349 -23.30 -21.04 -11.37
C TYR A 349 -22.76 -20.03 -12.36
N ILE A 350 -21.43 -19.93 -12.48
CA ILE A 350 -20.84 -18.93 -13.36
C ILE A 350 -21.15 -19.24 -14.83
N GLU A 351 -21.04 -20.51 -15.23
CA GLU A 351 -21.26 -20.86 -16.63
C GLU A 351 -22.70 -20.60 -17.06
N GLN A 352 -23.67 -20.87 -16.17
CA GLN A 352 -25.05 -20.60 -16.54
C GLN A 352 -25.28 -19.10 -16.69
N HIS A 353 -24.64 -18.29 -15.84
CA HIS A 353 -24.85 -16.84 -15.90
C HIS A 353 -24.23 -16.24 -17.15
N LEU A 354 -23.04 -16.70 -17.55
CA LEU A 354 -22.32 -16.11 -18.69
C LEU A 354 -22.72 -16.71 -20.04
N LEU A 355 -22.98 -18.03 -20.12
CA LEU A 355 -23.25 -18.70 -21.39
C LEU A 355 -24.64 -19.31 -21.52
N GLY A 356 -25.36 -19.52 -20.41
CA GLY A 356 -26.66 -20.15 -20.46
C GLY A 356 -26.63 -21.67 -20.39
N ILE A 357 -25.44 -22.27 -20.28
CA ILE A 357 -25.28 -23.71 -20.19
C ILE A 357 -24.19 -24.02 -19.17
N THR A 358 -24.19 -25.25 -18.66
CA THR A 358 -23.17 -25.72 -17.73
C THR A 358 -22.24 -26.67 -18.48
N ARG A 359 -20.99 -26.79 -17.99
CA ARG A 359 -20.05 -27.72 -18.62
C ARG A 359 -20.54 -29.16 -18.52
N GLU A 360 -21.31 -29.48 -17.48
CA GLU A 360 -21.90 -30.80 -17.39
C GLU A 360 -22.89 -31.02 -18.52
N GLN A 361 -23.64 -29.98 -18.89
CA GLN A 361 -24.63 -30.12 -19.96
C GLN A 361 -23.96 -30.44 -21.29
N ILE A 362 -22.87 -29.74 -21.61
CA ILE A 362 -22.25 -29.87 -22.92
C ILE A 362 -21.37 -31.11 -22.98
N GLY A 363 -20.75 -31.49 -21.86
CA GLY A 363 -19.93 -32.69 -21.89
C GLY A 363 -20.74 -33.95 -22.04
N ALA A 364 -21.90 -34.01 -21.39
CA ALA A 364 -22.78 -35.16 -21.57
C ALA A 364 -23.35 -35.22 -22.98
N TRP A 365 -23.67 -34.05 -23.56
CA TRP A 365 -24.18 -34.04 -24.92
C TRP A 365 -23.14 -34.53 -25.92
N LEU A 366 -21.87 -34.17 -25.70
CA LEU A 366 -20.82 -34.66 -26.57
C LEU A 366 -20.61 -36.15 -26.41
N MET A 367 -20.83 -36.69 -25.21
CA MET A 367 -20.63 -38.13 -25.02
C MET A 367 -21.58 -38.92 -25.88
N ARG A 368 -22.83 -38.46 -26.02
CA ARG A 368 -23.79 -39.31 -26.72
C ARG A 368 -23.72 -39.18 -28.24
N VAL A 369 -23.26 -38.05 -28.78
CA VAL A 369 -23.06 -38.00 -30.22
C VAL A 369 -21.89 -38.91 -30.61
N TRP A 370 -20.97 -39.17 -29.68
CA TRP A 370 -19.86 -40.10 -29.88
C TRP A 370 -20.25 -41.54 -29.58
N ASP A 371 -21.51 -41.78 -29.25
CA ASP A 371 -22.03 -43.10 -28.93
C ASP A 371 -21.26 -43.75 -27.77
N MET A 372 -20.87 -42.93 -26.79
CA MET A 372 -20.35 -43.44 -25.54
C MET A 372 -21.49 -44.10 -24.77
N PRO A 373 -21.16 -45.03 -23.86
CA PRO A 373 -22.22 -45.77 -23.16
C PRO A 373 -23.12 -44.83 -22.39
N ASP A 374 -24.43 -45.12 -22.40
CA ASP A 374 -25.37 -44.22 -21.76
C ASP A 374 -25.11 -44.08 -20.27
N ASP A 375 -24.46 -45.06 -19.65
CA ASP A 375 -24.04 -44.89 -18.26
C ASP A 375 -23.15 -43.67 -18.12
N LEU A 376 -22.21 -43.49 -19.07
CA LEU A 376 -21.32 -42.34 -18.98
C LEU A 376 -22.04 -41.04 -19.26
N TYR A 377 -23.06 -41.06 -20.12
CA TYR A 377 -23.84 -39.85 -20.35
C TYR A 377 -24.53 -39.42 -19.07
N CYS A 378 -25.21 -40.35 -18.41
CA CYS A 378 -25.89 -40.00 -17.15
C CYS A 378 -24.91 -39.55 -16.09
N ALA A 379 -23.71 -40.14 -16.06
CA ALA A 379 -22.74 -39.75 -15.03
C ALA A 379 -22.30 -38.30 -15.19
N LEU A 380 -22.04 -37.87 -16.42
CA LEU A 380 -21.58 -36.50 -16.61
C LEU A 380 -22.72 -35.51 -16.42
N ARG A 381 -23.91 -35.84 -16.93
CA ARG A 381 -25.01 -34.88 -16.95
C ARG A 381 -25.49 -34.50 -15.56
N PHE A 382 -25.39 -35.41 -14.60
CA PHE A 382 -26.04 -35.22 -13.30
C PHE A 382 -25.04 -35.25 -12.13
N GLN A 383 -23.76 -34.99 -12.38
CA GLN A 383 -22.77 -35.06 -11.32
C GLN A 383 -22.94 -33.95 -10.28
N GLN A 384 -23.66 -32.87 -10.62
CA GLN A 384 -23.85 -31.77 -9.68
C GLN A 384 -25.13 -31.89 -8.87
N ASP A 385 -25.95 -32.90 -9.11
CA ASP A 385 -27.26 -33.02 -8.46
C ASP A 385 -27.31 -34.27 -7.58
N PRO A 386 -27.13 -34.13 -6.26
CA PRO A 386 -27.20 -35.28 -5.36
C PRO A 386 -28.59 -35.90 -5.25
N SER A 387 -29.64 -35.19 -5.68
CA SER A 387 -31.00 -35.70 -5.62
C SER A 387 -31.39 -36.52 -6.84
N TYR A 388 -30.48 -36.68 -7.82
CA TYR A 388 -30.82 -37.47 -9.00
C TYR A 388 -31.07 -38.92 -8.62
N THR A 389 -32.18 -39.47 -9.09
CA THR A 389 -32.54 -40.86 -8.87
C THR A 389 -33.02 -41.55 -10.14
N GLY A 390 -32.74 -40.95 -11.30
CA GLY A 390 -33.16 -41.51 -12.56
C GLY A 390 -32.26 -42.66 -12.99
N PRO A 391 -32.29 -43.01 -14.27
CA PRO A 391 -31.49 -44.15 -14.74
C PRO A 391 -29.99 -43.94 -14.52
N ASN A 392 -29.31 -45.03 -14.13
CA ASN A 392 -27.87 -45.03 -13.93
C ASN A 392 -27.44 -43.98 -12.89
N ALA A 393 -28.30 -43.69 -11.93
CA ALA A 393 -27.99 -42.64 -10.96
C ALA A 393 -26.74 -42.95 -10.17
N VAL A 394 -26.47 -44.24 -9.90
CA VAL A 394 -25.36 -44.63 -9.03
C VAL A 394 -24.02 -44.15 -9.59
N TYR A 395 -23.91 -44.05 -10.92
CA TYR A 395 -22.69 -43.51 -11.49
C TYR A 395 -22.58 -42.02 -11.23
N ALA A 396 -23.67 -41.27 -11.46
CA ALA A 396 -23.64 -39.83 -11.21
C ALA A 396 -23.54 -39.50 -9.72
N ASN A 397 -24.25 -40.24 -8.88
CA ASN A 397 -24.18 -40.00 -7.44
C ASN A 397 -22.76 -40.22 -6.91
N LEU A 398 -22.03 -41.14 -7.53
CA LEU A 398 -20.66 -41.39 -7.08
C LEU A 398 -19.77 -40.19 -7.36
N ILE A 399 -19.94 -39.55 -8.51
CA ILE A 399 -19.12 -38.38 -8.84
C ILE A 399 -19.45 -37.22 -7.91
N CYS A 400 -20.72 -37.10 -7.53
CA CYS A 400 -21.11 -35.99 -6.67
C CYS A 400 -20.47 -36.12 -5.28
N LEU A 401 -20.58 -37.30 -4.67
CA LEU A 401 -19.98 -37.53 -3.36
C LEU A 401 -18.46 -37.42 -3.39
N THR A 402 -17.82 -37.86 -4.47
CA THR A 402 -16.36 -37.84 -4.52
C THR A 402 -15.81 -36.43 -4.63
N ASN A 403 -16.36 -35.63 -5.56
CA ASN A 403 -15.88 -34.26 -5.73
C ASN A 403 -16.19 -33.41 -4.50
N ARG A 404 -17.34 -33.64 -3.88
CA ARG A 404 -17.71 -32.87 -2.70
C ARG A 404 -16.76 -33.19 -1.55
N LEU A 405 -16.43 -34.48 -1.37
CA LEU A 405 -15.46 -34.89 -0.35
C LEU A 405 -14.06 -34.40 -0.66
N LEU A 406 -13.72 -34.32 -1.95
CA LEU A 406 -12.42 -33.79 -2.34
C LEU A 406 -12.32 -32.31 -1.98
N ARG A 407 -13.44 -31.59 -2.08
CA ARG A 407 -13.43 -30.15 -1.79
C ARG A 407 -13.14 -29.89 -0.32
N ASN A 408 -13.76 -30.67 0.58
CA ASN A 408 -13.52 -30.47 2.02
C ASN A 408 -12.04 -30.67 2.34
N SER A 409 -11.42 -31.64 1.67
CA SER A 409 -9.97 -31.81 1.78
C SER A 409 -9.19 -30.66 1.15
N GLY A 410 -9.72 -30.07 0.08
CA GLY A 410 -9.08 -28.93 -0.54
C GLY A 410 -9.06 -28.94 -2.05
N ILE A 411 -8.85 -30.12 -2.64
CA ILE A 411 -8.81 -30.24 -4.09
C ILE A 411 -10.18 -29.94 -4.69
N GLY A 412 -10.19 -29.23 -5.80
CA GLY A 412 -11.42 -28.83 -6.47
C GLY A 412 -11.60 -27.33 -6.45
N ASP A 413 -12.79 -26.92 -6.87
CA ASP A 413 -13.14 -25.51 -7.02
C ASP A 413 -14.28 -25.16 -6.07
N GLY A 414 -14.36 -23.88 -5.72
CA GLY A 414 -15.43 -23.42 -4.86
C GLY A 414 -15.14 -23.65 -3.40
N THR A 415 -16.14 -23.32 -2.58
CA THR A 415 -16.09 -23.49 -1.14
C THR A 415 -16.62 -24.88 -0.75
N GLN A 416 -16.47 -25.21 0.54
CA GLN A 416 -16.95 -26.46 1.08
C GLN A 416 -18.46 -26.54 0.92
N GLN A 417 -18.96 -27.74 0.60
CA GLN A 417 -20.36 -27.93 0.25
C GLN A 417 -21.01 -29.01 1.10
N ALA A 418 -22.33 -28.87 1.28
CA ALA A 418 -23.10 -29.82 2.08
C ALA A 418 -23.30 -31.14 1.35
N ILE A 419 -23.27 -32.24 2.09
CA ILE A 419 -23.52 -33.57 1.53
C ILE A 419 -24.81 -34.09 2.16
N PRO A 420 -25.90 -34.19 1.38
CA PRO A 420 -27.17 -34.63 1.96
C PRO A 420 -27.10 -36.04 2.49
N ALA A 421 -27.87 -36.26 3.56
CA ALA A 421 -27.90 -37.59 4.17
C ALA A 421 -28.45 -38.62 3.19
N ALA A 422 -29.36 -38.19 2.29
CA ALA A 422 -29.97 -39.14 1.36
C ALA A 422 -28.96 -39.76 0.42
N LEU A 423 -27.89 -39.01 0.09
CA LEU A 423 -26.88 -39.53 -0.82
C LEU A 423 -26.06 -40.65 -0.18
N TYR A 424 -25.64 -40.44 1.07
CA TYR A 424 -24.91 -41.50 1.77
C TYR A 424 -25.76 -42.76 1.92
N GLU A 425 -27.07 -42.59 2.12
CA GLU A 425 -27.93 -43.75 2.30
C GLU A 425 -28.16 -44.49 0.99
N ARG A 426 -28.33 -43.74 -0.11
CA ARG A 426 -28.62 -44.37 -1.40
C ARG A 426 -27.46 -45.25 -1.87
N LEU A 427 -26.23 -44.87 -1.52
CA LEU A 427 -25.06 -45.67 -1.84
C LEU A 427 -24.73 -46.70 -0.77
N GLY A 428 -25.39 -46.69 0.38
CA GLY A 428 -25.03 -47.68 1.37
C GLY A 428 -23.68 -47.48 2.01
N ILE A 429 -23.18 -46.25 2.03
CA ILE A 429 -21.91 -45.92 2.66
C ILE A 429 -22.14 -44.96 3.82
N THR A 430 -21.56 -45.28 4.99
CA THR A 430 -21.58 -44.34 6.10
C THR A 430 -20.55 -43.23 5.86
N PRO A 431 -20.81 -42.03 6.36
CA PRO A 431 -19.85 -40.93 6.17
C PRO A 431 -18.46 -41.24 6.73
N GLU A 432 -18.36 -41.99 7.82
CA GLU A 432 -17.05 -42.40 8.33
C GLU A 432 -16.36 -43.38 7.39
N LYS A 433 -17.10 -44.37 6.87
CA LYS A 433 -16.51 -45.30 5.90
C LYS A 433 -16.10 -44.59 4.62
N ALA A 434 -16.93 -43.65 4.16
CA ALA A 434 -16.59 -42.89 2.96
C ALA A 434 -15.38 -42.01 3.20
N GLY A 435 -15.34 -41.32 4.34
CA GLY A 435 -14.18 -40.53 4.67
C GLY A 435 -12.95 -41.40 4.89
N ASP A 436 -13.16 -42.61 5.42
CA ASP A 436 -12.03 -43.51 5.62
C ASP A 436 -11.37 -43.87 4.31
N ALA A 437 -12.16 -44.11 3.27
CA ALA A 437 -11.57 -44.44 1.98
C ALA A 437 -10.82 -43.26 1.42
N VAL A 438 -11.42 -42.06 1.49
CA VAL A 438 -10.80 -40.87 0.94
C VAL A 438 -9.54 -40.50 1.71
N LYS A 439 -9.53 -40.69 3.03
CA LYS A 439 -8.31 -40.36 3.76
C LYS A 439 -7.19 -41.31 3.40
N LYS A 440 -7.52 -42.59 3.23
CA LYS A 440 -6.51 -43.58 2.85
C LYS A 440 -5.99 -43.38 1.44
N VAL A 441 -6.78 -42.75 0.57
CA VAL A 441 -6.31 -42.47 -0.78
C VAL A 441 -5.37 -41.28 -0.78
N LEU A 442 -5.68 -40.25 0.00
CA LEU A 442 -4.86 -39.05 0.02
C LEU A 442 -3.48 -39.30 0.61
N GLU A 443 -3.32 -40.33 1.45
CA GLU A 443 -1.99 -40.70 1.92
C GLU A 443 -1.10 -41.14 0.77
N ALA A 444 -1.69 -41.77 -0.24
CA ALA A 444 -0.97 -42.20 -1.43
C ALA A 444 -1.02 -41.16 -2.55
N GLU A 445 -1.42 -39.93 -2.24
CA GLU A 445 -1.63 -38.94 -3.30
C GLU A 445 -0.34 -38.64 -4.03
N ALA A 446 0.81 -38.83 -3.37
CA ALA A 446 2.08 -38.52 -4.00
C ALA A 446 2.27 -39.34 -5.28
N ALA A 447 1.88 -40.62 -5.24
CA ALA A 447 1.94 -41.45 -6.45
C ALA A 447 0.97 -40.98 -7.52
N LEU A 448 -0.19 -40.45 -7.11
CA LEU A 448 -1.15 -39.94 -8.09
C LEU A 448 -0.63 -38.71 -8.84
N ARG A 449 0.16 -37.86 -8.16
CA ARG A 449 0.63 -36.65 -8.82
C ARG A 449 1.62 -36.97 -9.94
N GLU A 450 2.51 -37.95 -9.72
CA GLU A 450 3.45 -38.31 -10.77
C GLU A 450 2.75 -38.93 -11.97
N LEU A 451 1.63 -39.63 -11.74
CA LEU A 451 0.88 -40.19 -12.85
C LEU A 451 0.21 -39.11 -13.68
N ALA A 452 -0.07 -37.95 -13.08
CA ALA A 452 -0.60 -36.80 -13.80
C ALA A 452 0.47 -35.81 -14.20
N ALA A 453 1.75 -36.17 -14.06
CA ALA A 453 2.82 -35.31 -14.54
C ALA A 453 3.42 -35.79 -15.86
N GLN A 454 3.18 -37.05 -16.23
CA GLN A 454 3.44 -37.51 -17.58
C GLN A 454 2.54 -36.81 -18.57
N PHE A 455 1.42 -36.27 -18.09
CA PHE A 455 0.32 -35.83 -18.92
C PHE A 455 0.36 -34.33 -19.16
N ASN A 456 1.51 -33.69 -18.94
CA ASN A 456 1.76 -32.30 -19.27
C ASN A 456 2.16 -32.08 -20.73
N ARG A 457 2.32 -33.15 -21.52
CA ARG A 457 2.55 -33.02 -22.95
C ARG A 457 1.55 -33.83 -23.77
N ASP B 1 -42.45 31.67 -26.82
CA ASP B 1 -42.51 32.83 -25.93
C ASP B 1 -41.84 32.55 -24.56
N ALA B 2 -42.61 32.04 -23.60
CA ALA B 2 -42.07 31.73 -22.28
C ALA B 2 -41.15 30.52 -22.36
N PRO B 3 -39.99 30.56 -21.73
CA PRO B 3 -39.11 29.38 -21.75
C PRO B 3 -39.75 28.18 -21.07
N HIS B 4 -39.44 26.99 -21.59
CA HIS B 4 -39.96 25.76 -21.00
C HIS B 4 -38.88 24.69 -21.04
N ALA B 5 -39.11 23.64 -20.25
CA ALA B 5 -38.18 22.55 -20.14
C ALA B 5 -38.08 21.78 -21.47
N PRO B 6 -36.91 21.23 -21.80
CA PRO B 6 -36.77 20.55 -23.10
C PRO B 6 -37.72 19.37 -23.22
N GLN B 7 -38.24 19.17 -24.44
CA GLN B 7 -39.17 18.07 -24.66
C GLN B 7 -38.51 16.71 -24.47
N VAL B 8 -37.22 16.60 -24.82
CA VAL B 8 -36.54 15.32 -24.67
C VAL B 8 -36.41 14.95 -23.19
N ILE B 9 -36.29 15.94 -22.31
CA ILE B 9 -36.19 15.65 -20.87
C ILE B 9 -37.56 15.31 -20.27
N LEU B 10 -38.56 16.14 -20.56
CA LEU B 10 -39.89 15.88 -20.02
C LEU B 10 -40.48 14.57 -20.56
N GLN B 11 -40.13 14.22 -21.80
CA GLN B 11 -40.55 12.95 -22.37
C GLN B 11 -39.82 11.77 -21.72
N LEU B 12 -38.53 11.93 -21.45
CA LEU B 12 -37.76 10.85 -20.82
C LEU B 12 -38.28 10.53 -19.44
N LEU B 13 -38.52 11.57 -18.63
CA LEU B 13 -39.00 11.32 -17.26
C LEU B 13 -40.39 10.69 -17.27
N ALA B 14 -41.23 11.03 -18.25
CA ALA B 14 -42.51 10.35 -18.38
C ALA B 14 -42.33 8.87 -18.72
N LYS B 15 -41.33 8.55 -19.55
CA LYS B 15 -41.07 7.15 -19.86
C LYS B 15 -40.65 6.38 -18.60
N LEU B 16 -39.93 7.04 -17.70
CA LEU B 16 -39.43 6.45 -16.46
C LEU B 16 -40.40 6.61 -15.30
N GLY B 17 -41.54 7.23 -15.49
CA GLY B 17 -42.49 7.30 -14.39
C GLY B 17 -42.09 8.22 -13.26
N ILE B 18 -41.39 9.30 -13.54
CA ILE B 18 -40.98 10.26 -12.51
C ILE B 18 -41.80 11.54 -12.63
N ALA B 19 -42.43 11.95 -11.53
CA ALA B 19 -43.15 13.21 -11.49
C ALA B 19 -42.19 14.40 -11.52
N CYS B 20 -42.61 15.47 -12.21
CA CYS B 20 -41.75 16.64 -12.43
C CYS B 20 -42.61 17.84 -12.81
N ARG B 21 -42.39 18.96 -12.13
CA ARG B 21 -43.10 20.21 -12.45
C ARG B 21 -42.09 21.30 -12.77
N GLU B 22 -42.43 22.17 -13.72
CA GLU B 22 -41.54 23.26 -14.08
C GLU B 22 -41.49 24.28 -12.94
N VAL B 23 -40.31 24.85 -12.70
CA VAL B 23 -40.12 25.86 -11.67
C VAL B 23 -39.12 26.90 -12.18
N SER B 24 -39.50 28.17 -12.14
CA SER B 24 -38.57 29.21 -12.55
C SER B 24 -37.43 29.32 -11.54
N ASP B 25 -36.21 29.50 -12.06
CA ASP B 25 -35.03 29.62 -11.22
C ASP B 25 -35.12 30.87 -10.37
N SER B 26 -34.68 30.75 -9.12
CA SER B 26 -34.72 31.85 -8.17
C SER B 26 -33.63 31.66 -7.15
N ALA B 27 -33.00 32.75 -6.74
CA ALA B 27 -31.96 32.69 -5.72
C ALA B 27 -32.54 32.53 -4.32
N GLU B 28 -33.83 32.78 -4.14
CA GLU B 28 -34.45 32.62 -2.83
C GLU B 28 -34.60 31.15 -2.43
N LEU B 29 -34.57 30.23 -3.40
CA LEU B 29 -34.76 28.80 -3.11
C LEU B 29 -33.58 28.26 -2.30
N PRO B 30 -33.84 27.53 -1.21
CA PRO B 30 -32.73 27.05 -0.37
C PRO B 30 -31.84 26.08 -1.15
N ALA B 31 -30.53 26.14 -0.85
CA ALA B 31 -29.56 25.38 -1.64
C ALA B 31 -29.77 23.87 -1.49
N ALA B 32 -30.21 23.41 -0.32
CA ALA B 32 -30.23 21.99 -0.04
C ALA B 32 -31.19 21.21 -0.94
N ARG B 33 -32.17 21.87 -1.53
CA ARG B 33 -33.09 21.20 -2.47
C ARG B 33 -32.55 21.18 -3.89
N ARG B 34 -31.40 21.79 -4.14
CA ARG B 34 -30.86 21.96 -5.49
C ARG B 34 -29.73 20.96 -5.72
N VAL B 35 -29.96 20.00 -6.61
CA VAL B 35 -28.96 18.97 -6.88
C VAL B 35 -27.97 19.49 -7.91
N GLN B 36 -26.70 19.51 -7.56
CA GLN B 36 -25.66 19.92 -8.49
C GLN B 36 -25.08 18.70 -9.22
N ALA B 37 -24.88 18.83 -10.52
CA ALA B 37 -24.32 17.76 -11.33
C ALA B 37 -23.06 18.26 -12.02
N VAL B 38 -21.95 17.56 -11.85
CA VAL B 38 -20.71 17.89 -12.51
C VAL B 38 -20.17 16.64 -13.18
N LEU B 39 -19.47 16.83 -14.29
CA LEU B 39 -18.84 15.73 -15.00
C LEU B 39 -17.34 15.81 -14.76
N LEU B 40 -16.78 14.73 -14.24
CA LEU B 40 -15.36 14.67 -13.92
C LEU B 40 -14.71 13.57 -14.76
N ASP B 41 -13.42 13.70 -15.01
CA ASP B 41 -12.74 12.67 -15.79
C ASP B 41 -11.27 12.58 -15.39
N ASP B 42 -10.69 11.44 -15.73
CA ASP B 42 -9.28 11.15 -15.53
C ASP B 42 -8.89 10.13 -16.59
N ALA B 43 -7.80 9.41 -16.38
CA ALA B 43 -7.36 8.47 -17.40
C ALA B 43 -8.42 7.43 -17.71
N VAL B 44 -9.15 6.95 -16.68
CA VAL B 44 -10.08 5.84 -16.88
C VAL B 44 -11.30 6.28 -17.67
N GLY B 45 -11.80 7.49 -17.44
CA GLY B 45 -12.97 7.95 -18.16
C GLY B 45 -13.76 8.98 -17.37
N THR B 46 -15.00 9.17 -17.81
CA THR B 46 -15.90 10.15 -17.25
C THR B 46 -16.67 9.56 -16.07
N LEU B 47 -16.97 10.42 -15.09
CA LEU B 47 -17.79 10.08 -13.93
C LEU B 47 -18.74 11.23 -13.61
N LEU B 48 -20.02 10.90 -13.45
CA LEU B 48 -21.02 11.89 -13.08
C LEU B 48 -21.19 11.94 -11.57
N VAL B 49 -21.03 13.13 -11.00
CA VAL B 49 -21.10 13.35 -9.56
C VAL B 49 -22.31 14.23 -9.27
N LEU B 50 -23.15 13.78 -8.32
CA LEU B 50 -24.30 14.55 -7.88
C LEU B 50 -24.16 14.85 -6.39
N PHE B 51 -24.45 16.08 -6.00
CA PHE B 51 -24.43 16.46 -4.60
C PHE B 51 -25.28 17.71 -4.40
N PRO B 52 -25.85 17.89 -3.21
CA PRO B 52 -26.63 19.10 -2.93
C PRO B 52 -25.79 20.37 -2.93
N GLN B 53 -26.42 21.50 -3.30
CA GLN B 53 -25.68 22.75 -3.37
C GLN B 53 -25.37 23.31 -1.98
N SER B 54 -25.70 22.52 -0.96
CA SER B 54 -25.44 22.93 0.44
C SER B 54 -24.07 22.41 0.86
N GLN B 55 -23.36 21.77 -0.07
CA GLN B 55 -22.03 21.20 0.26
C GLN B 55 -21.06 21.51 -0.89
N LEU B 56 -19.76 21.51 -0.59
CA LEU B 56 -18.72 21.83 -1.62
C LEU B 56 -17.93 20.56 -1.90
N LEU B 57 -17.74 20.25 -3.18
CA LEU B 57 -16.97 19.03 -3.54
C LEU B 57 -15.54 19.22 -3.05
N ASP B 58 -14.95 18.18 -2.46
CA ASP B 58 -13.53 18.24 -2.02
C ASP B 58 -12.81 17.13 -2.77
N LEU B 59 -12.19 17.48 -3.89
CA LEU B 59 -11.57 16.46 -4.72
C LEU B 59 -10.65 15.57 -3.90
N ALA B 60 -10.06 16.09 -2.83
CA ALA B 60 -9.19 15.27 -1.98
C ALA B 60 -9.99 14.14 -1.33
N ARG B 61 -11.14 14.46 -0.74
CA ARG B 61 -11.99 13.40 -0.21
C ARG B 61 -12.52 12.50 -1.32
N LEU B 62 -12.76 13.06 -2.51
CA LEU B 62 -13.23 12.24 -3.62
C LEU B 62 -12.19 11.22 -4.05
N THR B 63 -10.91 11.61 -4.06
CA THR B 63 -9.85 10.65 -4.37
C THR B 63 -9.70 9.62 -3.25
N GLU B 64 -9.84 10.06 -2.01
CA GLU B 64 -9.74 9.12 -0.89
C GLU B 64 -10.86 8.09 -0.94
N LEU B 65 -12.03 8.48 -1.46
CA LEU B 65 -13.14 7.54 -1.55
C LEU B 65 -13.00 6.59 -2.72
N THR B 66 -12.54 7.06 -3.88
CA THR B 66 -12.50 6.26 -5.10
C THR B 66 -11.12 5.79 -5.51
N GLY B 67 -10.05 6.47 -5.06
CA GLY B 67 -8.70 6.21 -5.50
C GLY B 67 -8.32 6.92 -6.77
N ARG B 68 -9.25 7.63 -7.39
CA ARG B 68 -9.04 8.33 -8.65
C ARG B 68 -8.80 9.80 -8.42
N LYS B 69 -7.93 10.40 -9.24
CA LYS B 69 -7.72 11.85 -9.21
C LYS B 69 -8.58 12.48 -10.28
N LEU B 70 -9.78 12.88 -9.88
CA LEU B 70 -10.76 13.38 -10.83
C LEU B 70 -10.62 14.90 -10.94
N LEU B 71 -10.91 15.40 -12.14
CA LEU B 71 -10.86 16.83 -12.42
C LEU B 71 -12.02 17.17 -13.34
N ALA B 72 -12.32 18.47 -13.44
CA ALA B 72 -13.39 18.91 -14.33
C ALA B 72 -13.07 18.58 -15.77
N ILE B 73 -14.08 18.14 -16.54
CA ILE B 73 -13.83 17.79 -17.94
C ILE B 73 -13.61 19.07 -18.75
N LYS B 74 -12.87 18.94 -19.86
CA LYS B 74 -12.64 20.08 -20.72
C LYS B 74 -13.96 20.52 -21.37
N PRO B 75 -14.19 21.83 -21.50
CA PRO B 75 -15.52 22.30 -21.95
C PRO B 75 -15.95 21.76 -23.31
N GLU B 76 -15.01 21.52 -24.23
CA GLU B 76 -15.37 20.91 -25.51
C GLU B 76 -15.96 19.52 -25.29
N ARG B 77 -15.43 18.77 -24.31
CA ARG B 77 -16.00 17.48 -23.96
C ARG B 77 -17.40 17.62 -23.37
N LEU B 78 -17.63 18.69 -22.60
CA LEU B 78 -18.94 18.94 -22.03
C LEU B 78 -19.96 19.33 -23.09
N GLU B 79 -19.57 20.25 -23.98
CA GLU B 79 -20.51 20.75 -24.99
C GLU B 79 -20.90 19.66 -25.98
N ARG B 80 -20.03 18.67 -26.21
CA ARG B 80 -20.39 17.58 -27.11
C ARG B 80 -21.46 16.67 -26.50
N MET B 81 -21.34 16.36 -25.21
CA MET B 81 -22.35 15.53 -24.56
C MET B 81 -23.63 16.31 -24.30
N LEU B 82 -23.52 17.61 -24.00
CA LEU B 82 -24.70 18.46 -23.91
C LEU B 82 -25.38 18.61 -25.26
N GLY B 83 -24.62 18.56 -26.36
CA GLY B 83 -25.21 18.67 -27.68
C GLY B 83 -25.93 17.43 -28.16
N LYS B 84 -25.58 16.24 -27.63
CA LYS B 84 -26.21 15.01 -28.10
C LYS B 84 -27.72 15.06 -27.91
N HIS B 85 -28.18 15.67 -26.82
CA HIS B 85 -29.60 15.83 -26.53
C HIS B 85 -30.04 17.29 -26.65
N GLU B 86 -29.18 18.17 -27.18
CA GLU B 86 -29.51 19.58 -27.40
C GLU B 86 -29.84 20.32 -26.10
N LEU B 87 -28.94 20.21 -25.12
CA LEU B 87 -29.08 20.89 -23.83
C LEU B 87 -28.05 21.99 -23.68
N HIS B 88 -28.37 22.99 -22.84
CA HIS B 88 -27.44 24.07 -22.51
C HIS B 88 -26.99 24.08 -21.05
N ARG B 89 -27.49 23.16 -20.22
CA ARG B 89 -27.04 22.98 -18.84
C ARG B 89 -27.08 21.49 -18.53
N LEU B 90 -26.51 21.09 -17.39
CA LEU B 90 -26.42 19.66 -17.11
C LEU B 90 -27.42 19.27 -16.02
N PRO B 91 -28.54 18.65 -16.39
CA PRO B 91 -29.45 18.11 -15.37
C PRO B 91 -28.79 16.95 -14.64
N ALA B 92 -29.18 16.78 -13.39
CA ALA B 92 -28.67 15.67 -12.58
C ALA B 92 -29.47 14.39 -12.87
N LEU B 93 -29.36 13.93 -14.12
CA LEU B 93 -30.03 12.70 -14.55
C LEU B 93 -29.02 11.67 -15.06
N PRO B 94 -28.72 10.64 -14.28
CA PRO B 94 -27.73 9.61 -14.68
C PRO B 94 -28.10 8.90 -15.98
N PRO B 95 -29.40 8.78 -16.33
CA PRO B 95 -29.73 8.18 -17.64
C PRO B 95 -29.10 8.89 -18.84
N LEU B 96 -28.88 10.20 -18.76
CA LEU B 96 -28.40 10.98 -19.91
C LEU B 96 -27.02 10.56 -20.39
N THR B 97 -26.24 9.87 -19.56
CA THR B 97 -24.90 9.45 -19.95
C THR B 97 -24.71 7.98 -19.65
N SER B 98 -23.80 7.38 -20.41
CA SER B 98 -23.36 6.02 -20.13
C SER B 98 -22.38 5.97 -18.98
N SER B 99 -21.92 7.13 -18.51
CA SER B 99 -20.87 7.19 -17.51
C SER B 99 -21.37 6.72 -16.15
N PRO B 100 -20.48 6.16 -15.33
CA PRO B 100 -20.86 5.81 -13.96
C PRO B 100 -21.23 7.06 -13.18
N CYS B 101 -22.18 6.90 -12.26
CA CYS B 101 -22.69 8.00 -11.45
C CYS B 101 -22.37 7.73 -9.99
N LEU B 102 -21.95 8.78 -9.29
CA LEU B 102 -21.70 8.75 -7.86
C LEU B 102 -22.46 9.92 -7.24
N TYR B 103 -23.09 9.69 -6.10
CA TYR B 103 -23.84 10.74 -5.46
C TYR B 103 -23.67 10.69 -3.95
N ASP B 104 -23.71 11.86 -3.33
CA ASP B 104 -23.68 11.98 -1.89
C ASP B 104 -25.06 11.64 -1.34
N GLU B 105 -25.08 10.88 -0.23
CA GLU B 105 -26.36 10.42 0.32
C GLU B 105 -27.27 11.56 0.75
N ARG B 106 -26.67 12.55 1.41
CA ARG B 106 -27.48 13.65 1.99
C ARG B 106 -28.35 14.32 0.93
N LEU B 107 -28.17 13.93 -0.33
CA LEU B 107 -28.92 14.58 -1.42
C LEU B 107 -30.40 14.32 -1.23
N LEU B 108 -30.77 13.09 -0.89
CA LEU B 108 -32.21 12.71 -0.75
C LEU B 108 -32.92 13.47 0.38
N GLN B 109 -32.25 13.68 1.51
CA GLN B 109 -32.89 14.30 2.70
C GLN B 109 -34.14 15.14 2.36
N GLU B 110 -34.03 16.15 1.49
CA GLU B 110 -35.14 17.06 1.26
C GLU B 110 -36.24 16.37 0.45
N PRO B 111 -37.48 16.39 0.93
CA PRO B 111 -38.56 15.69 0.19
C PRO B 111 -38.76 16.17 -1.23
N ARG B 112 -38.53 17.47 -1.50
CA ARG B 112 -38.77 18.06 -2.80
C ARG B 112 -37.44 18.57 -3.38
N LEU B 113 -36.86 17.83 -4.33
CA LEU B 113 -35.59 18.20 -4.94
C LEU B 113 -35.77 19.03 -6.22
N LEU B 114 -34.72 19.79 -6.55
CA LEU B 114 -34.70 20.65 -7.75
C LEU B 114 -33.46 20.36 -8.58
N ILE B 115 -33.66 20.00 -9.85
CA ILE B 115 -32.57 19.79 -10.80
C ILE B 115 -32.71 20.78 -11.96
N GLU B 116 -31.58 21.09 -12.59
CA GLU B 116 -31.62 21.91 -13.79
C GLU B 116 -32.35 21.21 -14.92
N SER B 117 -33.19 21.97 -15.64
CA SER B 117 -33.86 21.42 -16.80
C SER B 117 -32.92 21.24 -17.97
N GLY B 118 -31.79 21.97 -17.95
CA GLY B 118 -30.95 22.13 -19.11
C GLY B 118 -31.25 23.36 -19.93
N GLN B 119 -32.43 23.94 -19.74
CA GLN B 119 -32.76 25.27 -20.23
C GLN B 119 -32.53 26.25 -19.10
N PRO B 120 -31.62 27.22 -19.24
CA PRO B 120 -31.30 28.09 -18.09
C PRO B 120 -32.54 28.84 -17.61
N GLY B 121 -32.64 28.98 -16.30
CA GLY B 121 -33.78 29.62 -15.69
C GLY B 121 -34.94 28.69 -15.38
N ILE B 122 -34.94 27.47 -15.94
CA ILE B 122 -35.99 26.49 -15.71
C ILE B 122 -35.40 25.36 -14.90
N LEU B 123 -35.99 25.10 -13.73
CA LEU B 123 -35.65 23.98 -12.89
C LEU B 123 -36.82 22.99 -12.88
N LEU B 124 -36.51 21.75 -12.55
CA LEU B 124 -37.51 20.73 -12.33
C LEU B 124 -37.55 20.41 -10.85
N GLU B 125 -38.75 20.42 -10.27
CA GLU B 125 -38.95 19.99 -8.90
C GLU B 125 -39.40 18.54 -8.92
N ILE B 126 -38.67 17.68 -8.22
CA ILE B 126 -38.98 16.26 -8.15
C ILE B 126 -39.03 15.84 -6.69
N ALA B 127 -40.02 15.01 -6.36
CA ALA B 127 -40.08 14.42 -5.03
C ALA B 127 -38.90 13.50 -4.81
N SER B 128 -38.30 13.58 -3.61
CA SER B 128 -37.07 12.83 -3.36
C SER B 128 -37.28 11.34 -3.58
N ASN B 129 -38.43 10.81 -3.13
CA ASN B 129 -38.68 9.38 -3.25
C ASN B 129 -38.78 8.92 -4.70
N ASP B 130 -39.27 9.78 -5.62
CA ASP B 130 -39.20 9.44 -7.03
C ASP B 130 -37.77 9.50 -7.56
N PHE B 131 -37.00 10.47 -7.08
CA PHE B 131 -35.62 10.63 -7.54
C PHE B 131 -34.73 9.46 -7.15
N ARG B 132 -35.05 8.78 -6.03
CA ARG B 132 -34.27 7.63 -5.61
C ARG B 132 -34.27 6.53 -6.68
N GLY B 133 -35.33 6.46 -7.50
CA GLY B 133 -35.44 5.42 -8.50
C GLY B 133 -34.39 5.52 -9.61
N LEU B 134 -33.85 6.71 -9.84
CA LEU B 134 -32.79 6.93 -10.83
C LEU B 134 -31.42 6.47 -10.36
N LEU B 135 -31.25 6.20 -9.06
CA LEU B 135 -29.93 5.95 -8.49
C LEU B 135 -29.67 4.47 -8.22
N GLY B 136 -30.43 3.57 -8.85
CA GLY B 136 -30.26 2.16 -8.58
C GLY B 136 -28.93 1.62 -9.07
N LYS B 137 -28.38 2.22 -10.12
CA LYS B 137 -27.13 1.78 -10.69
C LYS B 137 -25.99 2.76 -10.39
N ALA B 138 -26.19 3.61 -9.39
CA ALA B 138 -25.19 4.56 -8.92
C ALA B 138 -24.51 4.04 -7.66
N SER B 139 -23.41 4.69 -7.28
CA SER B 139 -22.77 4.49 -5.97
C SER B 139 -23.23 5.60 -5.02
N ALA B 140 -23.50 5.23 -3.77
CA ALA B 140 -23.89 6.16 -2.72
C ALA B 140 -22.73 6.34 -1.75
N ALA B 141 -22.46 7.58 -1.35
CA ALA B 141 -21.33 7.85 -0.46
C ALA B 141 -21.54 9.18 0.25
N ARG B 142 -20.66 9.47 1.21
CA ARG B 142 -20.63 10.76 1.90
C ARG B 142 -19.28 11.40 1.66
N PHE B 143 -19.26 12.43 0.83
CA PHE B 143 -18.00 13.06 0.43
C PHE B 143 -18.07 14.57 0.32
N GLY B 144 -19.24 15.19 0.25
CA GLY B 144 -19.32 16.64 0.20
C GLY B 144 -18.98 17.27 1.54
N GLU B 145 -18.49 18.51 1.49
CA GLU B 145 -18.20 19.26 2.70
C GLU B 145 -19.33 20.25 2.95
N PRO B 146 -20.09 20.12 4.03
CA PRO B 146 -21.22 21.03 4.24
C PRO B 146 -20.75 22.47 4.33
N LEU B 147 -21.51 23.38 3.72
CA LEU B 147 -21.11 24.77 3.70
C LEU B 147 -21.06 25.37 5.10
N GLU B 148 -21.88 24.85 6.02
CA GLU B 148 -21.93 25.38 7.38
C GLU B 148 -20.62 25.15 8.13
N ASN B 149 -19.81 24.19 7.68
CA ASN B 149 -18.51 23.96 8.30
C ASN B 149 -17.46 24.97 7.84
N ILE B 150 -17.74 25.76 6.81
CA ILE B 150 -16.80 26.75 6.28
C ILE B 150 -17.17 28.11 6.87
N ASN B 151 -16.33 28.64 7.76
CA ASN B 151 -16.62 29.88 8.47
C ASN B 151 -15.92 31.01 7.72
N LEU B 152 -16.66 31.69 6.84
CA LEU B 152 -16.15 32.87 6.16
C LEU B 152 -16.01 34.03 7.14
N ASN B 153 -14.93 34.81 7.00
CA ASN B 153 -14.70 35.97 7.86
C ASN B 153 -15.22 37.23 7.18
N LEU B 154 -16.50 37.54 7.42
CA LEU B 154 -17.08 38.81 7.00
C LEU B 154 -17.26 39.78 8.16
N ASP B 155 -16.94 39.35 9.38
CA ASP B 155 -17.38 40.00 10.60
C ASP B 155 -16.26 40.33 11.58
N ARG B 156 -15.07 39.77 11.42
CA ARG B 156 -14.00 39.89 12.41
C ARG B 156 -12.71 40.30 11.72
N PRO B 157 -12.65 41.56 11.26
CA PRO B 157 -11.40 42.05 10.64
C PRO B 157 -10.22 42.07 11.58
N ASP B 158 -10.45 42.16 12.89
CA ASP B 158 -9.34 42.21 13.83
C ASP B 158 -8.55 40.90 13.82
N ASP B 159 -9.19 39.81 13.43
CA ASP B 159 -8.54 38.50 13.30
C ASP B 159 -7.81 38.31 11.97
N ASP B 160 -7.88 39.27 11.05
CA ASP B 160 -7.29 39.08 9.72
C ASP B 160 -5.80 38.79 9.79
N ARG B 161 -5.05 39.59 10.55
CA ARG B 161 -3.60 39.36 10.62
C ARG B 161 -3.28 37.98 11.17
N ALA B 162 -4.07 37.51 12.14
CA ALA B 162 -3.83 36.20 12.72
C ALA B 162 -4.15 35.08 11.72
N GLU B 163 -5.33 35.13 11.08
CA GLU B 163 -5.71 34.05 10.17
C GLU B 163 -4.83 33.99 8.93
N ILE B 164 -4.34 35.15 8.45
CA ILE B 164 -3.39 35.15 7.35
C ILE B 164 -2.03 34.62 7.80
N SER B 165 -1.54 35.09 8.96
CA SER B 165 -0.26 34.57 9.45
C SER B 165 -0.35 33.07 9.74
N GLN B 166 -1.52 32.63 10.20
CA GLN B 166 -1.71 31.19 10.48
C GLN B 166 -1.68 30.44 9.13
N ALA B 167 -2.44 30.94 8.15
CA ALA B 167 -2.49 30.25 6.85
C ALA B 167 -1.10 30.26 6.25
N VAL B 168 -0.41 31.39 6.39
CA VAL B 168 0.93 31.50 5.78
C VAL B 168 1.81 30.44 6.44
N GLN B 169 1.70 30.29 7.76
CA GLN B 169 2.62 29.32 8.41
C GLN B 169 2.32 27.92 7.89
N ALA B 170 1.03 27.59 7.74
CA ALA B 170 0.68 26.23 7.33
C ALA B 170 1.17 25.89 5.92
N PHE B 171 1.01 26.81 4.96
CA PHE B 171 1.36 26.41 3.57
C PHE B 171 2.53 27.19 2.95
N THR B 172 2.86 28.35 3.45
CA THR B 172 3.89 29.08 2.72
C THR B 172 5.23 28.37 2.82
N ALA B 173 5.53 27.86 3.98
CA ALA B 173 6.88 27.30 4.15
C ALA B 173 7.87 28.46 4.11
N ARG B 174 7.41 29.66 4.45
CA ARG B 174 8.31 30.83 4.50
C ARG B 174 8.60 31.12 5.95
N ARG B 175 9.80 31.59 6.25
CA ARG B 175 10.17 31.84 7.65
C ARG B 175 9.21 32.86 8.21
N ILE B 176 8.85 32.72 9.49
CA ILE B 176 7.90 33.66 10.12
C ILE B 176 8.69 34.77 10.81
N GLN B 177 8.59 36.00 10.32
CA GLN B 177 9.26 37.08 11.09
C GLN B 177 8.24 37.69 12.05
N GLN B 178 8.71 38.46 13.03
CA GLN B 178 7.84 39.04 14.03
C GLN B 178 6.59 39.69 13.44
N ARG B 179 6.70 40.26 12.24
CA ARG B 179 5.60 40.95 11.60
C ARG B 179 5.19 40.22 10.33
N LEU B 180 3.88 40.22 10.05
CA LEU B 180 3.39 39.58 8.84
C LEU B 180 3.98 40.24 7.59
N GLU B 181 4.20 41.57 7.65
CA GLU B 181 4.76 42.26 6.51
C GLU B 181 6.18 41.78 6.20
N GLN B 182 6.97 41.55 7.25
CA GLN B 182 8.32 41.00 7.06
C GLN B 182 8.27 39.55 6.60
N THR B 183 7.31 38.77 7.10
CA THR B 183 7.23 37.36 6.75
C THR B 183 6.91 37.18 5.27
N ILE B 184 5.94 37.94 4.76
CA ILE B 184 5.61 37.88 3.33
C ILE B 184 6.63 38.70 2.55
N GLU B 185 6.87 38.29 1.31
CA GLU B 185 7.73 39.04 0.39
C GLU B 185 6.83 40.10 -0.24
N ILE B 186 6.93 41.33 0.26
CA ILE B 186 6.07 42.44 -0.15
C ILE B 186 6.72 43.25 -1.27
N PRO B 187 6.04 43.46 -2.38
CA PRO B 187 6.58 44.33 -3.44
C PRO B 187 6.79 45.75 -2.93
N PRO B 188 7.86 46.41 -3.39
CA PRO B 188 8.15 47.75 -2.87
C PRO B 188 7.04 48.76 -3.10
N LEU B 189 6.26 48.62 -4.20
CA LEU B 189 5.23 49.51 -4.75
C LEU B 189 5.87 50.56 -5.66
N PRO B 190 5.37 50.73 -6.88
CA PRO B 190 6.07 51.59 -7.86
C PRO B 190 6.14 53.05 -7.41
N GLN B 191 7.26 53.70 -7.75
CA GLN B 191 7.45 55.11 -7.36
C GLN B 191 6.39 56.02 -7.97
N THR B 192 5.94 55.72 -9.19
CA THR B 192 4.89 56.54 -9.81
C THR B 192 3.61 56.52 -8.99
N ALA B 193 3.18 55.33 -8.56
CA ALA B 193 1.99 55.24 -7.72
C ALA B 193 2.21 55.92 -6.37
N GLN B 194 3.44 55.83 -5.84
CA GLN B 194 3.72 56.48 -4.56
C GLN B 194 3.56 58.00 -4.69
N LYS B 195 3.93 58.54 -5.85
CA LYS B 195 3.75 59.96 -6.11
C LYS B 195 2.27 60.30 -6.24
N ILE B 196 1.51 59.45 -6.93
CA ILE B 196 0.08 59.70 -7.13
C ILE B 196 -0.69 59.59 -5.82
N ILE B 197 -0.33 58.62 -4.99
CA ILE B 197 -1.02 58.45 -3.71
C ILE B 197 -0.78 59.67 -2.83
N LYS B 198 0.47 60.12 -2.76
CA LYS B 198 0.83 61.30 -1.98
C LYS B 198 0.18 62.56 -2.54
N LEU B 199 0.02 62.60 -3.86
CA LEU B 199 -0.60 63.75 -4.51
C LEU B 199 -2.09 63.85 -4.23
N ARG B 200 -2.78 62.72 -4.05
CA ARG B 200 -4.23 62.77 -3.86
C ARG B 200 -4.62 63.53 -2.60
N VAL B 201 -3.80 63.45 -1.55
CA VAL B 201 -4.12 64.02 -0.26
C VAL B 201 -3.75 65.49 -0.14
N ASP B 202 -3.13 66.08 -1.16
CA ASP B 202 -2.81 67.49 -1.13
C ASP B 202 -4.09 68.27 -1.43
N PRO B 203 -4.56 69.13 -0.52
CA PRO B 203 -5.79 69.90 -0.79
C PRO B 203 -5.71 70.79 -2.02
N ASN B 204 -4.53 71.33 -2.35
CA ASN B 204 -4.39 72.25 -3.48
C ASN B 204 -3.59 71.61 -4.61
N ALA B 205 -3.79 70.31 -4.79
CA ALA B 205 -3.37 69.68 -6.02
C ALA B 205 -4.28 70.15 -7.15
N SER B 206 -3.70 70.28 -8.34
CA SER B 206 -4.40 70.81 -9.49
C SER B 206 -4.24 69.86 -10.67
N VAL B 207 -5.02 70.10 -11.74
CA VAL B 207 -4.82 69.32 -12.98
C VAL B 207 -3.41 69.52 -13.50
N ASP B 208 -2.79 70.64 -13.18
CA ASP B 208 -1.42 70.86 -13.59
C ASP B 208 -0.48 69.84 -12.94
N ASP B 209 -0.77 69.44 -11.69
CA ASP B 209 0.07 68.48 -11.00
C ASP B 209 0.01 67.11 -11.64
N ILE B 210 -1.18 66.68 -12.08
CA ILE B 210 -1.28 65.36 -12.70
C ILE B 210 -0.69 65.37 -14.12
N THR B 211 -0.82 66.49 -14.85
CA THR B 211 -0.26 66.58 -16.20
C THR B 211 1.27 66.54 -16.19
N GLY B 212 1.91 67.16 -15.20
CA GLY B 212 3.37 67.05 -15.11
C GLY B 212 3.81 65.67 -14.69
N LEU B 213 3.10 65.07 -13.73
CA LEU B 213 3.44 63.73 -13.26
C LEU B 213 3.18 62.69 -14.35
N VAL B 214 2.17 62.92 -15.20
CA VAL B 214 1.86 61.99 -16.29
C VAL B 214 2.97 61.93 -17.34
N GLU B 215 3.70 63.03 -17.55
CA GLU B 215 4.72 63.02 -18.60
C GLU B 215 6.03 62.35 -18.18
N THR B 216 6.23 62.10 -16.88
CA THR B 216 7.38 61.30 -16.44
C THR B 216 7.25 59.84 -16.83
N ASP B 217 6.02 59.33 -17.06
CA ASP B 217 5.78 57.93 -17.40
C ASP B 217 5.02 57.94 -18.73
N PRO B 218 5.74 58.08 -19.86
CA PRO B 218 5.07 58.12 -21.17
C PRO B 218 4.27 56.85 -21.47
N ALA B 219 4.71 55.69 -20.97
CA ALA B 219 3.92 54.48 -21.18
C ALA B 219 2.55 54.64 -20.55
N LEU B 220 2.50 55.21 -19.33
CA LEU B 220 1.21 55.55 -18.73
C LEU B 220 0.48 56.59 -19.56
N ALA B 221 1.23 57.57 -20.11
CA ALA B 221 0.59 58.61 -20.90
C ALA B 221 -0.05 58.03 -22.14
N ALA B 222 0.59 57.02 -22.74
CA ALA B 222 -0.02 56.36 -23.90
C ALA B 222 -1.29 55.62 -23.50
N GLN B 223 -1.30 55.00 -22.31
CA GLN B 223 -2.52 54.36 -21.83
C GLN B 223 -3.62 55.38 -21.54
N VAL B 224 -3.24 56.60 -21.14
CA VAL B 224 -4.23 57.64 -20.86
C VAL B 224 -4.89 58.08 -22.17
N VAL B 225 -4.08 58.25 -23.22
CA VAL B 225 -4.62 58.59 -24.54
C VAL B 225 -5.39 57.43 -25.13
N SER B 226 -4.87 56.21 -24.99
CA SER B 226 -5.59 55.03 -25.49
C SER B 226 -6.89 54.82 -24.73
N TRP B 227 -6.90 55.15 -23.43
CA TRP B 227 -8.14 55.09 -22.68
C TRP B 227 -9.11 56.12 -23.21
N ALA B 228 -8.61 57.33 -23.49
CA ALA B 228 -9.44 58.37 -24.08
C ALA B 228 -9.88 57.98 -25.48
N ALA B 229 -9.08 57.18 -26.18
CA ALA B 229 -9.43 56.75 -27.54
C ALA B 229 -10.54 55.72 -27.55
N SER B 230 -10.85 55.09 -26.42
CA SER B 230 -11.83 54.01 -26.41
C SER B 230 -13.22 54.53 -26.79
N PRO B 231 -13.96 53.79 -27.61
CA PRO B 231 -15.30 54.25 -28.02
C PRO B 231 -16.25 54.45 -26.85
N TYR B 232 -15.98 53.72 -25.77
CA TYR B 232 -16.81 53.83 -24.54
C TYR B 232 -16.76 55.28 -24.05
N TYR B 233 -15.58 55.69 -23.56
CA TYR B 233 -15.40 57.10 -23.13
C TYR B 233 -14.67 57.88 -24.21
N ALA B 234 -15.39 58.33 -25.23
CA ALA B 234 -14.74 59.05 -26.36
C ALA B 234 -15.31 60.47 -26.48
N ALA B 235 -14.44 61.48 -26.56
CA ALA B 235 -14.93 62.85 -26.80
C ALA B 235 -15.55 62.93 -28.19
N PRO B 236 -16.70 63.60 -28.37
CA PRO B 236 -17.26 63.77 -29.71
C PRO B 236 -16.34 64.59 -30.62
N GLY B 237 -15.48 65.38 -29.98
CA GLY B 237 -14.48 66.07 -30.80
C GLY B 237 -13.32 65.13 -31.09
N LYS B 238 -12.12 65.68 -31.17
CA LYS B 238 -10.94 64.86 -31.48
C LYS B 238 -10.04 64.85 -30.26
N ILE B 239 -9.15 63.88 -30.19
CA ILE B 239 -8.34 63.75 -28.96
C ILE B 239 -7.36 64.91 -28.88
N ARG B 240 -7.28 65.71 -29.93
CA ARG B 240 -6.42 66.91 -29.83
C ARG B 240 -5.13 66.51 -29.12
N SER B 241 -4.84 67.14 -28.00
CA SER B 241 -3.56 66.86 -27.33
C SER B 241 -3.80 66.17 -25.98
N VAL B 242 -2.98 65.17 -25.67
CA VAL B 242 -3.15 64.42 -24.41
C VAL B 242 -3.68 65.38 -23.37
N GLU B 243 -2.81 66.28 -22.97
CA GLU B 243 -3.19 67.19 -21.88
C GLU B 243 -4.65 67.53 -22.05
N ASP B 244 -4.95 68.37 -23.01
CA ASP B 244 -6.36 68.83 -23.05
C ASP B 244 -7.31 67.63 -22.94
N ALA B 245 -6.97 66.49 -23.56
CA ALA B 245 -7.93 65.36 -23.62
C ALA B 245 -8.28 64.88 -22.20
N ILE B 246 -7.30 64.81 -21.29
CA ILE B 246 -7.68 64.47 -19.88
C ILE B 246 -8.74 65.50 -19.45
N VAL B 247 -8.37 66.78 -19.44
CA VAL B 247 -9.31 67.86 -19.12
C VAL B 247 -10.64 67.68 -19.84
N ARG B 248 -10.63 67.23 -21.10
CA ARG B 248 -11.85 67.17 -21.92
C ARG B 248 -12.66 65.90 -21.70
N VAL B 249 -12.00 64.76 -21.56
CA VAL B 249 -12.63 63.44 -21.68
C VAL B 249 -12.69 62.74 -20.32
N LEU B 250 -11.54 62.46 -19.71
CA LEU B 250 -11.50 61.60 -18.54
C LEU B 250 -11.74 62.40 -17.27
N GLY B 251 -11.26 63.63 -17.22
CA GLY B 251 -11.38 64.44 -16.03
C GLY B 251 -10.25 64.22 -15.04
N PHE B 252 -10.13 65.15 -14.10
CA PHE B 252 -9.13 65.00 -13.06
C PHE B 252 -9.47 63.82 -12.18
N ASP B 253 -10.76 63.69 -11.87
CA ASP B 253 -11.22 62.69 -10.90
C ASP B 253 -11.01 61.25 -11.42
N LEU B 254 -11.31 60.98 -12.69
CA LEU B 254 -11.18 59.62 -13.21
C LEU B 254 -9.73 59.19 -13.36
N VAL B 255 -8.91 60.01 -14.02
CA VAL B 255 -7.60 59.53 -14.43
C VAL B 255 -6.69 59.36 -13.24
N ILE B 256 -6.87 60.14 -12.17
CA ILE B 256 -5.98 60.00 -11.02
C ILE B 256 -6.15 58.61 -10.42
N ASN B 257 -7.40 58.11 -10.40
CA ASN B 257 -7.71 56.78 -9.90
C ASN B 257 -7.41 55.72 -10.95
N LEU B 258 -7.72 56.02 -12.21
CA LEU B 258 -7.49 55.05 -13.27
C LEU B 258 -6.00 54.72 -13.45
N ALA B 259 -5.14 55.76 -13.49
CA ALA B 259 -3.71 55.50 -13.61
C ALA B 259 -3.15 54.83 -12.36
N LEU B 260 -3.73 55.14 -11.19
CA LEU B 260 -3.24 54.53 -9.96
C LEU B 260 -3.49 53.02 -9.97
N GLY B 261 -4.65 52.60 -10.49
CA GLY B 261 -4.92 51.17 -10.59
C GLY B 261 -4.01 50.49 -11.60
N LEU B 262 -3.77 51.15 -12.73
CA LEU B 262 -2.93 50.57 -13.77
C LEU B 262 -1.51 50.38 -13.28
N ALA B 263 -1.01 51.29 -12.45
CA ALA B 263 0.33 51.15 -11.90
C ALA B 263 0.40 50.00 -10.89
N LEU B 264 -0.66 49.80 -10.11
CA LEU B 264 -0.72 48.67 -9.18
C LEU B 264 -0.89 47.33 -9.90
N GLY B 265 -1.50 47.33 -11.09
CA GLY B 265 -1.67 46.08 -11.81
C GLY B 265 -0.35 45.44 -12.22
N LYS B 266 0.66 46.27 -12.52
CA LYS B 266 1.97 45.77 -12.89
C LYS B 266 2.84 45.40 -11.69
N SER B 267 2.40 45.73 -10.47
CA SER B 267 3.17 45.40 -9.27
C SER B 267 3.19 43.90 -8.99
N LEU B 268 2.21 43.15 -9.50
CA LEU B 268 2.15 41.70 -9.33
C LEU B 268 1.80 41.04 -10.66
N SER B 269 2.53 39.98 -10.98
CA SER B 269 2.33 39.26 -12.23
C SER B 269 1.00 38.50 -12.24
N LEU B 270 0.47 38.31 -13.45
CA LEU B 270 -0.73 37.52 -13.60
C LEU B 270 -0.46 36.07 -13.17
N PRO B 271 -1.45 35.40 -12.60
CA PRO B 271 -1.24 34.02 -12.19
C PRO B 271 -0.95 33.17 -13.41
N LYS B 272 -0.08 32.18 -13.20
CA LYS B 272 0.21 31.25 -14.29
C LYS B 272 -0.98 30.34 -14.59
N ASP B 273 -1.85 30.12 -13.62
CA ASP B 273 -3.03 29.28 -13.81
C ASP B 273 -4.29 30.11 -13.64
N GLN B 274 -5.38 29.60 -14.20
CA GLN B 274 -6.70 30.21 -14.06
C GLN B 274 -7.75 29.11 -14.15
N PRO B 275 -8.94 29.34 -13.59
CA PRO B 275 -10.05 28.40 -13.84
C PRO B 275 -10.37 28.37 -15.32
N GLN B 276 -10.72 27.19 -15.83
CA GLN B 276 -11.02 27.09 -17.24
C GLN B 276 -12.27 27.91 -17.55
N GLN B 277 -12.24 28.61 -18.68
CA GLN B 277 -13.31 29.53 -19.07
C GLN B 277 -13.65 30.51 -17.94
N ALA B 278 -12.62 31.06 -17.32
CA ALA B 278 -12.83 32.15 -16.38
C ALA B 278 -12.89 33.46 -17.14
N THR B 279 -13.63 34.42 -16.57
CA THR B 279 -13.64 35.77 -17.13
C THR B 279 -12.24 36.35 -16.97
N PRO B 280 -11.64 36.92 -18.03
CA PRO B 280 -10.27 37.42 -17.90
C PRO B 280 -10.23 38.51 -16.84
N TYR B 281 -9.10 38.56 -16.12
CA TYR B 281 -9.03 39.36 -14.91
C TYR B 281 -9.43 40.81 -15.16
N TRP B 282 -8.84 41.43 -16.19
CA TRP B 282 -9.06 42.86 -16.41
C TRP B 282 -10.45 43.16 -16.95
N GLN B 283 -11.08 42.23 -17.67
CA GLN B 283 -12.47 42.41 -18.04
C GLN B 283 -13.36 42.43 -16.80
N GLN B 284 -13.10 41.53 -15.84
CA GLN B 284 -13.88 41.54 -14.61
C GLN B 284 -13.67 42.84 -13.85
N ALA B 285 -12.47 43.41 -13.93
CA ALA B 285 -12.21 44.68 -13.24
C ALA B 285 -12.89 45.85 -13.94
N ILE B 286 -12.76 45.92 -15.27
CA ILE B 286 -13.34 47.03 -16.03
C ILE B 286 -14.87 46.98 -15.97
N TYR B 287 -15.45 45.80 -16.17
CA TYR B 287 -16.90 45.68 -16.02
C TYR B 287 -17.34 46.14 -14.64
N THR B 288 -16.62 45.73 -13.60
CA THR B 288 -16.98 46.11 -12.23
C THR B 288 -16.85 47.62 -12.03
N ALA B 289 -15.82 48.23 -12.63
CA ALA B 289 -15.61 49.66 -12.47
C ALA B 289 -16.68 50.45 -13.21
N ALA B 290 -16.95 50.08 -14.47
CA ALA B 290 -17.95 50.79 -15.27
C ALA B 290 -19.34 50.68 -14.67
N VAL B 291 -19.68 49.54 -14.06
CA VAL B 291 -20.99 49.40 -13.45
C VAL B 291 -21.08 50.28 -12.20
N ILE B 292 -19.97 50.45 -11.48
CA ILE B 292 -19.97 51.36 -10.33
C ILE B 292 -20.22 52.79 -10.81
N GLU B 293 -19.72 53.13 -12.00
CA GLU B 293 -19.84 54.48 -12.52
C GLU B 293 -21.29 54.86 -12.78
N GLY B 294 -22.04 53.98 -13.46
CA GLY B 294 -23.44 54.26 -13.70
C GLY B 294 -24.29 54.17 -12.44
N LEU B 295 -23.97 53.23 -11.56
CA LEU B 295 -24.70 53.13 -10.30
C LEU B 295 -24.42 54.33 -9.40
N THR B 296 -23.19 54.86 -9.42
CA THR B 296 -22.89 56.06 -8.67
C THR B 296 -23.67 57.24 -9.24
N ARG B 297 -23.81 57.30 -10.57
CA ARG B 297 -24.57 58.36 -11.22
C ARG B 297 -26.06 58.26 -10.90
N ALA B 298 -26.58 57.04 -10.68
CA ALA B 298 -27.99 56.81 -10.37
C ALA B 298 -28.30 57.00 -8.90
N MET B 299 -27.30 57.22 -8.07
CA MET B 299 -27.47 57.45 -6.65
C MET B 299 -27.91 58.89 -6.39
N PRO B 300 -28.70 59.11 -5.35
CA PRO B 300 -29.08 60.49 -4.99
C PRO B 300 -27.84 61.29 -4.61
N ARG B 301 -27.86 62.59 -4.95
CA ARG B 301 -26.72 63.46 -4.65
C ARG B 301 -26.44 63.51 -3.15
N GLU B 302 -27.46 63.31 -2.32
CA GLU B 302 -27.28 63.30 -0.88
C GLU B 302 -26.34 62.19 -0.43
N LEU B 303 -26.30 61.08 -1.19
CA LEU B 303 -25.52 59.91 -0.80
C LEU B 303 -24.35 59.61 -1.74
N ARG B 304 -24.14 60.37 -2.80
CA ARG B 304 -23.03 60.08 -3.71
C ARG B 304 -21.72 60.30 -2.98
N PRO B 305 -20.82 59.32 -2.97
CA PRO B 305 -19.49 59.53 -2.41
C PRO B 305 -18.60 60.18 -3.45
N GLU B 306 -17.29 60.27 -3.17
CA GLU B 306 -16.38 60.75 -4.20
C GLU B 306 -16.49 59.84 -5.42
N SER B 307 -16.89 60.40 -6.55
CA SER B 307 -17.19 59.59 -7.72
C SER B 307 -15.93 58.88 -8.23
N GLY B 308 -14.78 59.56 -8.18
CA GLY B 308 -13.55 58.96 -8.66
C GLY B 308 -13.03 57.86 -7.77
N LEU B 309 -13.16 58.02 -6.45
CA LEU B 309 -12.64 57.03 -5.52
C LEU B 309 -13.35 55.69 -5.66
N SER B 310 -14.65 55.72 -5.96
CA SER B 310 -15.40 54.48 -6.16
C SER B 310 -14.89 53.69 -7.36
N TYR B 311 -14.47 54.39 -8.42
CA TYR B 311 -13.97 53.71 -9.62
C TYR B 311 -12.69 52.93 -9.36
N LEU B 312 -11.82 53.44 -8.49
CA LEU B 312 -10.61 52.69 -8.16
C LEU B 312 -10.95 51.41 -7.40
N GLY B 313 -12.01 51.45 -6.59
CA GLY B 313 -12.41 50.26 -5.87
C GLY B 313 -12.91 49.15 -6.78
N GLY B 314 -13.61 49.51 -7.85
CA GLY B 314 -14.05 48.51 -8.82
C GLY B 314 -12.91 47.90 -9.60
N LEU B 315 -11.87 48.69 -9.89
CA LEU B 315 -10.72 48.17 -10.61
C LEU B 315 -9.94 47.15 -9.79
N LEU B 316 -9.96 47.30 -8.45
CA LEU B 316 -9.11 46.53 -7.56
C LEU B 316 -9.88 45.57 -6.65
N HIS B 317 -11.18 45.37 -6.87
CA HIS B 317 -11.96 44.51 -5.97
C HIS B 317 -11.45 43.08 -5.97
N ASN B 318 -10.87 42.62 -7.07
CA ASN B 318 -10.41 41.25 -7.20
C ASN B 318 -8.92 41.12 -6.92
N PHE B 319 -8.30 42.15 -6.33
CA PHE B 319 -6.85 42.21 -6.23
C PHE B 319 -6.25 41.10 -5.35
N GLY B 320 -6.98 40.63 -4.33
CA GLY B 320 -6.42 39.57 -3.52
C GLY B 320 -6.19 38.29 -4.32
N TYR B 321 -6.99 38.10 -5.38
CA TYR B 321 -6.80 36.97 -6.28
C TYR B 321 -5.38 36.95 -6.83
N LEU B 322 -4.87 38.11 -7.23
CA LEU B 322 -3.48 38.22 -7.67
C LEU B 322 -2.51 37.95 -6.54
N VAL B 323 -2.87 38.35 -5.30
CA VAL B 323 -1.98 38.15 -4.16
C VAL B 323 -1.86 36.67 -3.81
N LEU B 324 -2.97 35.93 -3.86
CA LEU B 324 -2.92 34.51 -3.51
C LEU B 324 -2.04 33.74 -4.48
N ALA B 325 -2.08 34.11 -5.75
CA ALA B 325 -1.21 33.44 -6.72
C ALA B 325 0.25 33.73 -6.42
N HIS B 326 0.53 34.86 -5.77
CA HIS B 326 1.89 35.24 -5.44
C HIS B 326 2.38 34.50 -4.20
N VAL B 327 1.55 34.43 -3.15
CA VAL B 327 1.97 33.89 -1.87
C VAL B 327 1.90 32.36 -1.83
N PHE B 328 0.90 31.76 -2.49
CA PHE B 328 0.68 30.31 -2.47
C PHE B 328 0.56 29.80 -3.91
N PRO B 329 1.65 29.79 -4.67
CA PRO B 329 1.56 29.37 -6.08
C PRO B 329 1.06 27.94 -6.26
N PRO B 330 1.60 26.93 -5.54
CA PRO B 330 1.12 25.56 -5.82
C PRO B 330 -0.33 25.35 -5.44
N HIS B 331 -0.76 25.92 -4.33
CA HIS B 331 -2.15 25.77 -3.91
C HIS B 331 -3.11 26.54 -4.80
N PHE B 332 -2.62 27.62 -5.43
CA PHE B 332 -3.50 28.43 -6.27
C PHE B 332 -4.04 27.65 -7.45
N SER B 333 -3.23 26.77 -8.05
CA SER B 333 -3.76 25.93 -9.11
C SER B 333 -4.81 24.98 -8.56
N LEU B 334 -4.62 24.52 -7.33
CA LEU B 334 -5.63 23.70 -6.68
C LEU B 334 -6.90 24.48 -6.43
N ILE B 335 -6.76 25.76 -6.06
CA ILE B 335 -7.93 26.61 -5.90
C ILE B 335 -8.67 26.70 -7.22
N CYS B 336 -7.93 26.84 -8.31
CA CYS B 336 -8.55 26.90 -9.63
C CYS B 336 -9.24 25.59 -9.95
N ARG B 337 -8.61 24.46 -9.61
CA ARG B 337 -9.18 23.16 -9.92
C ARG B 337 -10.48 22.92 -9.15
N HIS B 338 -10.59 23.45 -7.94
CA HIS B 338 -11.84 23.30 -7.21
C HIS B 338 -12.92 24.24 -7.73
N LEU B 339 -12.51 25.39 -8.23
CA LEU B 339 -13.46 26.32 -8.81
C LEU B 339 -14.12 25.72 -10.05
N GLU B 340 -13.38 24.92 -10.82
CA GLU B 340 -13.96 24.31 -12.00
C GLU B 340 -15.06 23.30 -11.66
N VAL B 341 -15.00 22.72 -10.45
CA VAL B 341 -15.92 21.66 -10.04
C VAL B 341 -16.99 22.15 -9.07
N ASN B 342 -17.05 23.46 -8.79
CA ASN B 342 -18.12 24.03 -7.95
C ASN B 342 -18.76 25.22 -8.67
N PRO B 343 -19.48 24.94 -9.77
CA PRO B 343 -20.13 26.03 -10.51
C PRO B 343 -21.15 26.80 -9.71
N HIS B 344 -21.78 26.15 -8.74
CA HIS B 344 -22.86 26.71 -7.94
C HIS B 344 -22.35 27.60 -6.80
N LEU B 345 -21.05 27.72 -6.62
CA LEU B 345 -20.47 28.41 -5.47
C LEU B 345 -19.58 29.56 -5.90
N GLY B 346 -19.61 30.64 -5.13
CA GLY B 346 -18.63 31.68 -5.28
C GLY B 346 -17.29 31.29 -4.70
N HIS B 347 -16.27 32.02 -5.14
CA HIS B 347 -14.88 31.69 -4.79
C HIS B 347 -14.63 31.75 -3.28
N ALA B 348 -15.39 32.58 -2.56
CA ALA B 348 -15.04 32.87 -1.18
C ALA B 348 -15.07 31.61 -0.30
N TYR B 349 -16.03 30.71 -0.55
CA TYR B 349 -16.12 29.49 0.25
C TYR B 349 -14.92 28.58 0.02
N ILE B 350 -14.48 28.48 -1.25
CA ILE B 350 -13.39 27.58 -1.61
C ILE B 350 -12.07 28.04 -1.00
N GLU B 351 -11.81 29.35 -1.04
CA GLU B 351 -10.56 29.87 -0.51
C GLU B 351 -10.46 29.61 1.00
N GLN B 352 -11.55 29.82 1.73
CA GLN B 352 -11.52 29.57 3.16
C GLN B 352 -11.35 28.08 3.43
N HIS B 353 -11.97 27.23 2.61
CA HIS B 353 -11.92 25.80 2.87
C HIS B 353 -10.51 25.24 2.70
N LEU B 354 -9.78 25.69 1.68
CA LEU B 354 -8.47 25.16 1.36
C LEU B 354 -7.33 25.86 2.13
N LEU B 355 -7.44 27.18 2.32
CA LEU B 355 -6.38 27.96 2.96
C LEU B 355 -6.77 28.62 4.28
N GLY B 356 -8.06 28.78 4.56
CA GLY B 356 -8.48 29.44 5.78
C GLY B 356 -8.60 30.95 5.69
N ILE B 357 -8.34 31.55 4.53
CA ILE B 357 -8.50 32.99 4.34
C ILE B 357 -9.11 33.20 2.96
N THR B 358 -9.72 34.38 2.78
CA THR B 358 -10.34 34.74 1.52
C THR B 358 -9.48 35.77 0.79
N ARG B 359 -9.68 35.84 -0.54
CA ARG B 359 -8.96 36.83 -1.33
C ARG B 359 -9.31 38.23 -0.90
N GLU B 360 -10.54 38.45 -0.42
CA GLU B 360 -10.90 39.76 0.10
C GLU B 360 -10.11 40.08 1.36
N GLN B 361 -9.89 39.06 2.20
CA GLN B 361 -9.13 39.27 3.43
C GLN B 361 -7.71 39.69 3.13
N ILE B 362 -7.07 39.02 2.17
CA ILE B 362 -5.65 39.27 1.94
C ILE B 362 -5.45 40.48 1.04
N GLY B 363 -6.36 40.74 0.10
CA GLY B 363 -6.20 41.89 -0.77
C GLY B 363 -6.41 43.20 -0.03
N ALA B 364 -7.39 43.24 0.87
CA ALA B 364 -7.59 44.44 1.68
C ALA B 364 -6.40 44.70 2.60
N TRP B 365 -5.79 43.63 3.12
CA TRP B 365 -4.63 43.82 3.99
C TRP B 365 -3.48 44.45 3.23
N LEU B 366 -3.32 44.09 1.95
CA LEU B 366 -2.28 44.69 1.14
C LEU B 366 -2.52 46.18 0.91
N MET B 367 -3.78 46.60 0.86
CA MET B 367 -4.05 48.01 0.64
C MET B 367 -3.50 48.85 1.77
N ARG B 368 -3.61 48.37 3.01
CA ARG B 368 -3.23 49.22 4.13
C ARG B 368 -1.72 49.20 4.40
N VAL B 369 -1.03 48.11 4.08
CA VAL B 369 0.44 48.14 4.19
C VAL B 369 1.01 49.10 3.16
N TRP B 370 0.28 49.34 2.07
CA TRP B 370 0.65 50.33 1.04
C TRP B 370 0.18 51.74 1.38
N ASP B 371 -0.43 51.94 2.55
CA ASP B 371 -0.93 53.23 3.01
C ASP B 371 -1.90 53.83 2.00
N MET B 372 -2.69 52.97 1.39
CA MET B 372 -3.80 53.41 0.57
C MET B 372 -4.91 53.98 1.46
N PRO B 373 -5.78 54.83 0.89
CA PRO B 373 -6.81 55.46 1.70
C PRO B 373 -7.72 54.40 2.32
N ASP B 374 -8.15 54.64 3.56
CA ASP B 374 -8.95 53.68 4.27
C ASP B 374 -10.27 53.40 3.56
N ASP B 375 -10.73 54.32 2.71
CA ASP B 375 -11.91 54.06 1.88
C ASP B 375 -11.71 52.83 1.01
N LEU B 376 -10.52 52.68 0.42
CA LEU B 376 -10.26 51.54 -0.45
C LEU B 376 -10.10 50.24 0.33
N TYR B 377 -9.55 50.31 1.55
CA TYR B 377 -9.44 49.11 2.38
C TYR B 377 -10.83 48.56 2.71
N CYS B 378 -11.73 49.43 3.19
CA CYS B 378 -13.09 49.01 3.52
C CYS B 378 -13.85 48.55 2.28
N ALA B 379 -13.55 49.11 1.10
CA ALA B 379 -14.23 48.70 -0.12
C ALA B 379 -13.91 47.26 -0.49
N LEU B 380 -12.63 46.86 -0.39
CA LEU B 380 -12.25 45.49 -0.74
C LEU B 380 -12.62 44.49 0.35
N ARG B 381 -12.41 44.86 1.63
CA ARG B 381 -12.56 43.93 2.74
C ARG B 381 -13.98 43.42 2.92
N PHE B 382 -14.99 44.24 2.58
CA PHE B 382 -16.37 43.95 2.90
C PHE B 382 -17.27 43.89 1.68
N GLN B 383 -16.70 43.62 0.50
CA GLN B 383 -17.51 43.58 -0.71
C GLN B 383 -18.46 42.38 -0.73
N GLN B 384 -18.20 41.35 0.07
CA GLN B 384 -19.03 40.16 0.06
C GLN B 384 -20.15 40.20 1.10
N ASP B 385 -20.26 41.26 1.89
CA ASP B 385 -21.22 41.32 2.98
C ASP B 385 -22.26 42.40 2.69
N PRO B 386 -23.45 42.04 2.19
CA PRO B 386 -24.47 43.05 1.89
C PRO B 386 -25.03 43.76 3.11
N SER B 387 -24.87 43.19 4.30
CA SER B 387 -25.37 43.79 5.53
C SER B 387 -24.36 44.73 6.18
N TYR B 388 -23.19 44.93 5.57
CA TYR B 388 -22.17 45.78 6.16
C TYR B 388 -22.66 47.22 6.26
N THR B 389 -22.45 47.83 7.44
CA THR B 389 -22.83 49.21 7.70
C THR B 389 -21.73 50.03 8.38
N GLY B 390 -20.50 49.53 8.41
CA GLY B 390 -19.42 50.22 9.07
C GLY B 390 -18.87 51.37 8.25
N PRO B 391 -17.65 51.80 8.56
CA PRO B 391 -17.07 52.94 7.83
C PRO B 391 -16.93 52.64 6.35
N ASN B 392 -17.16 53.67 5.53
CA ASN B 392 -17.03 53.60 4.08
C ASN B 392 -17.90 52.51 3.47
N ALA B 393 -19.01 52.17 4.14
CA ALA B 393 -19.84 51.06 3.67
C ALA B 393 -20.36 51.29 2.27
N VAL B 394 -20.58 52.56 1.89
CA VAL B 394 -21.15 52.88 0.57
C VAL B 394 -20.24 52.41 -0.57
N TYR B 395 -18.92 52.40 -0.35
CA TYR B 395 -18.01 51.88 -1.38
C TYR B 395 -18.14 50.36 -1.50
N ALA B 396 -18.14 49.68 -0.35
CA ALA B 396 -18.26 48.22 -0.34
C ALA B 396 -19.65 47.79 -0.79
N ASN B 397 -20.69 48.51 -0.39
CA ASN B 397 -22.05 48.17 -0.80
C ASN B 397 -22.18 48.27 -2.32
N LEU B 398 -21.47 49.21 -2.94
CA LEU B 398 -21.52 49.34 -4.38
C LEU B 398 -20.84 48.16 -5.06
N ILE B 399 -19.69 47.73 -4.53
CA ILE B 399 -19.01 46.58 -5.12
C ILE B 399 -19.85 45.33 -4.92
N CYS B 400 -20.54 45.23 -3.79
CA CYS B 400 -21.37 44.05 -3.55
C CYS B 400 -22.52 43.99 -4.54
N LEU B 401 -23.24 45.11 -4.71
CA LEU B 401 -24.37 45.13 -5.64
C LEU B 401 -23.91 44.93 -7.08
N THR B 402 -22.74 45.44 -7.44
CA THR B 402 -22.31 45.35 -8.83
C THR B 402 -21.97 43.91 -9.20
N ASN B 403 -21.18 43.24 -8.36
CA ASN B 403 -20.82 41.84 -8.62
C ASN B 403 -22.03 40.93 -8.56
N ARG B 404 -22.96 41.20 -7.63
CA ARG B 404 -24.15 40.37 -7.54
C ARG B 404 -25.03 40.56 -8.76
N LEU B 405 -25.19 41.81 -9.22
CA LEU B 405 -25.95 42.05 -10.45
C LEU B 405 -25.21 41.50 -11.67
N LEU B 406 -23.88 41.57 -11.68
CA LEU B 406 -23.11 41.05 -12.80
C LEU B 406 -23.25 39.53 -12.90
N ARG B 407 -23.36 38.85 -11.76
CA ARG B 407 -23.46 37.40 -11.78
C ARG B 407 -24.77 36.95 -12.40
N ASN B 408 -25.87 37.62 -12.06
CA ASN B 408 -27.17 37.21 -12.60
C ASN B 408 -27.19 37.31 -14.12
N SER B 409 -26.53 38.34 -14.68
CA SER B 409 -26.40 38.44 -16.13
C SER B 409 -25.53 37.34 -16.72
N GLY B 410 -24.50 36.90 -15.99
CA GLY B 410 -23.68 35.81 -16.46
C GLY B 410 -22.19 35.98 -16.22
N ILE B 411 -21.69 37.21 -16.39
CA ILE B 411 -20.27 37.47 -16.15
C ILE B 411 -19.98 37.33 -14.67
N GLY B 412 -18.85 36.72 -14.35
CA GLY B 412 -18.47 36.45 -12.98
C GLY B 412 -18.44 34.97 -12.66
N ASP B 413 -18.31 34.67 -11.37
CA ASP B 413 -18.19 33.31 -10.87
C ASP B 413 -19.35 32.96 -9.95
N GLY B 414 -19.62 31.66 -9.85
CA GLY B 414 -20.68 31.16 -8.99
C GLY B 414 -22.04 31.18 -9.66
N THR B 415 -23.05 30.79 -8.88
CA THR B 415 -24.42 30.80 -9.37
C THR B 415 -25.06 32.16 -9.10
N GLN B 416 -26.26 32.33 -9.65
CA GLN B 416 -27.03 33.54 -9.41
C GLN B 416 -27.38 33.66 -7.92
N GLN B 417 -27.30 34.88 -7.39
CA GLN B 417 -27.41 35.11 -5.96
C GLN B 417 -28.47 36.15 -5.65
N ALA B 418 -29.04 36.05 -4.45
CA ALA B 418 -30.07 36.96 -4.01
C ALA B 418 -29.48 38.32 -3.69
N ILE B 419 -30.24 39.37 -3.98
CA ILE B 419 -29.87 40.75 -3.69
C ILE B 419 -30.83 41.27 -2.63
N PRO B 420 -30.40 41.48 -1.39
CA PRO B 420 -31.34 41.94 -0.35
C PRO B 420 -31.92 43.30 -0.68
N ALA B 421 -33.20 43.49 -0.31
CA ALA B 421 -33.83 44.78 -0.57
C ALA B 421 -33.18 45.90 0.24
N ALA B 422 -32.67 45.59 1.44
CA ALA B 422 -32.07 46.61 2.30
C ALA B 422 -30.82 47.23 1.66
N LEU B 423 -30.11 46.47 0.83
CA LEU B 423 -28.97 47.01 0.10
C LEU B 423 -29.42 48.01 -0.95
N TYR B 424 -30.49 47.70 -1.68
CA TYR B 424 -31.08 48.68 -2.58
C TYR B 424 -31.55 49.89 -1.79
N GLU B 425 -31.99 49.67 -0.55
CA GLU B 425 -32.52 50.73 0.28
C GLU B 425 -31.41 51.64 0.79
N ARG B 426 -30.30 51.05 1.26
CA ARG B 426 -29.21 51.84 1.80
C ARG B 426 -28.55 52.72 0.75
N LEU B 427 -28.49 52.26 -0.50
CA LEU B 427 -27.92 53.04 -1.57
C LEU B 427 -28.94 53.96 -2.24
N GLY B 428 -30.22 53.85 -1.91
CA GLY B 428 -31.20 54.74 -2.52
C GLY B 428 -31.40 54.50 -4.00
N ILE B 429 -31.15 53.30 -4.49
CA ILE B 429 -31.32 52.95 -5.89
C ILE B 429 -32.45 51.94 -5.99
N THR B 430 -33.41 52.20 -6.89
CA THR B 430 -34.42 51.19 -7.14
C THR B 430 -33.85 50.07 -8.01
N PRO B 431 -34.30 48.83 -7.80
CA PRO B 431 -33.80 47.72 -8.63
C PRO B 431 -34.00 47.93 -10.12
N GLU B 432 -35.11 48.59 -10.51
CA GLU B 432 -35.34 48.89 -11.91
C GLU B 432 -34.33 49.93 -12.42
N LYS B 433 -34.08 50.97 -11.61
CA LYS B 433 -33.07 51.97 -11.96
C LYS B 433 -31.67 51.36 -11.97
N ALA B 434 -31.38 50.48 -11.00
CA ALA B 434 -30.07 49.85 -10.92
C ALA B 434 -29.85 48.86 -12.06
N GLY B 435 -30.85 48.01 -12.34
CA GLY B 435 -30.72 47.07 -13.44
C GLY B 435 -30.67 47.75 -14.79
N ASP B 436 -31.37 48.88 -14.93
CA ASP B 436 -31.32 49.63 -16.19
C ASP B 436 -29.91 50.13 -16.46
N ALA B 437 -29.16 50.48 -15.42
CA ALA B 437 -27.79 50.92 -15.60
C ALA B 437 -26.90 49.79 -16.12
N VAL B 438 -27.11 48.57 -15.62
CA VAL B 438 -26.32 47.43 -16.08
C VAL B 438 -26.63 47.12 -17.54
N LYS B 439 -27.89 47.28 -17.95
CA LYS B 439 -28.26 47.06 -19.35
C LYS B 439 -27.56 48.07 -20.26
N LYS B 440 -27.45 49.33 -19.79
CA LYS B 440 -26.76 50.37 -20.55
C LYS B 440 -25.27 50.11 -20.65
N VAL B 441 -24.69 49.39 -19.67
CA VAL B 441 -23.27 49.06 -19.68
C VAL B 441 -23.00 47.86 -20.59
N LEU B 442 -23.84 46.83 -20.51
CA LEU B 442 -23.60 45.63 -21.30
C LEU B 442 -23.85 45.86 -22.79
N GLU B 443 -24.67 46.85 -23.16
CA GLU B 443 -24.84 47.14 -24.59
C GLU B 443 -23.53 47.58 -25.22
N ALA B 444 -22.69 48.30 -24.47
CA ALA B 444 -21.39 48.77 -24.95
C ALA B 444 -20.25 47.82 -24.58
N GLU B 445 -20.57 46.60 -24.17
CA GLU B 445 -19.57 45.67 -23.65
C GLU B 445 -18.50 45.32 -24.67
N ALA B 446 -18.83 45.34 -25.96
CA ALA B 446 -17.84 44.98 -26.96
C ALA B 446 -16.65 45.93 -26.96
N ALA B 447 -16.91 47.24 -26.80
CA ALA B 447 -15.83 48.22 -26.70
C ALA B 447 -15.02 48.03 -25.42
N LEU B 448 -15.66 47.57 -24.35
CA LEU B 448 -14.95 47.32 -23.10
C LEU B 448 -13.94 46.20 -23.25
N ARG B 449 -14.23 45.23 -24.10
CA ARG B 449 -13.34 44.10 -24.25
C ARG B 449 -12.02 44.53 -24.87
N GLU B 450 -12.07 45.44 -25.85
CA GLU B 450 -10.82 45.94 -26.44
C GLU B 450 -10.04 46.79 -25.45
N LEU B 451 -10.73 47.52 -24.56
CA LEU B 451 -10.03 48.29 -23.55
C LEU B 451 -9.37 47.39 -22.51
N ALA B 452 -9.93 46.20 -22.31
CA ALA B 452 -9.32 45.22 -21.43
C ALA B 452 -8.49 44.21 -22.21
N ALA B 453 -8.30 44.45 -23.51
CA ALA B 453 -7.40 43.64 -24.31
C ALA B 453 -6.08 44.34 -24.60
N GLN B 454 -6.01 45.66 -24.39
CA GLN B 454 -4.72 46.33 -24.38
C GLN B 454 -3.88 45.87 -23.21
N PHE B 455 -4.53 45.36 -22.16
CA PHE B 455 -3.91 45.09 -20.89
C PHE B 455 -3.55 43.61 -20.70
N ASN B 456 -3.41 42.85 -21.78
CA ASN B 456 -2.88 41.49 -21.70
C ASN B 456 -1.37 41.46 -21.63
N ARG B 457 -0.70 42.61 -21.72
CA ARG B 457 0.73 42.71 -21.45
C ARG B 457 1.00 43.83 -20.43
N ASP C 1 36.23 -15.86 44.75
CA ASP C 1 35.44 -15.25 45.81
C ASP C 1 34.55 -14.08 45.32
N ALA C 2 35.10 -12.86 45.26
CA ALA C 2 34.31 -11.72 44.83
C ALA C 2 34.01 -11.82 43.34
N PRO C 3 32.76 -11.60 42.92
CA PRO C 3 32.44 -11.65 41.50
C PRO C 3 33.15 -10.56 40.71
N HIS C 4 33.48 -10.88 39.48
CA HIS C 4 34.09 -9.93 38.57
C HIS C 4 33.53 -10.22 37.19
N ALA C 5 33.73 -9.27 36.27
CA ALA C 5 33.20 -9.44 34.93
C ALA C 5 33.89 -10.63 34.26
N PRO C 6 33.17 -11.35 33.40
CA PRO C 6 33.77 -12.55 32.78
C PRO C 6 34.99 -12.19 31.95
N GLN C 7 35.97 -13.08 31.96
CA GLN C 7 37.22 -12.80 31.27
C GLN C 7 37.01 -12.65 29.77
N VAL C 8 36.03 -13.36 29.20
CA VAL C 8 35.82 -13.28 27.75
C VAL C 8 35.37 -11.87 27.34
N ILE C 9 34.62 -11.18 28.20
CA ILE C 9 34.19 -9.82 27.87
C ILE C 9 35.32 -8.82 28.11
N LEU C 10 36.00 -8.90 29.26
CA LEU C 10 37.08 -7.96 29.57
C LEU C 10 38.22 -8.07 28.57
N GLN C 11 38.47 -9.28 28.04
CA GLN C 11 39.47 -9.42 27.00
C GLN C 11 39.01 -8.78 25.70
N LEU C 12 37.73 -8.93 25.37
CA LEU C 12 37.21 -8.36 24.12
C LEU C 12 37.30 -6.84 24.13
N LEU C 13 36.94 -6.20 25.24
CA LEU C 13 37.03 -4.74 25.30
C LEU C 13 38.47 -4.27 25.18
N ALA C 14 39.42 -5.03 25.74
CA ALA C 14 40.83 -4.73 25.54
C ALA C 14 41.25 -4.93 24.09
N LYS C 15 40.71 -5.97 23.43
CA LYS C 15 41.00 -6.24 22.03
C LYS C 15 40.53 -5.10 21.13
N LEU C 16 39.43 -4.45 21.51
CA LEU C 16 38.90 -3.30 20.78
C LEU C 16 39.41 -1.98 21.35
N GLY C 17 40.21 -2.02 22.42
CA GLY C 17 40.83 -0.82 22.94
C GLY C 17 39.92 0.14 23.68
N ILE C 18 38.86 -0.35 24.30
CA ILE C 18 37.94 0.50 25.06
C ILE C 18 38.20 0.26 26.55
N ALA C 19 38.51 1.33 27.26
CA ALA C 19 38.70 1.27 28.70
C ALA C 19 37.36 1.03 29.41
N CYS C 20 37.41 0.29 30.51
CA CYS C 20 36.20 -0.10 31.23
C CYS C 20 36.61 -0.47 32.66
N ARG C 21 35.82 0.00 33.63
CA ARG C 21 36.00 -0.35 35.02
C ARG C 21 34.73 -1.02 35.53
N GLU C 22 34.91 -2.02 36.39
CA GLU C 22 33.77 -2.74 36.94
C GLU C 22 32.99 -1.84 37.89
N VAL C 23 31.67 -2.01 37.89
CA VAL C 23 30.75 -1.29 38.78
C VAL C 23 29.71 -2.28 39.26
N SER C 24 29.53 -2.39 40.58
CA SER C 24 28.55 -3.31 41.13
C SER C 24 27.13 -2.85 40.82
N ASP C 25 26.25 -3.81 40.56
CA ASP C 25 24.85 -3.50 40.26
C ASP C 25 24.20 -2.87 41.48
N SER C 26 23.41 -1.83 41.24
CA SER C 26 22.73 -1.11 42.31
C SER C 26 21.51 -0.41 41.73
N ALA C 27 20.46 -0.35 42.52
CA ALA C 27 19.26 0.38 42.11
C ALA C 27 19.47 1.89 42.18
N GLU C 28 20.53 2.36 42.86
CA GLU C 28 20.82 3.79 42.92
C GLU C 28 21.26 4.35 41.58
N LEU C 29 21.76 3.51 40.68
CA LEU C 29 22.28 3.98 39.40
C LEU C 29 21.14 4.54 38.54
N PRO C 30 21.27 5.75 38.00
CA PRO C 30 20.19 6.32 37.19
C PRO C 30 19.92 5.52 35.92
N ALA C 31 18.64 5.46 35.54
CA ALA C 31 18.22 4.61 34.43
C ALA C 31 18.81 5.04 33.09
N ALA C 32 19.04 6.34 32.90
CA ALA C 32 19.44 6.83 31.59
C ALA C 32 20.84 6.37 31.19
N ARG C 33 21.68 6.01 32.16
CA ARG C 33 23.01 5.50 31.90
C ARG C 33 23.04 3.99 31.67
N ARG C 34 21.92 3.29 31.81
CA ARG C 34 21.88 1.82 31.73
C ARG C 34 21.33 1.40 30.38
N VAL C 35 22.18 0.76 29.58
CA VAL C 35 21.77 0.27 28.26
C VAL C 35 21.13 -1.11 28.43
N GLN C 36 19.89 -1.23 27.99
CA GLN C 36 19.20 -2.53 27.99
C GLN C 36 19.38 -3.16 26.62
N ALA C 37 19.62 -4.47 26.62
CA ALA C 37 19.76 -5.24 25.39
C ALA C 37 18.73 -6.36 25.41
N VAL C 38 17.92 -6.45 24.37
CA VAL C 38 16.95 -7.53 24.23
C VAL C 38 17.13 -8.14 22.85
N LEU C 39 16.89 -9.44 22.75
CA LEU C 39 16.99 -10.13 21.47
C LEU C 39 15.58 -10.49 21.00
N LEU C 40 15.23 -10.01 19.81
CA LEU C 40 13.94 -10.21 19.19
C LEU C 40 14.13 -11.01 17.91
N ASP C 41 13.08 -11.68 17.48
CA ASP C 41 13.16 -12.47 16.27
C ASP C 41 11.83 -12.48 15.55
N ASP C 42 11.88 -12.86 14.27
CA ASP C 42 10.71 -13.04 13.42
C ASP C 42 11.10 -14.04 12.34
N ALA C 43 10.31 -14.10 11.27
CA ALA C 43 10.61 -15.07 10.21
C ALA C 43 11.99 -14.82 9.61
N VAL C 44 12.37 -13.55 9.45
CA VAL C 44 13.63 -13.20 8.79
C VAL C 44 14.83 -13.60 9.64
N GLY C 45 14.72 -13.47 10.95
CA GLY C 45 15.82 -13.85 11.81
C GLY C 45 15.83 -13.04 13.09
N THR C 46 16.97 -13.09 13.77
CA THR C 46 17.17 -12.42 15.05
C THR C 46 17.58 -10.97 14.83
N LEU C 47 17.20 -10.11 15.77
CA LEU C 47 17.60 -8.71 15.78
C LEU C 47 17.94 -8.27 17.20
N LEU C 48 19.10 -7.62 17.35
CA LEU C 48 19.53 -7.11 18.64
C LEU C 48 19.06 -5.67 18.77
N VAL C 49 18.32 -5.38 19.85
CA VAL C 49 17.78 -4.05 20.11
C VAL C 49 18.45 -3.51 21.37
N LEU C 50 19.00 -2.29 21.28
CA LEU C 50 19.63 -1.61 22.40
C LEU C 50 18.90 -0.30 22.64
N PHE C 51 18.60 -0.01 23.91
CA PHE C 51 17.96 1.24 24.26
C PHE C 51 18.19 1.51 25.74
N PRO C 52 18.22 2.78 26.14
CA PRO C 52 18.38 3.10 27.57
C PRO C 52 17.19 2.62 28.36
N GLN C 53 17.43 2.30 29.64
CA GLN C 53 16.40 1.84 30.55
C GLN C 53 15.48 2.96 31.03
N SER C 54 15.67 4.18 30.52
CA SER C 54 14.78 5.31 30.79
C SER C 54 13.55 5.32 29.89
N GLN C 55 13.41 4.32 29.02
CA GLN C 55 12.28 4.22 28.11
C GLN C 55 11.83 2.77 28.01
N LEU C 56 10.57 2.55 27.63
CA LEU C 56 10.09 1.20 27.38
C LEU C 56 10.08 0.92 25.88
N LEU C 57 10.29 -0.35 25.54
CA LEU C 57 10.29 -0.80 24.16
C LEU C 57 8.84 -1.00 23.71
N ASP C 58 8.46 -0.34 22.61
CA ASP C 58 7.11 -0.44 22.06
C ASP C 58 7.16 -1.22 20.76
N LEU C 59 6.61 -2.43 20.77
CA LEU C 59 6.66 -3.28 19.59
C LEU C 59 5.87 -2.68 18.42
N ALA C 60 4.84 -1.89 18.71
CA ALA C 60 4.06 -1.25 17.66
C ALA C 60 4.90 -0.23 16.89
N ARG C 61 5.59 0.66 17.60
CA ARG C 61 6.47 1.62 16.92
C ARG C 61 7.64 0.92 16.22
N LEU C 62 8.09 -0.19 16.78
CA LEU C 62 9.20 -0.94 16.17
C LEU C 62 8.80 -1.49 14.80
N THR C 63 7.55 -1.97 14.68
CA THR C 63 7.04 -2.42 13.38
C THR C 63 6.84 -1.24 12.43
N GLU C 64 6.43 -0.09 12.96
CA GLU C 64 6.29 1.10 12.13
C GLU C 64 7.64 1.53 11.57
N LEU C 65 8.70 1.33 12.34
CA LEU C 65 10.05 1.70 11.90
C LEU C 65 10.64 0.68 10.94
N THR C 66 10.46 -0.61 11.21
CA THR C 66 11.14 -1.64 10.44
C THR C 66 10.26 -2.39 9.46
N GLY C 67 8.95 -2.43 9.67
CA GLY C 67 8.06 -3.24 8.88
C GLY C 67 7.98 -4.67 9.35
N ARG C 68 8.78 -5.04 10.34
CA ARG C 68 8.85 -6.39 10.87
C ARG C 68 8.03 -6.51 12.16
N LYS C 69 7.42 -7.67 12.35
CA LYS C 69 6.70 -7.95 13.59
C LYS C 69 7.59 -8.77 14.51
N LEU C 70 8.31 -8.07 15.37
CA LEU C 70 9.33 -8.67 16.22
C LEU C 70 8.74 -9.05 17.57
N LEU C 71 9.24 -10.16 18.13
CA LEU C 71 8.82 -10.65 19.42
C LEU C 71 10.06 -11.17 20.14
N ALA C 72 9.96 -11.32 21.47
CA ALA C 72 11.09 -11.86 22.23
C ALA C 72 11.39 -13.28 21.79
N ILE C 73 12.69 -13.61 21.71
CA ILE C 73 13.11 -14.97 21.30
C ILE C 73 12.80 -15.97 22.41
N LYS C 74 12.64 -17.23 22.01
CA LYS C 74 12.43 -18.29 23.00
C LYS C 74 13.67 -18.40 23.89
N PRO C 75 13.51 -18.69 25.19
CA PRO C 75 14.69 -18.72 26.06
C PRO C 75 15.75 -19.74 25.63
N GLU C 76 15.35 -20.85 25.01
CA GLU C 76 16.30 -21.81 24.47
C GLU C 76 17.18 -21.19 23.39
N ARG C 77 16.61 -20.35 22.52
CA ARG C 77 17.42 -19.60 21.58
C ARG C 77 18.33 -18.62 22.31
N LEU C 78 17.86 -18.06 23.43
CA LEU C 78 18.69 -17.17 24.23
C LEU C 78 19.81 -17.94 24.94
N GLU C 79 19.47 -19.07 25.58
CA GLU C 79 20.49 -19.81 26.32
C GLU C 79 21.56 -20.40 25.40
N ARG C 80 21.20 -20.72 24.14
CA ARG C 80 22.22 -21.15 23.20
C ARG C 80 23.15 -19.99 22.84
N MET C 81 22.58 -18.79 22.65
CA MET C 81 23.41 -17.63 22.35
C MET C 81 24.14 -17.13 23.60
N LEU C 82 23.50 -17.22 24.78
CA LEU C 82 24.19 -16.98 26.04
C LEU C 82 25.23 -18.06 26.30
N GLY C 83 24.98 -19.29 25.84
CA GLY C 83 25.94 -20.37 25.99
C GLY C 83 27.12 -20.30 25.04
N LYS C 84 26.97 -19.61 23.90
CA LYS C 84 28.05 -19.53 22.91
C LYS C 84 29.30 -18.90 23.49
N HIS C 85 29.13 -17.89 24.35
CA HIS C 85 30.23 -17.21 25.01
C HIS C 85 30.24 -17.45 26.52
N GLU C 86 29.40 -18.38 27.01
CA GLU C 86 29.32 -18.77 28.43
C GLU C 86 28.90 -17.59 29.33
N LEU C 87 27.85 -16.88 28.92
CA LEU C 87 27.33 -15.76 29.67
C LEU C 87 25.95 -16.11 30.23
N HIS C 88 25.58 -15.45 31.33
CA HIS C 88 24.27 -15.63 31.96
C HIS C 88 23.39 -14.39 31.90
N ARG C 89 23.86 -13.31 31.27
CA ARG C 89 23.07 -12.13 30.98
C ARG C 89 23.50 -11.65 29.61
N LEU C 90 22.75 -10.72 29.03
CA LEU C 90 23.10 -10.28 27.68
C LEU C 90 23.66 -8.87 27.76
N PRO C 91 24.98 -8.71 27.67
CA PRO C 91 25.56 -7.37 27.56
C PRO C 91 25.19 -6.69 26.25
N ALA C 92 25.17 -5.35 26.28
CA ALA C 92 24.87 -4.57 25.08
C ALA C 92 26.12 -4.45 24.20
N LEU C 93 26.57 -5.61 23.72
CA LEU C 93 27.72 -5.71 22.83
C LEU C 93 27.35 -6.38 21.51
N PRO C 94 27.22 -5.61 20.43
CA PRO C 94 26.85 -6.18 19.13
C PRO C 94 27.81 -7.25 18.64
N PRO C 95 29.11 -7.19 18.99
CA PRO C 95 30.01 -8.26 18.55
C PRO C 95 29.61 -9.67 18.95
N LEU C 96 28.91 -9.84 20.08
CA LEU C 96 28.61 -11.19 20.58
C LEU C 96 27.74 -12.01 19.62
N THR C 97 27.02 -11.39 18.70
CA THR C 97 26.21 -12.14 17.75
C THR C 97 26.43 -11.58 16.34
N SER C 98 26.13 -12.42 15.35
CA SER C 98 26.10 -12.00 13.95
C SER C 98 24.82 -11.26 13.60
N SER C 99 23.85 -11.22 14.53
CA SER C 99 22.54 -10.66 14.25
C SER C 99 22.64 -9.15 14.06
N PRO C 100 21.79 -8.57 13.22
CA PRO C 100 21.78 -7.11 13.05
C PRO C 100 21.39 -6.40 14.33
N CYS C 101 21.93 -5.21 14.52
CA CYS C 101 21.73 -4.41 15.73
C CYS C 101 21.01 -3.11 15.41
N LEU C 102 20.07 -2.74 16.28
CA LEU C 102 19.37 -1.45 16.24
C LEU C 102 19.43 -0.80 17.62
N TYR C 103 19.70 0.51 17.64
CA TYR C 103 19.83 1.23 18.89
C TYR C 103 19.18 2.60 18.78
N ASP C 104 18.64 3.06 19.89
CA ASP C 104 18.05 4.39 19.95
C ASP C 104 19.15 5.43 20.12
N GLU C 105 19.06 6.53 19.35
CA GLU C 105 20.13 7.53 19.36
C GLU C 105 20.30 8.16 20.74
N ARG C 106 19.21 8.31 21.48
CA ARG C 106 19.25 9.04 22.75
C ARG C 106 20.12 8.34 23.77
N LEU C 107 20.37 7.04 23.56
CA LEU C 107 21.29 6.25 24.40
C LEU C 107 22.60 6.98 24.62
N LEU C 108 23.11 7.67 23.60
CA LEU C 108 24.45 8.26 23.61
C LEU C 108 24.54 9.56 24.39
N GLN C 109 23.42 10.11 24.84
CA GLN C 109 23.42 11.42 25.48
C GLN C 109 24.23 11.43 26.78
N GLU C 110 24.25 10.30 27.55
CA GLU C 110 25.00 10.28 28.80
C GLU C 110 26.47 9.92 28.56
N PRO C 111 27.41 10.73 29.03
CA PRO C 111 28.84 10.42 28.81
C PRO C 111 29.29 9.09 29.37
N ARG C 112 28.70 8.63 30.47
CA ARG C 112 29.14 7.41 31.13
C ARG C 112 28.03 6.37 31.02
N LEU C 113 28.21 5.38 30.13
CA LEU C 113 27.21 4.33 29.94
C LEU C 113 27.51 3.12 30.82
N LEU C 114 26.45 2.35 31.13
CA LEU C 114 26.56 1.13 31.93
C LEU C 114 25.84 -0.01 31.24
N ILE C 115 26.57 -1.08 30.93
CA ILE C 115 26.00 -2.28 30.33
C ILE C 115 26.16 -3.44 31.31
N GLU C 116 25.30 -4.43 31.14
CA GLU C 116 25.45 -5.65 31.91
C GLU C 116 26.75 -6.32 31.54
N SER C 117 27.45 -6.85 32.55
CA SER C 117 28.67 -7.62 32.32
C SER C 117 28.36 -8.98 31.71
N GLY C 118 27.15 -9.48 31.89
CA GLY C 118 26.81 -10.86 31.63
C GLY C 118 26.98 -11.76 32.82
N GLN C 119 27.75 -11.31 33.82
CA GLN C 119 27.78 -11.91 35.14
C GLN C 119 26.86 -11.10 36.03
N PRO C 120 25.84 -11.69 36.62
CA PRO C 120 24.85 -10.89 37.35
C PRO C 120 25.48 -10.13 38.50
N GLY C 121 24.98 -8.91 38.73
CA GLY C 121 25.49 -8.05 39.77
C GLY C 121 26.64 -7.15 39.36
N ILE C 122 27.25 -7.40 38.21
CA ILE C 122 28.38 -6.62 37.71
C ILE C 122 27.97 -5.89 36.45
N LEU C 123 28.14 -4.57 36.43
CA LEU C 123 27.98 -3.76 35.24
C LEU C 123 29.34 -3.19 34.81
N LEU C 124 29.44 -2.83 33.53
CA LEU C 124 30.63 -2.17 32.99
C LEU C 124 30.34 -0.73 32.61
N GLU C 125 31.19 0.18 33.07
CA GLU C 125 31.10 1.60 32.74
C GLU C 125 32.01 1.90 31.55
N ILE C 126 31.43 2.46 30.49
CA ILE C 126 32.12 2.76 29.24
C ILE C 126 31.90 4.24 28.91
N ALA C 127 32.93 4.89 28.38
CA ALA C 127 32.77 6.25 27.88
C ALA C 127 31.80 6.26 26.72
N SER C 128 30.95 7.30 26.66
CA SER C 128 29.90 7.33 25.64
C SER C 128 30.50 7.33 24.25
N ASN C 129 31.52 8.16 24.04
CA ASN C 129 32.08 8.27 22.71
C ASN C 129 32.77 6.97 22.29
N ASP C 130 33.34 6.23 23.25
CA ASP C 130 33.91 4.92 22.95
C ASP C 130 32.83 3.90 22.58
N PHE C 131 31.66 3.99 23.23
CA PHE C 131 30.57 3.05 22.94
C PHE C 131 30.07 3.26 21.51
N ARG C 132 30.17 4.49 21.01
CA ARG C 132 29.74 4.79 19.64
C ARG C 132 30.51 3.96 18.64
N GLY C 133 31.76 3.58 18.96
CA GLY C 133 32.57 2.81 18.03
C GLY C 133 32.06 1.42 17.77
N LEU C 134 31.33 0.83 18.72
CA LEU C 134 30.76 -0.49 18.49
C LEU C 134 29.53 -0.46 17.60
N LEU C 135 28.99 0.73 17.34
CA LEU C 135 27.72 0.91 16.65
C LEU C 135 27.90 1.31 15.19
N GLY C 136 29.08 1.09 14.62
CA GLY C 136 29.34 1.55 13.26
C GLY C 136 28.51 0.81 12.22
N LYS C 137 28.17 -0.45 12.47
CA LYS C 137 27.37 -1.23 11.55
C LYS C 137 25.94 -1.46 12.08
N ALA C 138 25.51 -0.67 13.05
CA ALA C 138 24.17 -0.73 13.61
C ALA C 138 23.28 0.34 12.98
N SER C 139 21.97 0.21 13.19
CA SER C 139 21.00 1.23 12.79
C SER C 139 20.73 2.19 13.94
N ALA C 140 20.59 3.47 13.62
CA ALA C 140 20.24 4.50 14.59
C ALA C 140 18.82 4.98 14.33
N ALA C 141 18.02 5.09 15.39
CA ALA C 141 16.62 5.48 15.28
C ALA C 141 16.15 6.08 16.60
N ARG C 142 14.95 6.64 16.57
CA ARG C 142 14.26 7.07 17.77
C ARG C 142 12.96 6.26 17.84
N PHE C 143 12.92 5.30 18.76
CA PHE C 143 11.79 4.37 18.83
C PHE C 143 11.34 4.03 20.25
N GLY C 144 12.15 4.27 21.29
CA GLY C 144 11.69 4.01 22.63
C GLY C 144 10.69 5.05 23.10
N GLU C 145 9.83 4.64 24.04
CA GLU C 145 8.87 5.56 24.65
C GLU C 145 9.41 6.00 25.99
N PRO C 146 9.78 7.26 26.19
CA PRO C 146 10.39 7.65 27.45
C PRO C 146 9.42 7.40 28.59
N LEU C 147 9.97 6.94 29.72
CA LEU C 147 9.12 6.62 30.86
C LEU C 147 8.46 7.86 31.43
N GLU C 148 9.09 9.02 31.27
CA GLU C 148 8.52 10.24 31.85
C GLU C 148 7.18 10.61 31.20
N ASN C 149 6.90 10.09 30.00
CA ASN C 149 5.59 10.29 29.40
C ASN C 149 4.53 9.37 29.98
N ILE C 150 4.90 8.39 30.79
CA ILE C 150 3.97 7.47 31.41
C ILE C 150 3.70 7.90 32.85
N ASN C 151 2.47 8.34 33.12
CA ASN C 151 2.09 8.88 34.44
C ASN C 151 1.37 7.77 35.20
N LEU C 152 2.07 7.12 36.12
CA LEU C 152 1.44 6.15 37.02
C LEU C 152 0.51 6.82 38.02
N ASN C 153 -0.62 6.17 38.28
CA ASN C 153 -1.60 6.65 39.27
C ASN C 153 -1.32 5.99 40.62
N LEU C 154 -0.41 6.57 41.40
CA LEU C 154 -0.17 6.16 42.77
C LEU C 154 -0.76 7.10 43.79
N ASP C 155 -1.34 8.21 43.32
CA ASP C 155 -1.60 9.36 44.15
C ASP C 155 -3.03 9.85 44.07
N ARG C 156 -3.82 9.38 43.10
CA ARG C 156 -5.15 9.91 42.84
C ARG C 156 -6.17 8.80 42.71
N PRO C 157 -6.51 8.14 43.83
CA PRO C 157 -7.53 7.10 43.79
C PRO C 157 -8.90 7.62 43.38
N ASP C 158 -9.16 8.91 43.54
CA ASP C 158 -10.45 9.47 43.16
C ASP C 158 -10.69 9.40 41.66
N ASP C 159 -9.64 9.39 40.85
CA ASP C 159 -9.75 9.24 39.40
C ASP C 159 -9.86 7.79 38.93
N ASP C 160 -9.78 6.79 39.83
CA ASP C 160 -9.78 5.40 39.40
C ASP C 160 -11.02 5.05 38.59
N ARG C 161 -12.21 5.40 39.09
CA ARG C 161 -13.42 5.03 38.35
C ARG C 161 -13.43 5.66 36.95
N ALA C 162 -12.93 6.89 36.84
CA ALA C 162 -12.93 7.56 35.54
C ALA C 162 -11.96 6.91 34.56
N GLU C 163 -10.73 6.67 35.00
CA GLU C 163 -9.70 6.13 34.12
C GLU C 163 -10.01 4.71 33.66
N ILE C 164 -10.61 3.89 34.52
CA ILE C 164 -11.04 2.55 34.12
C ILE C 164 -12.16 2.64 33.08
N SER C 165 -13.12 3.55 33.29
CA SER C 165 -14.18 3.71 32.31
C SER C 165 -13.63 4.16 30.96
N GLN C 166 -12.54 4.94 30.97
CA GLN C 166 -11.91 5.32 29.72
C GLN C 166 -11.32 4.11 29.01
N ALA C 167 -10.54 3.32 29.75
CA ALA C 167 -9.86 2.18 29.11
C ALA C 167 -10.94 1.24 28.57
N VAL C 168 -11.98 1.04 29.37
CA VAL C 168 -13.03 0.08 28.93
C VAL C 168 -13.64 0.60 27.64
N GLN C 169 -13.89 1.91 27.56
CA GLN C 169 -14.59 2.39 26.34
C GLN C 169 -13.72 2.13 25.11
N ALA C 170 -12.43 2.40 25.20
CA ALA C 170 -11.57 2.27 24.00
C ALA C 170 -11.46 0.81 23.53
N PHE C 171 -11.29 -0.13 24.46
CA PHE C 171 -11.01 -1.52 24.01
C PHE C 171 -12.05 -2.59 24.37
N THR C 172 -13.14 -2.24 25.01
CA THR C 172 -14.00 -3.36 25.43
C THR C 172 -15.04 -3.71 24.40
N ALA C 173 -15.65 -2.69 23.80
CA ALA C 173 -16.78 -2.96 22.90
C ALA C 173 -17.99 -3.27 23.76
N ARG C 174 -17.80 -3.17 25.07
CA ARG C 174 -18.95 -3.40 25.96
C ARG C 174 -19.80 -2.14 25.93
N ARG C 175 -21.12 -2.32 25.95
CA ARG C 175 -22.04 -1.17 25.93
C ARG C 175 -21.81 -0.34 27.17
N ILE C 176 -21.63 0.96 27.01
CA ILE C 176 -21.30 1.77 28.21
C ILE C 176 -22.61 2.06 28.92
N GLN C 177 -22.74 1.55 30.14
CA GLN C 177 -23.96 1.85 30.92
C GLN C 177 -23.65 2.96 31.92
N GLN C 178 -24.68 3.60 32.45
CA GLN C 178 -24.48 4.73 33.36
C GLN C 178 -23.46 4.42 34.45
N ARG C 179 -23.36 3.16 34.88
CA ARG C 179 -22.45 2.76 35.93
C ARG C 179 -21.38 1.84 35.39
N LEU C 180 -20.17 1.96 35.95
CA LEU C 180 -19.07 1.12 35.51
C LEU C 180 -19.35 -0.35 35.78
N GLU C 181 -19.99 -0.66 36.92
CA GLU C 181 -20.30 -2.05 37.23
C GLU C 181 -21.30 -2.63 36.23
N GLN C 182 -22.26 -1.81 35.79
CA GLN C 182 -23.18 -2.27 34.74
C GLN C 182 -22.45 -2.50 33.42
N THR C 183 -21.47 -1.62 33.10
CA THR C 183 -20.76 -1.73 31.84
C THR C 183 -19.89 -2.98 31.79
N ILE C 184 -19.14 -3.27 32.86
CA ILE C 184 -18.30 -4.46 32.90
C ILE C 184 -19.16 -5.68 33.17
N GLU C 185 -18.76 -6.82 32.61
CA GLU C 185 -19.39 -8.11 32.91
C GLU C 185 -18.70 -8.64 34.16
N ILE C 186 -19.35 -8.49 35.31
CA ILE C 186 -18.77 -8.87 36.60
C ILE C 186 -19.21 -10.29 36.91
N PRO C 187 -18.30 -11.22 37.17
CA PRO C 187 -18.71 -12.55 37.59
C PRO C 187 -19.44 -12.49 38.92
N PRO C 188 -20.41 -13.38 39.12
CA PRO C 188 -21.27 -13.27 40.32
C PRO C 188 -20.51 -13.31 41.63
N LEU C 189 -19.37 -14.03 41.70
CA LEU C 189 -18.58 -14.36 42.87
C LEU C 189 -19.21 -15.60 43.51
N PRO C 190 -18.43 -16.66 43.74
CA PRO C 190 -19.03 -17.94 44.17
C PRO C 190 -19.75 -17.78 45.50
N GLN C 191 -20.85 -18.53 45.63
CA GLN C 191 -21.61 -18.47 46.89
C GLN C 191 -20.75 -18.87 48.06
N THR C 192 -19.76 -19.76 47.83
CA THR C 192 -18.83 -20.15 48.88
C THR C 192 -18.08 -18.94 49.43
N ALA C 193 -17.59 -18.08 48.51
CA ALA C 193 -16.92 -16.86 48.95
C ALA C 193 -17.90 -15.90 49.62
N GLN C 194 -19.16 -15.85 49.17
CA GLN C 194 -20.13 -14.94 49.80
C GLN C 194 -20.40 -15.31 51.24
N LYS C 195 -20.44 -16.62 51.55
CA LYS C 195 -20.71 -17.05 52.92
C LYS C 195 -19.55 -16.69 53.85
N ILE C 196 -18.32 -16.85 53.38
CA ILE C 196 -17.17 -16.52 54.21
C ILE C 196 -17.11 -15.01 54.47
N ILE C 197 -17.53 -14.21 53.49
CA ILE C 197 -17.51 -12.75 53.64
C ILE C 197 -18.45 -12.34 54.77
N LYS C 198 -19.66 -12.89 54.79
CA LYS C 198 -20.59 -12.59 55.88
C LYS C 198 -20.10 -13.20 57.19
N LEU C 199 -19.40 -14.34 57.11
CA LEU C 199 -18.88 -14.98 58.31
C LEU C 199 -17.75 -14.18 58.95
N ARG C 200 -16.93 -13.50 58.14
CA ARG C 200 -15.80 -12.75 58.68
C ARG C 200 -16.28 -11.61 59.57
N VAL C 201 -17.44 -11.02 59.25
CA VAL C 201 -17.93 -9.83 59.94
C VAL C 201 -18.67 -10.17 61.23
N ASP C 202 -18.81 -11.45 61.56
CA ASP C 202 -19.43 -11.82 62.84
C ASP C 202 -18.39 -11.64 63.95
N PRO C 203 -18.62 -10.74 64.91
CA PRO C 203 -17.66 -10.62 66.02
C PRO C 203 -17.51 -11.91 66.81
N ASN C 204 -18.60 -12.68 66.92
CA ASN C 204 -18.65 -13.93 67.70
C ASN C 204 -18.86 -15.15 66.79
N ALA C 205 -18.23 -15.15 65.63
CA ALA C 205 -18.14 -16.35 64.83
C ALA C 205 -17.31 -17.39 65.56
N SER C 206 -17.67 -18.66 65.40
CA SER C 206 -17.08 -19.74 66.17
C SER C 206 -16.44 -20.76 65.24
N VAL C 207 -15.58 -21.62 65.80
CA VAL C 207 -14.86 -22.62 65.01
C VAL C 207 -15.82 -23.63 64.39
N ASP C 208 -16.97 -23.87 65.04
CA ASP C 208 -17.98 -24.72 64.42
C ASP C 208 -18.50 -24.08 63.14
N ASP C 209 -18.61 -22.76 63.12
CA ASP C 209 -19.12 -22.07 61.94
C ASP C 209 -18.16 -22.21 60.75
N ILE C 210 -16.85 -22.12 61.00
CA ILE C 210 -15.86 -22.21 59.91
C ILE C 210 -15.69 -23.64 59.44
N THR C 211 -15.73 -24.61 60.36
CA THR C 211 -15.64 -25.99 59.91
C THR C 211 -16.89 -26.37 59.11
N GLY C 212 -18.06 -25.86 59.52
CA GLY C 212 -19.28 -26.18 58.79
C GLY C 212 -19.32 -25.56 57.41
N LEU C 213 -18.92 -24.29 57.29
CA LEU C 213 -18.97 -23.61 56.00
C LEU C 213 -17.93 -24.15 55.02
N VAL C 214 -16.72 -24.46 55.48
CA VAL C 214 -15.70 -25.00 54.58
C VAL C 214 -16.11 -26.38 54.09
N GLU C 215 -16.86 -27.11 54.90
CA GLU C 215 -17.27 -28.46 54.57
C GLU C 215 -18.47 -28.48 53.62
N THR C 216 -19.16 -27.34 53.43
CA THR C 216 -20.20 -27.22 52.41
C THR C 216 -19.60 -27.28 51.01
N ASP C 217 -18.32 -26.99 50.88
CA ASP C 217 -17.61 -26.97 49.61
C ASP C 217 -16.49 -27.99 49.75
N PRO C 218 -16.75 -29.26 49.44
CA PRO C 218 -15.70 -30.28 49.53
C PRO C 218 -14.48 -30.00 48.66
N ALA C 219 -14.65 -29.35 47.50
CA ALA C 219 -13.50 -29.06 46.64
C ALA C 219 -12.51 -28.12 47.31
N LEU C 220 -13.01 -27.02 47.90
CA LEU C 220 -12.13 -26.09 48.62
C LEU C 220 -11.56 -26.73 49.89
N ALA C 221 -12.36 -27.52 50.60
CA ALA C 221 -11.89 -28.12 51.85
C ALA C 221 -10.70 -29.05 51.63
N ALA C 222 -10.65 -29.73 50.47
CA ALA C 222 -9.51 -30.59 50.17
C ALA C 222 -8.23 -29.79 50.01
N GLN C 223 -8.32 -28.58 49.43
CA GLN C 223 -7.16 -27.71 49.29
C GLN C 223 -6.65 -27.20 50.63
N VAL C 224 -7.55 -26.99 51.61
CA VAL C 224 -7.14 -26.42 52.90
C VAL C 224 -6.30 -27.40 53.70
N VAL C 225 -6.73 -28.67 53.79
CA VAL C 225 -5.97 -29.69 54.52
C VAL C 225 -4.65 -29.96 53.80
N SER C 226 -4.63 -29.88 52.48
CA SER C 226 -3.37 -30.00 51.74
C SER C 226 -2.42 -28.85 52.08
N TRP C 227 -2.97 -27.67 52.38
CA TRP C 227 -2.14 -26.55 52.82
C TRP C 227 -1.51 -26.83 54.17
N ALA C 228 -2.32 -27.35 55.12
CA ALA C 228 -1.81 -27.71 56.43
C ALA C 228 -0.85 -28.88 56.35
N ALA C 229 -1.01 -29.74 55.34
CA ALA C 229 -0.14 -30.88 55.14
C ALA C 229 1.26 -30.50 54.67
N SER C 230 1.47 -29.26 54.24
CA SER C 230 2.75 -28.89 53.67
C SER C 230 3.86 -28.99 54.73
N PRO C 231 5.05 -29.46 54.34
CA PRO C 231 6.17 -29.54 55.29
C PRO C 231 6.58 -28.20 55.87
N TYR C 232 6.34 -27.11 55.15
CA TYR C 232 6.65 -25.77 55.63
C TYR C 232 5.93 -25.49 56.97
N TYR C 233 4.60 -25.56 56.95
CA TYR C 233 3.81 -25.16 58.16
C TYR C 233 3.58 -26.27 59.18
N ALA C 234 3.80 -27.55 58.87
CA ALA C 234 3.42 -28.59 59.86
C ALA C 234 4.47 -29.68 60.10
N ALA C 235 4.43 -30.29 61.30
CA ALA C 235 5.31 -31.43 61.64
C ALA C 235 4.71 -32.68 61.01
N PRO C 236 5.35 -33.89 60.99
CA PRO C 236 4.86 -35.07 60.24
C PRO C 236 3.45 -35.07 59.65
N GLY C 237 2.59 -35.99 60.08
CA GLY C 237 1.34 -36.24 59.39
C GLY C 237 0.11 -36.32 60.25
N LYS C 238 -0.38 -35.18 60.73
CA LYS C 238 -1.65 -35.10 61.45
C LYS C 238 -2.63 -34.28 60.61
N ILE C 239 -3.64 -34.93 60.04
CA ILE C 239 -4.56 -34.25 59.13
C ILE C 239 -6.01 -34.38 59.60
N ARG C 240 -6.50 -35.62 59.73
CA ARG C 240 -7.87 -35.96 60.18
C ARG C 240 -8.88 -35.15 59.36
N SER C 241 -9.86 -34.48 59.99
CA SER C 241 -10.89 -33.72 59.31
C SER C 241 -10.41 -32.29 59.12
N VAL C 242 -11.20 -31.52 58.37
CA VAL C 242 -10.94 -30.08 58.26
C VAL C 242 -10.91 -29.41 59.63
N GLU C 243 -11.79 -29.83 60.56
CA GLU C 243 -11.77 -29.23 61.90
C GLU C 243 -10.46 -29.54 62.62
N ASP C 244 -9.89 -30.72 62.39
CA ASP C 244 -8.60 -31.05 62.99
C ASP C 244 -7.45 -30.28 62.34
N ALA C 245 -7.48 -30.12 61.01
CA ALA C 245 -6.42 -29.37 60.34
C ALA C 245 -6.41 -27.90 60.75
N ILE C 246 -7.59 -27.32 61.00
CA ILE C 246 -7.72 -25.93 61.46
C ILE C 246 -7.10 -25.80 62.85
N VAL C 247 -7.38 -26.79 63.71
CA VAL C 247 -7.05 -26.73 65.14
C VAL C 247 -5.59 -27.10 65.38
N ARG C 248 -5.06 -28.04 64.61
CA ARG C 248 -3.74 -28.57 64.87
C ARG C 248 -2.62 -27.78 64.20
N VAL C 249 -2.86 -27.17 63.05
CA VAL C 249 -1.78 -26.58 62.24
C VAL C 249 -1.92 -25.05 62.13
N LEU C 250 -2.99 -24.57 61.50
CA LEU C 250 -3.06 -23.17 61.08
C LEU C 250 -3.73 -22.25 62.09
N GLY C 251 -4.73 -22.71 62.83
CA GLY C 251 -5.51 -21.86 63.70
C GLY C 251 -6.70 -21.22 62.98
N PHE C 252 -7.60 -20.68 63.80
CA PHE C 252 -8.82 -20.08 63.25
C PHE C 252 -8.54 -18.81 62.44
N ASP C 253 -7.63 -17.95 62.92
CA ASP C 253 -7.42 -16.67 62.22
C ASP C 253 -6.85 -16.90 60.81
N LEU C 254 -5.88 -17.81 60.68
CA LEU C 254 -5.26 -18.03 59.37
C LEU C 254 -6.25 -18.71 58.42
N VAL C 255 -6.98 -19.71 58.90
CA VAL C 255 -7.81 -20.53 58.01
C VAL C 255 -9.06 -19.76 57.54
N ILE C 256 -9.65 -18.89 58.37
CA ILE C 256 -10.83 -18.16 57.91
C ILE C 256 -10.47 -17.25 56.75
N ASN C 257 -9.27 -16.66 56.80
CA ASN C 257 -8.86 -15.77 55.73
C ASN C 257 -8.31 -16.58 54.55
N LEU C 258 -7.56 -17.65 54.82
CA LEU C 258 -6.97 -18.46 53.74
C LEU C 258 -8.04 -19.10 52.86
N ALA C 259 -9.12 -19.60 53.47
CA ALA C 259 -10.20 -20.14 52.65
C ALA C 259 -10.87 -19.04 51.85
N LEU C 260 -10.94 -17.82 52.38
CA LEU C 260 -11.53 -16.72 51.63
C LEU C 260 -10.70 -16.37 50.41
N GLY C 261 -9.37 -16.39 50.54
CA GLY C 261 -8.54 -16.05 49.40
C GLY C 261 -8.61 -17.11 48.31
N LEU C 262 -8.50 -18.38 48.69
CA LEU C 262 -8.55 -19.44 47.69
C LEU C 262 -9.93 -19.53 47.05
N ALA C 263 -10.99 -19.20 47.79
CA ALA C 263 -12.33 -19.22 47.21
C ALA C 263 -12.50 -18.14 46.14
N LEU C 264 -11.85 -16.99 46.30
CA LEU C 264 -11.87 -15.95 45.27
C LEU C 264 -11.11 -16.36 44.02
N GLY C 265 -10.13 -17.26 44.15
CA GLY C 265 -9.35 -17.71 43.00
C GLY C 265 -10.19 -18.44 41.96
N LYS C 266 -11.25 -19.12 42.40
CA LYS C 266 -12.13 -19.83 41.47
C LYS C 266 -13.14 -18.92 40.79
N SER C 267 -13.27 -17.67 41.25
CA SER C 267 -14.23 -16.74 40.65
C SER C 267 -13.85 -16.33 39.24
N LEU C 268 -12.56 -16.38 38.90
CA LEU C 268 -12.06 -16.02 37.58
C LEU C 268 -11.07 -17.06 37.10
N SER C 269 -11.21 -17.46 35.85
CA SER C 269 -10.32 -18.45 35.28
C SER C 269 -8.93 -17.85 35.07
N LEU C 270 -7.92 -18.73 35.08
CA LEU C 270 -6.57 -18.28 34.80
C LEU C 270 -6.47 -17.78 33.35
N PRO C 271 -5.64 -16.78 33.10
CA PRO C 271 -5.53 -16.25 31.74
C PRO C 271 -5.01 -17.30 30.76
N LYS C 272 -5.52 -17.22 29.52
CA LYS C 272 -5.07 -18.16 28.49
C LYS C 272 -3.63 -17.90 28.06
N ASP C 273 -3.15 -16.67 28.21
CA ASP C 273 -1.79 -16.30 27.84
C ASP C 273 -1.02 -15.87 29.07
N GLN C 274 0.31 -15.93 28.98
CA GLN C 274 1.17 -15.49 30.06
C GLN C 274 2.49 -15.02 29.47
N PRO C 275 3.22 -14.13 30.14
CA PRO C 275 4.58 -13.83 29.69
C PRO C 275 5.44 -15.09 29.77
N GLN C 276 6.31 -15.27 28.80
CA GLN C 276 7.15 -16.46 28.83
C GLN C 276 8.12 -16.38 30.00
N GLN C 277 8.29 -17.50 30.68
CA GLN C 277 9.16 -17.60 31.86
C GLN C 277 8.86 -16.48 32.87
N ALA C 278 7.58 -16.24 33.10
CA ALA C 278 7.16 -15.42 34.24
C ALA C 278 7.01 -16.34 35.44
N THR C 279 7.17 -15.78 36.63
CA THR C 279 6.92 -16.55 37.84
C THR C 279 5.44 -16.91 37.86
N PRO C 280 5.08 -18.16 38.11
CA PRO C 280 3.66 -18.56 38.03
C PRO C 280 2.83 -17.79 39.03
N TYR C 281 1.58 -17.51 38.65
CA TYR C 281 0.74 -16.63 39.43
C TYR C 281 0.65 -17.07 40.89
N TRP C 282 0.35 -18.35 41.11
CA TRP C 282 0.18 -18.83 42.48
C TRP C 282 1.50 -18.94 43.23
N GLN C 283 2.62 -19.14 42.52
CA GLN C 283 3.92 -19.04 43.18
C GLN C 283 4.16 -17.63 43.68
N GLN C 284 3.87 -16.63 42.84
CA GLN C 284 4.04 -15.25 43.26
C GLN C 284 3.12 -14.90 44.42
N ALA C 285 1.92 -15.50 44.46
CA ALA C 285 1.01 -15.24 45.57
C ALA C 285 1.48 -15.91 46.84
N ILE C 286 1.87 -17.18 46.75
CA ILE C 286 2.32 -17.93 47.92
C ILE C 286 3.61 -17.32 48.46
N TYR C 287 4.56 -17.03 47.58
CA TYR C 287 5.80 -16.38 48.02
C TYR C 287 5.49 -15.07 48.75
N THR C 288 4.60 -14.23 48.18
CA THR C 288 4.30 -12.94 48.80
C THR C 288 3.60 -13.11 50.15
N ALA C 289 2.69 -14.08 50.25
CA ALA C 289 1.93 -14.24 51.49
C ALA C 289 2.82 -14.76 52.63
N ALA C 290 3.64 -15.77 52.35
CA ALA C 290 4.51 -16.33 53.38
C ALA C 290 5.55 -15.32 53.87
N VAL C 291 6.02 -14.44 52.98
CA VAL C 291 6.99 -13.41 53.40
C VAL C 291 6.31 -12.39 54.30
N ILE C 292 5.02 -12.09 54.06
CA ILE C 292 4.31 -11.17 54.95
C ILE C 292 4.19 -11.76 56.35
N GLU C 293 3.98 -13.07 56.45
CA GLU C 293 3.83 -13.71 57.76
C GLU C 293 5.11 -13.57 58.58
N GLY C 294 6.25 -13.78 57.93
CA GLY C 294 7.51 -13.61 58.63
C GLY C 294 7.80 -12.17 58.96
N LEU C 295 7.40 -11.25 58.07
CA LEU C 295 7.52 -9.83 58.37
C LEU C 295 6.56 -9.40 59.47
N THR C 296 5.35 -9.99 59.49
CA THR C 296 4.40 -9.65 60.54
C THR C 296 4.91 -10.04 61.91
N ARG C 297 5.57 -11.20 62.01
CA ARG C 297 6.14 -11.60 63.28
C ARG C 297 7.29 -10.70 63.70
N ALA C 298 8.02 -10.12 62.74
CA ALA C 298 9.13 -9.23 63.08
C ALA C 298 8.68 -7.82 63.38
N MET C 299 7.45 -7.52 63.13
CA MET C 299 6.96 -6.19 63.40
C MET C 299 6.62 -6.07 64.88
N PRO C 300 6.82 -4.90 65.49
CA PRO C 300 6.35 -4.72 66.87
C PRO C 300 4.83 -4.83 66.98
N ARG C 301 4.34 -5.41 68.09
CA ARG C 301 2.89 -5.58 68.26
C ARG C 301 2.17 -4.26 68.21
N GLU C 302 2.81 -3.21 68.68
CA GLU C 302 2.17 -1.91 68.75
C GLU C 302 1.70 -1.50 67.36
N LEU C 303 2.37 -2.01 66.33
CA LEU C 303 2.09 -1.72 64.93
C LEU C 303 1.61 -2.93 64.14
N ARG C 304 1.59 -4.12 64.73
CA ARG C 304 1.23 -5.37 64.03
C ARG C 304 -0.23 -5.37 63.59
N PRO C 305 -0.51 -5.69 62.33
CA PRO C 305 -1.91 -5.87 61.91
C PRO C 305 -2.36 -7.30 62.19
N GLU C 306 -3.61 -7.61 61.86
CA GLU C 306 -4.08 -8.99 61.97
C GLU C 306 -3.31 -9.88 61.02
N SER C 307 -2.66 -10.92 61.56
CA SER C 307 -1.79 -11.74 60.73
C SER C 307 -2.57 -12.45 59.64
N GLY C 308 -3.81 -12.85 59.94
CA GLY C 308 -4.60 -13.56 58.93
C GLY C 308 -5.05 -12.67 57.79
N LEU C 309 -5.47 -11.44 58.11
CA LEU C 309 -5.85 -10.50 57.05
C LEU C 309 -4.65 -10.01 56.25
N SER C 310 -3.49 -9.88 56.91
CA SER C 310 -2.27 -9.54 56.18
C SER C 310 -1.87 -10.64 55.22
N TYR C 311 -2.08 -11.91 55.63
CA TYR C 311 -1.78 -13.03 54.78
C TYR C 311 -2.69 -13.05 53.56
N LEU C 312 -3.95 -12.65 53.75
CA LEU C 312 -4.87 -12.55 52.62
C LEU C 312 -4.46 -11.44 51.66
N GLY C 313 -3.86 -10.36 52.17
CA GLY C 313 -3.42 -9.29 51.30
C GLY C 313 -2.29 -9.72 50.38
N GLY C 314 -1.39 -10.56 50.89
CA GLY C 314 -0.34 -11.10 50.04
C GLY C 314 -0.87 -12.06 48.99
N LEU C 315 -1.92 -12.80 49.32
CA LEU C 315 -2.50 -13.73 48.36
C LEU C 315 -3.17 -13.01 47.19
N LEU C 316 -3.71 -11.83 47.43
CA LEU C 316 -4.51 -11.16 46.42
C LEU C 316 -3.86 -9.91 45.85
N HIS C 317 -2.59 -9.67 46.19
CA HIS C 317 -1.95 -8.45 45.72
C HIS C 317 -1.89 -8.40 44.20
N ASN C 318 -1.84 -9.57 43.58
CA ASN C 318 -1.70 -9.64 42.13
C ASN C 318 -3.02 -9.86 41.44
N PHE C 319 -4.14 -9.70 42.14
CA PHE C 319 -5.44 -10.11 41.60
C PHE C 319 -5.81 -9.31 40.36
N GLY C 320 -5.33 -8.07 40.22
CA GLY C 320 -5.68 -7.30 39.05
C GLY C 320 -5.16 -7.92 37.76
N TYR C 321 -4.06 -8.66 37.85
CA TYR C 321 -3.54 -9.41 36.71
C TYR C 321 -4.60 -10.36 36.15
N LEU C 322 -5.28 -11.11 37.02
CA LEU C 322 -6.38 -11.95 36.56
C LEU C 322 -7.54 -11.12 36.02
N VAL C 323 -7.76 -9.93 36.61
CA VAL C 323 -8.87 -9.08 36.19
C VAL C 323 -8.65 -8.54 34.78
N LEU C 324 -7.42 -8.13 34.49
CA LEU C 324 -7.12 -7.58 33.16
C LEU C 324 -7.33 -8.63 32.08
N ALA C 325 -6.98 -9.89 32.36
CA ALA C 325 -7.18 -10.96 31.38
C ALA C 325 -8.66 -11.22 31.12
N HIS C 326 -9.53 -10.92 32.09
CA HIS C 326 -10.95 -11.12 31.89
C HIS C 326 -11.57 -9.97 31.09
N VAL C 327 -11.18 -8.73 31.39
CA VAL C 327 -11.85 -7.58 30.78
C VAL C 327 -11.30 -7.29 29.39
N PHE C 328 -9.99 -7.50 29.16
CA PHE C 328 -9.35 -7.22 27.87
C PHE C 328 -8.54 -8.43 27.42
N PRO C 329 -9.17 -9.55 27.06
CA PRO C 329 -8.40 -10.75 26.72
C PRO C 329 -7.42 -10.55 25.56
N PRO C 330 -7.81 -9.93 24.44
CA PRO C 330 -6.82 -9.77 23.36
C PRO C 330 -5.70 -8.82 23.70
N HIS C 331 -6.01 -7.72 24.36
CA HIS C 331 -4.97 -6.77 24.76
C HIS C 331 -4.10 -7.34 25.86
N PHE C 332 -4.62 -8.28 26.65
CA PHE C 332 -3.81 -8.90 27.70
C PHE C 332 -2.65 -9.67 27.09
N SER C 333 -2.87 -10.29 25.93
CA SER C 333 -1.77 -10.95 25.23
C SER C 333 -0.74 -9.93 24.78
N LEU C 334 -1.19 -8.74 24.40
CA LEU C 334 -0.26 -7.66 24.08
C LEU C 334 0.51 -7.21 25.31
N ILE C 335 -0.14 -7.20 26.48
CA ILE C 335 0.53 -6.84 27.73
C ILE C 335 1.67 -7.80 28.01
N CYS C 336 1.42 -9.10 27.79
CA CYS C 336 2.44 -10.11 28.06
C CYS C 336 3.64 -9.95 27.12
N ARG C 337 3.38 -9.69 25.82
CA ARG C 337 4.48 -9.61 24.86
C ARG C 337 5.41 -8.45 25.19
N HIS C 338 4.86 -7.36 25.72
CA HIS C 338 5.69 -6.21 26.09
C HIS C 338 6.41 -6.45 27.40
N LEU C 339 5.84 -7.27 28.28
CA LEU C 339 6.56 -7.64 29.50
C LEU C 339 7.80 -8.46 29.17
N GLU C 340 7.73 -9.29 28.11
CA GLU C 340 8.88 -10.13 27.75
C GLU C 340 10.04 -9.31 27.22
N VAL C 341 9.77 -8.12 26.68
CA VAL C 341 10.80 -7.29 26.06
C VAL C 341 11.20 -6.12 26.95
N ASN C 342 10.70 -6.06 28.18
CA ASN C 342 11.12 -5.06 29.16
C ASN C 342 11.47 -5.75 30.46
N PRO C 343 12.57 -6.50 30.49
CA PRO C 343 12.97 -7.15 31.74
C PRO C 343 13.26 -6.15 32.85
N HIS C 344 13.65 -4.93 32.49
CA HIS C 344 14.07 -3.89 33.42
C HIS C 344 12.89 -3.14 34.04
N LEU C 345 11.66 -3.45 33.64
CA LEU C 345 10.50 -2.67 34.05
C LEU C 345 9.49 -3.53 34.80
N GLY C 346 8.87 -2.94 35.79
CA GLY C 346 7.71 -3.56 36.41
C GLY C 346 6.49 -3.45 35.53
N HIS C 347 5.51 -4.29 35.83
CA HIS C 347 4.30 -4.38 35.01
C HIS C 347 3.55 -3.06 34.95
N ALA C 348 3.67 -2.24 35.99
CA ALA C 348 2.82 -1.05 36.05
C ALA C 348 3.10 -0.10 34.87
N TYR C 349 4.36 0.04 34.47
CA TYR C 349 4.69 0.95 33.38
C TYR C 349 4.07 0.48 32.06
N ILE C 350 4.10 -0.83 31.83
CA ILE C 350 3.54 -1.38 30.59
C ILE C 350 2.03 -1.25 30.59
N GLU C 351 1.40 -1.58 31.71
CA GLU C 351 -0.06 -1.57 31.78
C GLU C 351 -0.59 -0.16 31.57
N GLN C 352 0.06 0.84 32.16
CA GLN C 352 -0.36 2.22 31.98
C GLN C 352 -0.16 2.67 30.55
N HIS C 353 0.93 2.23 29.92
CA HIS C 353 1.25 2.68 28.57
C HIS C 353 0.23 2.18 27.55
N LEU C 354 -0.17 0.91 27.66
CA LEU C 354 -1.06 0.30 26.68
C LEU C 354 -2.54 0.54 26.98
N LEU C 355 -2.92 0.54 28.25
CA LEU C 355 -4.32 0.66 28.62
C LEU C 355 -4.66 1.92 29.42
N GLY C 356 -3.67 2.57 30.03
CA GLY C 356 -3.93 3.74 30.84
C GLY C 356 -4.27 3.46 32.28
N ILE C 357 -4.26 2.19 32.69
CA ILE C 357 -4.56 1.78 34.04
C ILE C 357 -3.59 0.70 34.46
N THR C 358 -3.47 0.51 35.77
CA THR C 358 -2.60 -0.52 36.32
C THR C 358 -3.46 -1.66 36.84
N ARG C 359 -2.84 -2.83 36.96
CA ARG C 359 -3.58 -3.95 37.53
C ARG C 359 -3.99 -3.64 38.96
N GLU C 360 -3.20 -2.84 39.68
CA GLU C 360 -3.59 -2.43 41.03
C GLU C 360 -4.85 -1.58 41.00
N GLN C 361 -4.99 -0.71 40.00
CA GLN C 361 -6.14 0.17 39.92
C GLN C 361 -7.43 -0.65 39.79
N ILE C 362 -7.42 -1.64 38.90
CA ILE C 362 -8.64 -2.39 38.64
C ILE C 362 -8.86 -3.48 39.68
N GLY C 363 -7.78 -4.07 40.21
CA GLY C 363 -7.95 -5.10 41.23
C GLY C 363 -8.46 -4.55 42.55
N ALA C 364 -7.98 -3.38 42.94
CA ALA C 364 -8.52 -2.73 44.12
C ALA C 364 -9.98 -2.33 43.89
N TRP C 365 -10.31 -1.89 42.68
CA TRP C 365 -11.68 -1.53 42.36
C TRP C 365 -12.60 -2.73 42.46
N LEU C 366 -12.12 -3.90 42.03
CA LEU C 366 -12.94 -5.10 42.13
C LEU C 366 -13.16 -5.53 43.57
N MET C 367 -12.19 -5.27 44.45
CA MET C 367 -12.36 -5.64 45.84
C MET C 367 -13.53 -4.89 46.46
N ARG C 368 -13.69 -3.62 46.11
CA ARG C 368 -14.72 -2.80 46.74
C ARG C 368 -16.09 -2.98 46.10
N VAL C 369 -16.17 -3.35 44.82
CA VAL C 369 -17.47 -3.69 44.27
C VAL C 369 -18.00 -4.98 44.87
N TRP C 370 -17.11 -5.84 45.37
CA TRP C 370 -17.48 -7.06 46.08
C TRP C 370 -17.67 -6.85 47.59
N ASP C 371 -17.53 -5.61 48.07
CA ASP C 371 -17.69 -5.25 49.49
C ASP C 371 -16.72 -6.04 50.37
N MET C 372 -15.52 -6.28 49.85
CA MET C 372 -14.44 -6.82 50.65
C MET C 372 -13.98 -5.78 51.66
N PRO C 373 -13.29 -6.19 52.72
CA PRO C 373 -12.90 -5.23 53.76
C PRO C 373 -12.04 -4.12 53.18
N ASP C 374 -12.28 -2.90 53.66
CA ASP C 374 -11.54 -1.75 53.14
C ASP C 374 -10.04 -1.88 53.42
N ASP C 375 -9.65 -2.68 54.41
CA ASP C 375 -8.23 -2.98 54.62
C ASP C 375 -7.62 -3.61 53.38
N LEU C 376 -8.35 -4.54 52.75
CA LEU C 376 -7.81 -5.25 51.59
C LEU C 376 -7.78 -4.35 50.35
N TYR C 377 -8.75 -3.45 50.22
CA TYR C 377 -8.74 -2.50 49.11
C TYR C 377 -7.52 -1.60 49.18
N CYS C 378 -7.25 -1.02 50.35
CA CYS C 378 -6.09 -0.17 50.48
C CYS C 378 -4.80 -0.94 50.24
N ALA C 379 -4.78 -2.24 50.59
CA ALA C 379 -3.57 -3.03 50.40
C ALA C 379 -3.24 -3.17 48.92
N LEU C 380 -4.26 -3.42 48.09
CA LEU C 380 -3.99 -3.62 46.66
C LEU C 380 -3.70 -2.29 45.97
N ARG C 381 -4.49 -1.27 46.25
CA ARG C 381 -4.41 -0.02 45.50
C ARG C 381 -3.09 0.70 45.70
N PHE C 382 -2.45 0.52 46.86
CA PHE C 382 -1.26 1.27 47.19
C PHE C 382 -0.07 0.36 47.45
N GLN C 383 -0.11 -0.88 46.94
CA GLN C 383 1.01 -1.80 47.16
C GLN C 383 2.25 -1.34 46.43
N GLN C 384 2.11 -0.45 45.45
CA GLN C 384 3.23 -0.01 44.63
C GLN C 384 3.90 1.26 45.14
N ASP C 385 3.39 1.88 46.20
CA ASP C 385 3.91 3.18 46.66
C ASP C 385 4.48 3.09 48.07
N PRO C 386 5.80 3.03 48.22
CA PRO C 386 6.39 2.97 49.57
C PRO C 386 6.13 4.24 50.38
N SER C 387 5.75 5.32 49.73
CA SER C 387 5.49 6.58 50.40
C SER C 387 4.07 6.69 50.93
N TYR C 388 3.24 5.66 50.72
CA TYR C 388 1.86 5.73 51.20
C TYR C 388 1.84 5.72 52.72
N THR C 389 1.08 6.67 53.30
CA THR C 389 0.92 6.80 54.73
C THR C 389 -0.55 6.98 55.12
N GLY C 390 -1.47 6.75 54.19
CA GLY C 390 -2.88 6.91 54.42
C GLY C 390 -3.47 5.76 55.19
N PRO C 391 -4.79 5.60 55.11
CA PRO C 391 -5.46 4.56 55.88
C PRO C 391 -4.98 3.17 55.51
N ASN C 392 -4.88 2.30 56.52
CA ASN C 392 -4.48 0.91 56.32
C ASN C 392 -3.13 0.80 55.63
N ALA C 393 -2.25 1.78 55.84
CA ALA C 393 -0.96 1.76 55.15
C ALA C 393 -0.15 0.54 55.52
N VAL C 394 -0.29 0.03 56.74
CA VAL C 394 0.57 -1.06 57.16
C VAL C 394 0.34 -2.32 56.31
N TYR C 395 -0.89 -2.53 55.84
CA TYR C 395 -1.14 -3.69 54.97
C TYR C 395 -0.48 -3.49 53.61
N ALA C 396 -0.69 -2.32 53.02
CA ALA C 396 -0.12 -2.02 51.71
C ALA C 396 1.40 -1.85 51.79
N ASN C 397 1.91 -1.23 52.86
CA ASN C 397 3.36 -1.10 52.99
C ASN C 397 4.03 -2.46 53.09
N LEU C 398 3.33 -3.44 53.70
CA LEU C 398 3.92 -4.77 53.82
C LEU C 398 4.03 -5.45 52.46
N ILE C 399 3.03 -5.28 51.59
CA ILE C 399 3.11 -5.85 50.26
C ILE C 399 4.22 -5.16 49.46
N CYS C 400 4.41 -3.86 49.67
CA CYS C 400 5.45 -3.15 48.96
C CYS C 400 6.83 -3.68 49.34
N LEU C 401 7.10 -3.79 50.65
CA LEU C 401 8.40 -4.28 51.08
C LEU C 401 8.62 -5.74 50.66
N THR C 402 7.57 -6.56 50.67
CA THR C 402 7.74 -7.97 50.34
C THR C 402 8.04 -8.14 48.85
N ASN C 403 7.26 -7.48 47.99
CA ASN C 403 7.50 -7.58 46.57
C ASN C 403 8.86 -6.99 46.19
N ARG C 404 9.25 -5.91 46.85
CA ARG C 404 10.53 -5.27 46.55
C ARG C 404 11.70 -6.15 46.97
N LEU C 405 11.62 -6.76 48.15
CA LEU C 405 12.65 -7.69 48.59
C LEU C 405 12.65 -8.98 47.78
N LEU C 406 11.48 -9.45 47.36
CA LEU C 406 11.45 -10.69 46.59
C LEU C 406 12.15 -10.53 45.25
N ARG C 407 12.07 -9.34 44.65
CA ARG C 407 12.69 -9.13 43.35
C ARG C 407 14.20 -9.21 43.46
N ASN C 408 14.78 -8.67 44.54
CA ASN C 408 16.23 -8.69 44.67
C ASN C 408 16.77 -10.13 44.72
N SER C 409 16.05 -11.04 45.38
CA SER C 409 16.44 -12.45 45.32
C SER C 409 16.24 -13.03 43.92
N GLY C 410 15.23 -12.58 43.20
CA GLY C 410 15.00 -13.05 41.84
C GLY C 410 13.54 -13.28 41.49
N ILE C 411 12.77 -13.82 42.44
CA ILE C 411 11.36 -14.08 42.22
C ILE C 411 10.62 -12.75 42.04
N GLY C 412 9.69 -12.72 41.08
CA GLY C 412 8.95 -11.52 40.75
C GLY C 412 9.31 -11.02 39.36
N ASP C 413 8.80 -9.83 39.06
CA ASP C 413 8.96 -9.20 37.76
C ASP C 413 9.71 -7.87 37.89
N GLY C 414 10.34 -7.47 36.78
CA GLY C 414 11.10 -6.23 36.73
C GLY C 414 12.54 -6.35 37.21
N THR C 415 13.21 -5.20 37.25
CA THR C 415 14.59 -5.07 37.68
C THR C 415 14.68 -4.85 39.18
N GLN C 416 15.92 -4.89 39.68
CA GLN C 416 16.17 -4.64 41.09
C GLN C 416 15.79 -3.21 41.46
N GLN C 417 15.18 -3.06 42.64
CA GLN C 417 14.54 -1.80 43.01
C GLN C 417 15.06 -1.30 44.35
N ALA C 418 15.05 0.03 44.50
CA ALA C 418 15.49 0.70 45.72
C ALA C 418 14.45 0.58 46.83
N ILE C 419 14.93 0.43 48.07
CA ILE C 419 14.03 0.39 49.24
C ILE C 419 14.31 1.57 50.15
N PRO C 420 13.42 2.55 50.23
CA PRO C 420 13.67 3.71 51.09
C PRO C 420 13.76 3.29 52.55
N ALA C 421 14.60 3.99 53.30
CA ALA C 421 14.72 3.67 54.73
C ALA C 421 13.41 3.93 55.47
N ALA C 422 12.62 4.89 54.99
CA ALA C 422 11.38 5.26 55.67
C ALA C 422 10.38 4.11 55.70
N LEU C 423 10.38 3.24 54.70
CA LEU C 423 9.48 2.09 54.77
C LEU C 423 9.93 1.10 55.86
N TYR C 424 11.25 0.84 55.93
CA TYR C 424 11.78 0.06 57.05
C TYR C 424 11.53 0.78 58.37
N GLU C 425 11.54 2.11 58.34
CA GLU C 425 11.41 2.90 59.54
C GLU C 425 9.98 2.83 60.06
N ARG C 426 9.00 2.95 59.16
CA ARG C 426 7.60 3.00 59.56
C ARG C 426 7.12 1.69 60.16
N LEU C 427 7.65 0.57 59.70
CA LEU C 427 7.25 -0.71 60.25
C LEU C 427 8.05 -1.14 61.47
N GLY C 428 9.08 -0.38 61.85
CA GLY C 428 9.86 -0.74 63.02
C GLY C 428 10.68 -1.99 62.83
N ILE C 429 10.99 -2.33 61.58
CA ILE C 429 11.75 -3.52 61.24
C ILE C 429 13.12 -3.10 60.74
N THR C 430 14.15 -3.74 61.25
CA THR C 430 15.46 -3.54 60.68
C THR C 430 15.57 -4.30 59.36
N PRO C 431 16.34 -3.76 58.41
CA PRO C 431 16.52 -4.47 57.14
C PRO C 431 17.10 -5.85 57.32
N GLU C 432 17.97 -6.03 58.32
CA GLU C 432 18.52 -7.35 58.60
C GLU C 432 17.44 -8.31 59.05
N LYS C 433 16.55 -7.86 59.93
CA LYS C 433 15.45 -8.70 60.38
C LYS C 433 14.50 -9.01 59.23
N ALA C 434 14.28 -8.04 58.34
CA ALA C 434 13.43 -8.30 57.17
C ALA C 434 14.11 -9.26 56.20
N GLY C 435 15.38 -9.01 55.88
CA GLY C 435 16.07 -9.90 54.96
C GLY C 435 16.29 -11.28 55.55
N ASP C 436 16.51 -11.36 56.86
CA ASP C 436 16.64 -12.67 57.51
C ASP C 436 15.33 -13.43 57.41
N ALA C 437 14.20 -12.72 57.46
CA ALA C 437 12.89 -13.37 57.31
C ALA C 437 12.70 -13.90 55.89
N VAL C 438 13.15 -13.14 54.89
CA VAL C 438 13.06 -13.62 53.51
C VAL C 438 14.01 -14.80 53.28
N LYS C 439 15.22 -14.73 53.86
CA LYS C 439 16.17 -15.84 53.71
C LYS C 439 15.62 -17.11 54.33
N LYS C 440 14.94 -17.00 55.47
CA LYS C 440 14.32 -18.15 56.09
C LYS C 440 13.13 -18.66 55.27
N VAL C 441 12.53 -17.80 54.44
CA VAL C 441 11.42 -18.24 53.59
C VAL C 441 11.94 -18.95 52.34
N LEU C 442 13.01 -18.43 51.73
CA LEU C 442 13.54 -19.03 50.50
C LEU C 442 14.20 -20.38 50.75
N GLU C 443 14.66 -20.64 51.97
CA GLU C 443 15.21 -21.96 52.30
C GLU C 443 14.15 -23.06 52.17
N ALA C 444 12.89 -22.73 52.46
CA ALA C 444 11.79 -23.67 52.38
C ALA C 444 11.04 -23.59 51.04
N GLU C 445 11.64 -22.95 50.03
CA GLU C 445 10.93 -22.69 48.78
C GLU C 445 10.51 -23.96 48.06
N ALA C 446 11.23 -25.06 48.22
CA ALA C 446 10.88 -26.28 47.51
C ALA C 446 9.51 -26.80 47.95
N ALA C 447 9.23 -26.79 49.26
CA ALA C 447 7.90 -27.19 49.74
C ALA C 447 6.82 -26.21 49.29
N LEU C 448 7.18 -24.93 49.15
CA LEU C 448 6.22 -23.95 48.68
C LEU C 448 5.81 -24.23 47.23
N ARG C 449 6.74 -24.75 46.43
CA ARG C 449 6.43 -25.01 45.02
C ARG C 449 5.40 -26.13 44.86
N GLU C 450 5.47 -27.16 45.72
CA GLU C 450 4.45 -28.21 45.67
C GLU C 450 3.08 -27.66 46.09
N LEU C 451 3.06 -26.69 47.00
CA LEU C 451 1.82 -26.04 47.40
C LEU C 451 1.27 -25.19 46.26
N ALA C 452 2.14 -24.73 45.36
CA ALA C 452 1.77 -23.96 44.18
C ALA C 452 1.58 -24.83 42.95
N ALA C 453 1.51 -26.15 43.13
CA ALA C 453 1.13 -27.05 42.06
C ALA C 453 -0.27 -27.63 42.21
N GLN C 454 -0.92 -27.48 43.38
CA GLN C 454 -2.31 -27.93 43.51
C GLN C 454 -3.26 -27.15 42.62
N PHE C 455 -2.93 -25.92 42.23
CA PHE C 455 -3.84 -25.07 41.48
C PHE C 455 -3.54 -25.08 39.98
N ASN C 456 -2.81 -26.09 39.52
CA ASN C 456 -2.67 -26.33 38.09
C ASN C 456 -3.86 -27.10 37.54
N ARG C 457 -4.80 -27.49 38.42
CA ARG C 457 -6.10 -28.01 38.05
C ARG C 457 -7.18 -27.20 38.77
N ASP D 1 4.97 24.93 -21.41
CA ASP D 1 6.20 25.16 -22.17
C ASP D 1 7.45 24.63 -21.43
N ALA D 2 8.08 25.45 -20.60
CA ALA D 2 9.25 25.02 -19.85
C ALA D 2 8.84 24.05 -18.76
N PRO D 3 9.51 22.91 -18.60
CA PRO D 3 9.15 21.97 -17.54
C PRO D 3 9.36 22.55 -16.14
N HIS D 4 8.49 22.14 -15.22
CA HIS D 4 8.56 22.50 -13.82
C HIS D 4 8.19 21.28 -12.99
N ALA D 5 8.49 21.35 -11.70
CA ALA D 5 8.21 20.24 -10.82
C ALA D 5 6.71 20.02 -10.72
N PRO D 6 6.27 18.78 -10.50
CA PRO D 6 4.83 18.51 -10.46
C PRO D 6 4.17 19.28 -9.32
N GLN D 7 2.92 19.70 -9.54
CA GLN D 7 2.24 20.49 -8.54
C GLN D 7 2.10 19.73 -7.23
N VAL D 8 1.91 18.41 -7.31
CA VAL D 8 1.71 17.63 -6.08
C VAL D 8 2.96 17.64 -5.20
N ILE D 9 4.15 17.67 -5.80
CA ILE D 9 5.38 17.73 -5.01
C ILE D 9 5.59 19.13 -4.48
N LEU D 10 5.42 20.12 -5.35
CA LEU D 10 5.60 21.51 -4.95
C LEU D 10 4.61 21.89 -3.87
N GLN D 11 3.41 21.32 -3.94
CA GLN D 11 2.39 21.55 -2.92
C GLN D 11 2.73 20.87 -1.60
N LEU D 12 3.24 19.63 -1.66
CA LEU D 12 3.58 18.87 -0.46
C LEU D 12 4.69 19.55 0.34
N LEU D 13 5.76 19.98 -0.32
CA LEU D 13 6.88 20.61 0.38
C LEU D 13 6.45 21.91 1.05
N ALA D 14 5.50 22.63 0.45
CA ALA D 14 4.97 23.84 1.09
C ALA D 14 4.21 23.49 2.37
N LYS D 15 3.43 22.41 2.35
CA LYS D 15 2.70 22.00 3.54
C LYS D 15 3.64 21.60 4.67
N LEU D 16 4.79 21.03 4.32
CA LEU D 16 5.76 20.55 5.30
C LEU D 16 6.74 21.63 5.75
N GLY D 17 6.65 22.84 5.19
CA GLY D 17 7.54 23.90 5.61
C GLY D 17 8.95 23.77 5.11
N ILE D 18 9.16 23.12 3.96
CA ILE D 18 10.50 22.94 3.38
C ILE D 18 10.64 23.87 2.18
N ALA D 19 11.64 24.73 2.25
CA ALA D 19 11.97 25.58 1.10
C ALA D 19 12.62 24.74 0.00
N CYS D 20 12.36 25.12 -1.24
CA CYS D 20 12.92 24.36 -2.36
C CYS D 20 12.91 25.25 -3.58
N ARG D 21 14.00 25.21 -4.35
CA ARG D 21 14.06 25.88 -5.62
C ARG D 21 14.36 24.84 -6.71
N GLU D 22 13.77 25.04 -7.89
CA GLU D 22 13.99 24.14 -9.01
C GLU D 22 15.41 24.28 -9.57
N VAL D 23 15.99 23.18 -10.01
CA VAL D 23 17.33 23.14 -10.59
C VAL D 23 17.31 22.17 -11.77
N SER D 24 17.76 22.63 -12.94
CA SER D 24 17.78 21.77 -14.12
C SER D 24 18.81 20.66 -13.94
N ASP D 25 18.43 19.46 -14.38
CA ASP D 25 19.31 18.30 -14.24
C ASP D 25 20.53 18.49 -15.13
N SER D 26 21.70 18.13 -14.60
CA SER D 26 22.95 18.31 -15.31
C SER D 26 23.98 17.31 -14.77
N ALA D 27 24.83 16.82 -15.66
CA ALA D 27 25.91 15.92 -15.24
C ALA D 27 27.03 16.65 -14.51
N GLU D 28 27.08 17.97 -14.59
CA GLU D 28 28.07 18.76 -13.85
C GLU D 28 27.81 18.78 -12.35
N LEU D 29 26.57 18.54 -11.92
CA LEU D 29 26.19 18.61 -10.51
C LEU D 29 26.88 17.49 -9.73
N PRO D 30 27.55 17.79 -8.61
CA PRO D 30 28.29 16.74 -7.89
C PRO D 30 27.36 15.65 -7.36
N ALA D 31 27.86 14.40 -7.40
CA ALA D 31 27.04 13.26 -7.02
C ALA D 31 26.71 13.27 -5.53
N ALA D 32 27.60 13.81 -4.69
CA ALA D 32 27.40 13.74 -3.25
C ALA D 32 26.22 14.59 -2.81
N ARG D 33 25.82 15.56 -3.61
CA ARG D 33 24.64 16.35 -3.33
C ARG D 33 23.37 15.72 -3.88
N ARG D 34 23.47 14.61 -4.62
CA ARG D 34 22.32 13.99 -5.27
C ARG D 34 21.90 12.76 -4.48
N VAL D 35 20.71 12.83 -3.89
CA VAL D 35 20.15 11.72 -3.13
C VAL D 35 19.38 10.79 -4.05
N GLN D 36 19.78 9.52 -4.10
CA GLN D 36 19.07 8.53 -4.90
C GLN D 36 18.05 7.81 -4.04
N ALA D 37 16.89 7.54 -4.62
CA ALA D 37 15.81 6.84 -3.94
C ALA D 37 15.49 5.56 -4.70
N VAL D 38 15.51 4.42 -4.01
CA VAL D 38 15.13 3.14 -4.59
C VAL D 38 14.10 2.47 -3.69
N LEU D 39 13.20 1.71 -4.30
CA LEU D 39 12.20 0.95 -3.56
C LEU D 39 12.56 -0.52 -3.64
N LEU D 40 12.73 -1.13 -2.47
CA LEU D 40 13.12 -2.51 -2.31
C LEU D 40 12.02 -3.29 -1.59
N ASP D 41 12.00 -4.61 -1.81
CA ASP D 41 10.98 -5.42 -1.16
C ASP D 41 11.56 -6.80 -0.89
N ASP D 42 10.86 -7.50 -0.01
CA ASP D 42 11.14 -8.88 0.33
C ASP D 42 9.85 -9.49 0.84
N ALA D 43 9.95 -10.61 1.55
CA ALA D 43 8.75 -11.26 2.06
C ALA D 43 7.97 -10.36 3.02
N VAL D 44 8.66 -9.59 3.87
CA VAL D 44 7.98 -8.79 4.89
C VAL D 44 7.20 -7.63 4.27
N GLY D 45 7.77 -7.01 3.24
CA GLY D 45 7.14 -5.88 2.60
C GLY D 45 8.20 -4.98 1.97
N THR D 46 7.77 -3.76 1.66
CA THR D 46 8.58 -2.79 0.96
C THR D 46 9.48 -2.00 1.91
N LEU D 47 10.64 -1.59 1.40
CA LEU D 47 11.57 -0.73 2.12
C LEU D 47 12.11 0.35 1.19
N LEU D 48 12.06 1.60 1.63
CA LEU D 48 12.60 2.72 0.87
C LEU D 48 14.04 2.97 1.33
N VAL D 49 14.99 2.98 0.38
CA VAL D 49 16.40 3.22 0.69
C VAL D 49 16.84 4.52 0.02
N LEU D 50 17.44 5.40 0.82
CA LEU D 50 17.97 6.67 0.34
C LEU D 50 19.47 6.69 0.63
N PHE D 51 20.25 7.12 -0.36
CA PHE D 51 21.68 7.20 -0.22
C PHE D 51 22.22 8.17 -1.26
N PRO D 52 23.36 8.81 -0.99
CA PRO D 52 23.96 9.70 -1.98
C PRO D 52 24.43 8.94 -3.20
N GLN D 53 24.42 9.63 -4.34
CA GLN D 53 24.86 9.06 -5.61
C GLN D 53 26.38 8.95 -5.70
N SER D 54 27.10 9.33 -4.65
CA SER D 54 28.54 9.18 -4.57
C SER D 54 28.96 7.79 -4.13
N GLN D 55 28.00 6.88 -3.90
CA GLN D 55 28.27 5.51 -3.48
C GLN D 55 27.30 4.56 -4.17
N LEU D 56 27.69 3.29 -4.28
CA LEU D 56 26.80 2.27 -4.84
C LEU D 56 26.16 1.43 -3.74
N LEU D 57 24.94 0.97 -4.01
CA LEU D 57 24.19 0.15 -3.06
C LEU D 57 24.63 -1.30 -3.17
N ASP D 58 25.11 -1.88 -2.07
CA ASP D 58 25.55 -3.28 -2.03
C ASP D 58 24.50 -4.08 -1.27
N LEU D 59 23.75 -4.91 -1.99
CA LEU D 59 22.69 -5.68 -1.36
C LEU D 59 23.25 -6.65 -0.33
N ALA D 60 24.51 -7.07 -0.51
CA ALA D 60 25.16 -7.93 0.47
C ALA D 60 25.34 -7.20 1.80
N ARG D 61 25.89 -5.97 1.77
CA ARG D 61 26.02 -5.20 3.01
C ARG D 61 24.66 -4.83 3.59
N LEU D 62 23.67 -4.64 2.74
CA LEU D 62 22.34 -4.31 3.22
C LEU D 62 21.75 -5.46 4.03
N THR D 63 21.97 -6.71 3.58
CA THR D 63 21.52 -7.87 4.34
C THR D 63 22.33 -8.00 5.63
N GLU D 64 23.62 -7.67 5.60
CA GLU D 64 24.40 -7.72 6.82
C GLU D 64 23.90 -6.71 7.84
N LEU D 65 23.37 -5.56 7.39
CA LEU D 65 22.86 -4.54 8.30
C LEU D 65 21.46 -4.86 8.81
N THR D 66 20.57 -5.35 7.94
CA THR D 66 19.18 -5.53 8.33
C THR D 66 18.76 -6.99 8.52
N GLY D 67 19.47 -7.93 7.92
CA GLY D 67 19.06 -9.32 7.94
C GLY D 67 18.07 -9.71 6.86
N ARG D 68 17.62 -8.75 6.05
CA ARG D 68 16.63 -8.99 5.00
C ARG D 68 17.34 -9.20 3.66
N LYS D 69 16.77 -10.07 2.83
CA LYS D 69 17.30 -10.33 1.50
C LYS D 69 16.49 -9.49 0.51
N LEU D 70 16.94 -8.27 0.27
CA LEU D 70 16.19 -7.28 -0.49
C LEU D 70 16.57 -7.29 -1.96
N LEU D 71 15.58 -7.00 -2.79
CA LEU D 71 15.76 -6.87 -4.23
C LEU D 71 14.94 -5.70 -4.72
N ALA D 72 15.27 -5.22 -5.92
CA ALA D 72 14.51 -4.14 -6.52
C ALA D 72 13.08 -4.59 -6.74
N ILE D 73 12.13 -3.68 -6.54
CA ILE D 73 10.73 -4.05 -6.74
C ILE D 73 10.44 -4.20 -8.23
N LYS D 74 9.46 -5.04 -8.54
CA LYS D 74 9.04 -5.24 -9.92
C LYS D 74 8.45 -3.94 -10.46
N PRO D 75 8.62 -3.65 -11.75
CA PRO D 75 8.20 -2.35 -12.28
C PRO D 75 6.73 -2.03 -12.08
N GLU D 76 5.87 -3.05 -12.12
CA GLU D 76 4.45 -2.84 -11.86
C GLU D 76 4.22 -2.33 -10.45
N ARG D 77 5.00 -2.82 -9.48
CA ARG D 77 4.93 -2.31 -8.12
C ARG D 77 5.39 -0.86 -8.06
N LEU D 78 6.40 -0.51 -8.87
CA LEU D 78 6.86 0.88 -8.90
C LEU D 78 5.84 1.77 -9.60
N GLU D 79 5.33 1.33 -10.76
CA GLU D 79 4.43 2.17 -11.54
C GLU D 79 3.10 2.40 -10.84
N ARG D 80 2.64 1.45 -10.01
CA ARG D 80 1.43 1.71 -9.24
C ARG D 80 1.71 2.70 -8.12
N MET D 81 2.88 2.62 -7.48
CA MET D 81 3.23 3.58 -6.44
C MET D 81 3.58 4.94 -7.02
N LEU D 82 4.28 4.97 -8.16
CA LEU D 82 4.49 6.23 -8.88
C LEU D 82 3.19 6.76 -9.46
N GLY D 83 2.26 5.88 -9.82
CA GLY D 83 1.00 6.32 -10.39
C GLY D 83 0.06 6.94 -9.38
N LYS D 84 0.23 6.61 -8.09
CA LYS D 84 -0.65 7.13 -7.06
C LYS D 84 -0.60 8.65 -7.00
N HIS D 85 0.59 9.23 -7.24
CA HIS D 85 0.76 10.67 -7.22
C HIS D 85 1.09 11.25 -8.59
N GLU D 86 0.99 10.47 -9.66
CA GLU D 86 1.25 10.95 -11.03
C GLU D 86 2.69 11.44 -11.20
N LEU D 87 3.65 10.62 -10.77
CA LEU D 87 5.07 10.91 -10.90
C LEU D 87 5.69 9.94 -11.90
N HIS D 88 6.80 10.36 -12.52
CA HIS D 88 7.57 9.50 -13.43
C HIS D 88 8.98 9.18 -12.95
N ARG D 89 9.38 9.68 -11.79
CA ARG D 89 10.63 9.33 -11.14
C ARG D 89 10.34 9.30 -9.64
N LEU D 90 11.28 8.79 -8.85
CA LEU D 90 10.99 8.67 -7.42
C LEU D 90 11.77 9.70 -6.62
N PRO D 91 11.15 10.79 -6.17
CA PRO D 91 11.82 11.71 -5.24
C PRO D 91 12.08 11.05 -3.89
N ALA D 92 13.15 11.50 -3.23
CA ALA D 92 13.50 11.00 -1.89
C ALA D 92 12.65 11.68 -0.82
N LEU D 93 11.34 11.44 -0.91
CA LEU D 93 10.36 11.96 0.04
C LEU D 93 9.62 10.82 0.71
N PRO D 94 9.95 10.47 1.96
CA PRO D 94 9.28 9.36 2.64
C PRO D 94 7.78 9.54 2.75
N PRO D 95 7.27 10.79 2.85
CA PRO D 95 5.80 10.95 2.90
C PRO D 95 5.07 10.34 1.72
N LEU D 96 5.72 10.25 0.56
CA LEU D 96 5.10 9.69 -0.63
C LEU D 96 4.77 8.21 -0.49
N THR D 97 5.35 7.52 0.49
CA THR D 97 5.08 6.09 0.67
C THR D 97 4.78 5.77 2.13
N SER D 98 4.03 4.69 2.32
CA SER D 98 3.81 4.13 3.64
C SER D 98 4.98 3.26 4.12
N SER D 99 5.95 2.98 3.24
CA SER D 99 7.03 2.07 3.58
C SER D 99 8.02 2.71 4.55
N PRO D 100 8.66 1.90 5.40
CA PRO D 100 9.75 2.42 6.25
C PRO D 100 10.93 2.90 5.41
N CYS D 101 11.64 3.87 5.96
CA CYS D 101 12.74 4.52 5.27
C CYS D 101 14.06 4.23 5.99
N LEU D 102 15.09 3.97 5.20
CA LEU D 102 16.47 3.82 5.66
C LEU D 102 17.36 4.74 4.84
N TYR D 103 18.29 5.42 5.52
CA TYR D 103 19.16 6.36 4.83
C TYR D 103 20.57 6.26 5.38
N ASP D 104 21.54 6.52 4.50
CA ASP D 104 22.94 6.57 4.90
C ASP D 104 23.24 7.92 5.55
N GLU D 105 23.96 7.91 6.69
CA GLU D 105 24.19 9.16 7.42
C GLU D 105 24.98 10.17 6.61
N ARG D 106 25.90 9.69 5.77
CA ARG D 106 26.81 10.56 5.05
C ARG D 106 26.05 11.45 4.08
N LEU D 107 24.83 11.06 3.73
CA LEU D 107 23.94 11.87 2.92
C LEU D 107 23.83 13.31 3.44
N LEU D 108 23.82 13.50 4.76
CA LEU D 108 23.56 14.83 5.33
C LEU D 108 24.77 15.75 5.28
N GLN D 109 25.94 15.23 4.91
CA GLN D 109 27.16 16.02 4.98
C GLN D 109 27.13 17.22 4.03
N GLU D 110 26.46 17.10 2.88
CA GLU D 110 26.40 18.24 1.95
C GLU D 110 25.27 19.17 2.39
N PRO D 111 25.57 20.46 2.61
CA PRO D 111 24.51 21.38 3.08
C PRO D 111 23.34 21.53 2.11
N ARG D 112 23.60 21.41 0.82
CA ARG D 112 22.58 21.63 -0.21
C ARG D 112 22.36 20.31 -0.94
N LEU D 113 21.26 19.63 -0.61
CA LEU D 113 20.94 18.34 -1.22
C LEU D 113 20.05 18.53 -2.44
N LEU D 114 20.09 17.53 -3.34
CA LEU D 114 19.30 17.54 -4.57
C LEU D 114 18.54 16.23 -4.69
N ILE D 115 17.21 16.31 -4.77
CA ILE D 115 16.35 15.16 -4.96
C ILE D 115 15.65 15.31 -6.29
N GLU D 116 15.24 14.19 -6.86
CA GLU D 116 14.46 14.21 -8.08
C GLU D 116 13.11 14.90 -7.85
N SER D 117 12.70 15.70 -8.82
CA SER D 117 11.37 16.31 -8.76
C SER D 117 10.27 15.32 -9.04
N GLY D 118 10.57 14.22 -9.70
CA GLY D 118 9.55 13.37 -10.24
C GLY D 118 9.15 13.74 -11.65
N GLN D 119 9.46 14.96 -12.08
CA GLN D 119 9.42 15.38 -13.46
C GLN D 119 10.83 15.27 -14.02
N PRO D 120 11.07 14.46 -15.06
CA PRO D 120 12.45 14.24 -15.50
C PRO D 120 13.14 15.53 -15.92
N GLY D 121 14.43 15.64 -15.59
CA GLY D 121 15.20 16.81 -15.92
C GLY D 121 15.18 17.93 -14.90
N ILE D 122 14.27 17.87 -13.93
CA ILE D 122 14.14 18.90 -12.90
C ILE D 122 14.53 18.29 -11.56
N LEU D 123 15.44 18.95 -10.85
CA LEU D 123 15.77 18.58 -9.48
C LEU D 123 15.27 19.64 -8.51
N LEU D 124 15.11 19.25 -7.25
CA LEU D 124 14.78 20.17 -6.18
C LEU D 124 16.00 20.33 -5.28
N GLU D 125 16.37 21.57 -4.99
CA GLU D 125 17.45 21.84 -4.04
C GLU D 125 16.83 22.11 -2.68
N ILE D 126 17.24 21.32 -1.69
CA ILE D 126 16.73 21.40 -0.33
C ILE D 126 17.91 21.53 0.62
N ALA D 127 17.77 22.38 1.65
CA ALA D 127 18.81 22.47 2.67
C ALA D 127 18.92 21.14 3.40
N SER D 128 20.16 20.75 3.71
CA SER D 128 20.37 19.44 4.34
C SER D 128 19.67 19.37 5.68
N ASN D 129 19.76 20.44 6.47
CA ASN D 129 19.18 20.39 7.81
C ASN D 129 17.65 20.33 7.74
N ASP D 130 17.03 20.94 6.73
CA ASP D 130 15.60 20.78 6.52
C ASP D 130 15.25 19.36 6.10
N PHE D 131 16.11 18.72 5.31
CA PHE D 131 15.88 17.33 4.89
C PHE D 131 15.93 16.39 6.09
N ARG D 132 16.73 16.73 7.11
CA ARG D 132 16.84 15.90 8.31
C ARG D 132 15.50 15.74 9.01
N GLY D 133 14.62 16.73 8.88
CA GLY D 133 13.34 16.70 9.56
C GLY D 133 12.42 15.62 9.03
N LEU D 134 12.62 15.18 7.79
CA LEU D 134 11.88 14.06 7.24
C LEU D 134 12.39 12.71 7.73
N LEU D 135 13.55 12.67 8.39
CA LEU D 135 14.23 11.44 8.74
C LEU D 135 14.09 11.08 10.22
N GLY D 136 13.14 11.68 10.94
CA GLY D 136 13.02 11.39 12.36
C GLY D 136 12.55 9.99 12.67
N LYS D 137 11.70 9.42 11.81
CA LYS D 137 11.16 8.09 12.02
C LYS D 137 11.77 7.07 11.06
N ALA D 138 12.88 7.42 10.44
CA ALA D 138 13.62 6.53 9.57
C ALA D 138 14.80 5.92 10.33
N SER D 139 15.41 4.90 9.72
CA SER D 139 16.64 4.32 10.25
C SER D 139 17.85 4.99 9.63
N ALA D 140 18.85 5.25 10.46
CA ALA D 140 20.12 5.85 10.03
C ALA D 140 21.24 4.83 10.13
N ALA D 141 22.07 4.73 9.09
CA ALA D 141 23.14 3.75 9.04
C ALA D 141 24.23 4.22 8.09
N ARG D 142 25.35 3.49 8.09
CA ARG D 142 26.44 3.71 7.14
C ARG D 142 26.61 2.41 6.37
N PHE D 143 26.14 2.38 5.12
CA PHE D 143 26.13 1.11 4.41
C PHE D 143 26.51 1.20 2.94
N GLY D 144 26.51 2.37 2.33
CA GLY D 144 26.93 2.48 0.95
C GLY D 144 28.43 2.32 0.80
N GLU D 145 28.84 1.88 -0.40
CA GLU D 145 30.25 1.76 -0.74
C GLU D 145 30.63 2.93 -1.61
N PRO D 146 31.51 3.82 -1.15
CA PRO D 146 31.87 5.00 -1.94
C PRO D 146 32.55 4.61 -3.26
N LEU D 147 32.26 5.39 -4.30
CA LEU D 147 32.80 5.07 -5.62
C LEU D 147 34.32 5.20 -5.64
N GLU D 148 34.88 6.08 -4.80
CA GLU D 148 36.32 6.32 -4.81
C GLU D 148 37.12 5.10 -4.34
N ASN D 149 36.51 4.20 -3.58
CA ASN D 149 37.21 2.98 -3.19
C ASN D 149 37.23 1.95 -4.31
N ILE D 150 36.44 2.15 -5.37
CA ILE D 150 36.39 1.25 -6.51
C ILE D 150 37.30 1.82 -7.59
N ASN D 151 38.42 1.13 -7.83
CA ASN D 151 39.44 1.60 -8.75
C ASN D 151 39.24 0.86 -10.07
N LEU D 152 38.64 1.55 -11.04
CA LEU D 152 38.51 0.99 -12.38
C LEU D 152 39.86 0.89 -13.07
N ASN D 153 40.04 -0.21 -13.82
CA ASN D 153 41.26 -0.41 -14.59
C ASN D 153 40.98 0.11 -16.01
N LEU D 154 41.19 1.41 -16.20
CA LEU D 154 41.18 2.02 -17.52
C LEU D 154 42.57 2.41 -18.00
N ASP D 155 43.59 2.23 -17.18
CA ASP D 155 44.87 2.89 -17.39
C ASP D 155 46.03 1.91 -17.38
N ARG D 156 45.82 0.66 -17.00
CA ARG D 156 46.88 -0.34 -16.88
C ARG D 156 46.48 -1.61 -17.61
N PRO D 157 46.45 -1.56 -18.95
CA PRO D 157 46.10 -2.77 -19.72
C PRO D 157 47.05 -3.94 -19.53
N ASP D 158 48.31 -3.70 -19.16
CA ASP D 158 49.26 -4.78 -18.98
C ASP D 158 48.87 -5.70 -17.83
N ASP D 159 48.12 -5.20 -16.85
CA ASP D 159 47.64 -6.01 -15.73
C ASP D 159 46.38 -6.80 -16.05
N ASP D 160 45.80 -6.64 -17.24
CA ASP D 160 44.53 -7.27 -17.56
C ASP D 160 44.58 -8.78 -17.39
N ARG D 161 45.62 -9.43 -17.96
CA ARG D 161 45.71 -10.87 -17.85
C ARG D 161 45.82 -11.31 -16.40
N ALA D 162 46.50 -10.51 -15.57
CA ALA D 162 46.63 -10.85 -14.16
C ALA D 162 45.28 -10.70 -13.44
N GLU D 163 44.61 -9.55 -13.63
CA GLU D 163 43.37 -9.31 -12.92
C GLU D 163 42.25 -10.23 -13.35
N ILE D 164 42.19 -10.62 -14.63
CA ILE D 164 41.18 -11.60 -15.03
C ILE D 164 41.47 -12.96 -14.41
N SER D 165 42.74 -13.37 -14.39
CA SER D 165 43.10 -14.63 -13.73
C SER D 165 42.78 -14.59 -12.25
N GLN D 166 42.99 -13.43 -11.62
CA GLN D 166 42.72 -13.32 -10.17
C GLN D 166 41.22 -13.53 -9.96
N ALA D 167 40.42 -12.81 -10.73
CA ALA D 167 38.95 -12.91 -10.57
C ALA D 167 38.51 -14.32 -10.91
N VAL D 168 39.10 -14.91 -11.95
CA VAL D 168 38.58 -16.25 -12.35
C VAL D 168 38.80 -17.20 -11.18
N GLN D 169 39.96 -17.12 -10.53
CA GLN D 169 40.20 -18.12 -9.47
C GLN D 169 39.17 -17.94 -8.35
N ALA D 170 38.93 -16.70 -7.95
CA ALA D 170 38.03 -16.47 -6.79
C ALA D 170 36.59 -16.92 -7.06
N PHE D 171 36.05 -16.59 -8.22
CA PHE D 171 34.60 -16.82 -8.37
C PHE D 171 34.26 -17.85 -9.44
N THR D 172 35.16 -18.77 -9.72
CA THR D 172 34.76 -19.82 -10.69
C THR D 172 35.13 -21.17 -10.13
N ALA D 173 36.15 -21.22 -9.30
CA ALA D 173 36.62 -22.51 -8.78
C ALA D 173 36.91 -23.43 -9.99
N ARG D 174 37.53 -22.88 -11.02
CA ARG D 174 37.93 -23.72 -12.17
C ARG D 174 39.42 -23.97 -12.05
N ARG D 175 39.92 -25.06 -12.64
CA ARG D 175 41.35 -25.42 -12.46
C ARG D 175 42.25 -24.31 -12.96
N ILE D 176 43.10 -23.78 -12.09
CA ILE D 176 44.06 -22.74 -12.51
C ILE D 176 45.17 -23.43 -13.31
N GLN D 177 45.13 -23.32 -14.63
CA GLN D 177 46.17 -23.96 -15.49
C GLN D 177 47.28 -22.95 -15.72
N GLN D 178 48.35 -23.35 -16.41
CA GLN D 178 49.50 -22.47 -16.60
C GLN D 178 49.13 -21.20 -17.37
N ARG D 179 48.16 -21.29 -18.28
CA ARG D 179 47.75 -20.18 -19.13
C ARG D 179 46.31 -19.79 -18.81
N LEU D 180 46.01 -18.49 -18.89
CA LEU D 180 44.66 -18.00 -18.62
C LEU D 180 43.64 -18.56 -19.61
N GLU D 181 44.04 -18.68 -20.89
CA GLU D 181 43.10 -19.16 -21.91
C GLU D 181 42.71 -20.62 -21.69
N GLN D 182 43.67 -21.48 -21.33
CA GLN D 182 43.36 -22.89 -21.09
C GLN D 182 42.46 -23.07 -19.87
N THR D 183 42.64 -22.23 -18.83
CA THR D 183 41.86 -22.37 -17.60
C THR D 183 40.38 -22.12 -17.86
N ILE D 184 40.08 -21.08 -18.62
CA ILE D 184 38.70 -20.77 -18.99
C ILE D 184 38.24 -21.75 -20.05
N GLU D 185 36.95 -22.05 -20.06
CA GLU D 185 36.40 -22.84 -21.16
C GLU D 185 36.09 -21.84 -22.27
N ILE D 186 37.00 -21.73 -23.23
CA ILE D 186 36.88 -20.77 -24.33
C ILE D 186 36.19 -21.45 -25.49
N PRO D 187 35.11 -20.89 -26.03
CA PRO D 187 34.50 -21.46 -27.21
C PRO D 187 35.48 -21.45 -28.38
N PRO D 188 35.44 -22.48 -29.24
CA PRO D 188 36.45 -22.58 -30.30
C PRO D 188 36.49 -21.38 -31.24
N LEU D 189 35.35 -20.72 -31.44
CA LEU D 189 35.07 -19.65 -32.39
C LEU D 189 34.72 -20.29 -33.73
N PRO D 190 33.58 -19.96 -34.31
CA PRO D 190 33.10 -20.69 -35.50
C PRO D 190 34.07 -20.57 -36.66
N GLN D 191 34.18 -21.66 -37.43
CA GLN D 191 35.11 -21.68 -38.56
C GLN D 191 34.78 -20.60 -39.58
N THR D 192 33.50 -20.25 -39.74
CA THR D 192 33.11 -19.21 -40.67
C THR D 192 33.74 -17.87 -40.29
N ALA D 193 33.71 -17.53 -39.00
CA ALA D 193 34.36 -16.30 -38.56
C ALA D 193 35.87 -16.36 -38.72
N GLN D 194 36.47 -17.54 -38.53
CA GLN D 194 37.91 -17.67 -38.67
C GLN D 194 38.33 -17.39 -40.11
N LYS D 195 37.54 -17.85 -41.07
CA LYS D 195 37.83 -17.63 -42.48
C LYS D 195 37.66 -16.16 -42.86
N ILE D 196 36.63 -15.50 -42.32
CA ILE D 196 36.38 -14.09 -42.60
C ILE D 196 37.47 -13.21 -42.00
N ILE D 197 38.02 -13.59 -40.83
CA ILE D 197 39.09 -12.82 -40.21
C ILE D 197 40.30 -12.83 -41.13
N LYS D 198 40.62 -14.01 -41.68
CA LYS D 198 41.72 -14.16 -42.63
C LYS D 198 41.44 -13.43 -43.94
N LEU D 199 40.16 -13.38 -44.35
CA LEU D 199 39.81 -12.72 -45.60
C LEU D 199 39.97 -11.20 -45.54
N ARG D 200 39.82 -10.60 -44.35
CA ARG D 200 39.89 -9.15 -44.25
C ARG D 200 41.27 -8.63 -44.65
N VAL D 201 42.33 -9.40 -44.37
CA VAL D 201 43.71 -9.00 -44.61
C VAL D 201 44.20 -9.35 -46.02
N ASP D 202 43.37 -9.99 -46.85
CA ASP D 202 43.79 -10.37 -48.19
C ASP D 202 43.90 -9.11 -49.04
N PRO D 203 45.09 -8.79 -49.58
CA PRO D 203 45.23 -7.59 -50.42
C PRO D 203 44.37 -7.61 -51.67
N ASN D 204 44.15 -8.78 -52.25
CA ASN D 204 43.35 -8.91 -53.46
C ASN D 204 42.08 -9.71 -53.19
N ALA D 205 41.49 -9.50 -52.02
CA ALA D 205 40.14 -10.03 -51.80
C ALA D 205 39.14 -9.29 -52.67
N SER D 206 38.16 -10.02 -53.17
CA SER D 206 37.20 -9.51 -54.14
C SER D 206 35.79 -9.70 -53.61
N VAL D 207 34.84 -9.01 -54.27
CA VAL D 207 33.44 -9.15 -53.87
C VAL D 207 32.97 -10.58 -54.06
N ASP D 208 33.53 -11.29 -55.04
CA ASP D 208 33.21 -12.71 -55.23
C ASP D 208 33.71 -13.56 -54.08
N ASP D 209 34.87 -13.21 -53.49
CA ASP D 209 35.43 -14.03 -52.42
C ASP D 209 34.53 -14.00 -51.18
N ILE D 210 33.99 -12.83 -50.83
CA ILE D 210 33.11 -12.77 -49.67
C ILE D 210 31.74 -13.35 -50.02
N THR D 211 31.29 -13.19 -51.26
CA THR D 211 30.03 -13.79 -51.70
C THR D 211 30.12 -15.31 -51.66
N GLY D 212 31.29 -15.88 -51.98
CA GLY D 212 31.45 -17.32 -51.87
C GLY D 212 31.50 -17.81 -50.44
N LEU D 213 32.25 -17.11 -49.58
CA LEU D 213 32.36 -17.53 -48.18
C LEU D 213 31.03 -17.36 -47.45
N VAL D 214 30.29 -16.29 -47.77
CA VAL D 214 29.00 -16.05 -47.11
C VAL D 214 28.01 -17.15 -47.45
N GLU D 215 28.12 -17.73 -48.66
CA GLU D 215 27.18 -18.74 -49.10
C GLU D 215 27.48 -20.11 -48.52
N THR D 216 28.65 -20.30 -47.89
CA THR D 216 28.93 -21.52 -47.14
C THR D 216 28.06 -21.64 -45.89
N ASP D 217 27.53 -20.51 -45.38
CA ASP D 217 26.68 -20.46 -44.20
C ASP D 217 25.37 -19.79 -44.62
N PRO D 218 24.40 -20.57 -45.10
CA PRO D 218 23.11 -19.95 -45.52
C PRO D 218 22.42 -19.21 -44.39
N ALA D 219 22.59 -19.67 -43.14
CA ALA D 219 22.00 -18.98 -41.99
C ALA D 219 22.58 -17.57 -41.87
N LEU D 220 23.91 -17.45 -41.97
CA LEU D 220 24.53 -16.13 -42.02
C LEU D 220 24.11 -15.36 -43.27
N ALA D 221 24.01 -16.06 -44.40
CA ALA D 221 23.60 -15.41 -45.65
C ALA D 221 22.17 -14.89 -45.55
N ALA D 222 21.31 -15.62 -44.83
CA ALA D 222 19.94 -15.17 -44.65
C ALA D 222 19.88 -13.88 -43.84
N GLN D 223 20.77 -13.74 -42.85
CA GLN D 223 20.81 -12.49 -42.08
C GLN D 223 21.29 -11.33 -42.94
N VAL D 224 22.18 -11.60 -43.91
CA VAL D 224 22.70 -10.55 -44.77
C VAL D 224 21.60 -10.04 -45.71
N VAL D 225 20.79 -10.96 -46.25
CA VAL D 225 19.67 -10.56 -47.10
C VAL D 225 18.64 -9.78 -46.29
N SER D 226 18.38 -10.24 -45.05
CA SER D 226 17.45 -9.53 -44.16
C SER D 226 17.97 -8.15 -43.77
N TRP D 227 19.30 -7.99 -43.66
CA TRP D 227 19.87 -6.69 -43.30
C TRP D 227 19.66 -5.66 -44.42
N ALA D 228 19.94 -6.05 -45.66
CA ALA D 228 19.71 -5.15 -46.78
C ALA D 228 18.22 -4.93 -47.02
N ALA D 229 17.39 -5.93 -46.69
CA ALA D 229 15.96 -5.79 -46.88
C ALA D 229 15.32 -4.82 -45.89
N SER D 230 16.02 -4.49 -44.80
CA SER D 230 15.48 -3.57 -43.82
C SER D 230 15.34 -2.18 -44.46
N PRO D 231 14.27 -1.45 -44.14
CA PRO D 231 14.05 -0.12 -44.76
C PRO D 231 15.15 0.89 -44.49
N TYR D 232 15.84 0.74 -43.36
CA TYR D 232 16.95 1.67 -43.06
C TYR D 232 17.96 1.60 -44.20
N TYR D 233 18.60 0.43 -44.35
CA TYR D 233 19.69 0.27 -45.35
C TYR D 233 19.25 0.40 -46.81
N ALA D 234 18.08 -0.12 -47.20
CA ALA D 234 17.78 -0.12 -48.66
C ALA D 234 16.38 0.34 -49.06
N ALA D 235 16.22 0.69 -50.34
CA ALA D 235 14.92 1.19 -50.86
C ALA D 235 13.93 0.05 -51.11
N PRO D 236 12.61 0.31 -51.26
CA PRO D 236 11.55 -0.70 -51.46
C PRO D 236 11.86 -2.21 -51.51
N GLY D 237 11.74 -2.85 -52.67
CA GLY D 237 11.89 -4.32 -52.72
C GLY D 237 12.81 -4.83 -53.82
N LYS D 238 14.13 -4.76 -53.60
CA LYS D 238 15.08 -5.34 -54.54
C LYS D 238 16.00 -6.22 -53.70
N ILE D 239 15.93 -7.52 -53.90
CA ILE D 239 16.56 -8.47 -53.00
C ILE D 239 17.63 -9.30 -53.72
N ARG D 240 17.22 -10.07 -54.73
CA ARG D 240 18.10 -10.89 -55.58
C ARG D 240 19.01 -11.74 -54.70
N SER D 241 20.30 -11.82 -54.98
CA SER D 241 21.28 -12.64 -54.28
C SER D 241 21.98 -11.83 -53.19
N VAL D 242 22.77 -12.55 -52.38
CA VAL D 242 23.66 -11.90 -51.42
C VAL D 242 24.54 -10.88 -52.13
N GLU D 243 24.98 -11.22 -53.35
CA GLU D 243 25.81 -10.30 -54.13
C GLU D 243 25.06 -9.01 -54.47
N ASP D 244 23.74 -9.09 -54.68
CA ASP D 244 22.98 -7.87 -54.94
C ASP D 244 22.92 -6.98 -53.71
N ALA D 245 22.77 -7.59 -52.53
CA ALA D 245 22.81 -6.81 -51.30
C ALA D 245 24.19 -6.20 -51.08
N ILE D 246 25.25 -6.94 -51.42
CA ILE D 246 26.61 -6.45 -51.26
C ILE D 246 26.92 -5.33 -52.25
N VAL D 247 26.50 -5.48 -53.51
CA VAL D 247 26.94 -4.54 -54.55
C VAL D 247 26.04 -3.29 -54.57
N ARG D 248 24.74 -3.48 -54.41
CA ARG D 248 23.79 -2.36 -54.53
C ARG D 248 23.58 -1.60 -53.24
N VAL D 249 23.62 -2.30 -52.11
CA VAL D 249 23.17 -1.76 -50.82
C VAL D 249 24.32 -1.54 -49.85
N LEU D 250 25.05 -2.61 -49.48
CA LEU D 250 25.98 -2.56 -48.36
C LEU D 250 27.38 -2.08 -48.74
N GLY D 251 27.85 -2.45 -49.93
CA GLY D 251 29.23 -2.19 -50.30
C GLY D 251 30.11 -3.32 -49.81
N PHE D 252 31.33 -3.37 -50.35
CA PHE D 252 32.23 -4.44 -49.93
C PHE D 252 32.68 -4.24 -48.47
N ASP D 253 32.97 -3.00 -48.09
CA ASP D 253 33.51 -2.71 -46.76
C ASP D 253 32.52 -3.08 -45.65
N LEU D 254 31.24 -2.79 -45.87
CA LEU D 254 30.22 -3.04 -44.83
C LEU D 254 29.98 -4.53 -44.60
N VAL D 255 29.80 -5.30 -45.67
CA VAL D 255 29.34 -6.68 -45.53
C VAL D 255 30.44 -7.58 -44.96
N ILE D 256 31.70 -7.29 -45.27
CA ILE D 256 32.79 -8.11 -44.74
C ILE D 256 32.89 -7.98 -43.22
N ASN D 257 32.63 -6.76 -42.71
CA ASN D 257 32.67 -6.57 -41.27
C ASN D 257 31.37 -6.99 -40.60
N LEU D 258 30.23 -6.69 -41.24
CA LEU D 258 28.94 -7.06 -40.66
C LEU D 258 28.78 -8.57 -40.56
N ALA D 259 29.23 -9.30 -41.60
CA ALA D 259 29.15 -10.75 -41.54
C ALA D 259 30.03 -11.29 -40.43
N LEU D 260 31.17 -10.64 -40.17
CA LEU D 260 32.02 -11.08 -39.07
C LEU D 260 31.32 -10.89 -37.73
N GLY D 261 30.60 -9.78 -37.56
CA GLY D 261 29.91 -9.56 -36.30
C GLY D 261 28.78 -10.55 -36.07
N LEU D 262 28.00 -10.85 -37.12
CA LEU D 262 26.91 -11.80 -36.99
C LEU D 262 27.42 -13.20 -36.70
N ALA D 263 28.59 -13.56 -37.23
CA ALA D 263 29.16 -14.88 -36.96
C ALA D 263 29.58 -15.02 -35.51
N LEU D 264 30.09 -13.94 -34.91
CA LEU D 264 30.44 -13.96 -33.48
C LEU D 264 29.21 -14.05 -32.59
N GLY D 265 28.05 -13.56 -33.05
CA GLY D 265 26.87 -13.56 -32.23
C GLY D 265 26.39 -14.95 -31.89
N LYS D 266 26.60 -15.91 -32.78
CA LYS D 266 26.22 -17.31 -32.57
C LYS D 266 27.26 -18.11 -31.78
N SER D 267 28.43 -17.52 -31.51
CA SER D 267 29.44 -18.24 -30.74
C SER D 267 29.01 -18.45 -29.29
N LEU D 268 28.13 -17.59 -28.79
CA LEU D 268 27.59 -17.64 -27.43
C LEU D 268 26.09 -17.41 -27.42
N SER D 269 25.40 -18.22 -26.63
CA SER D 269 23.95 -18.09 -26.48
C SER D 269 23.63 -16.84 -25.66
N LEU D 270 22.43 -16.30 -25.88
CA LEU D 270 22.00 -15.15 -25.09
C LEU D 270 21.91 -15.54 -23.62
N PRO D 271 22.27 -14.64 -22.71
CA PRO D 271 22.23 -14.99 -21.30
C PRO D 271 20.80 -15.28 -20.85
N LYS D 272 20.69 -16.25 -19.92
CA LYS D 272 19.37 -16.60 -19.37
C LYS D 272 18.82 -15.49 -18.48
N ASP D 273 19.69 -14.68 -17.88
CA ASP D 273 19.27 -13.61 -17.00
C ASP D 273 19.64 -12.26 -17.59
N GLN D 274 18.91 -11.24 -17.17
CA GLN D 274 19.16 -9.86 -17.57
C GLN D 274 18.60 -8.94 -16.50
N PRO D 275 19.13 -7.72 -16.38
CA PRO D 275 18.44 -6.73 -15.54
C PRO D 275 17.06 -6.46 -16.11
N GLN D 276 16.10 -6.27 -15.22
CA GLN D 276 14.72 -6.03 -15.66
C GLN D 276 14.62 -4.71 -16.43
N GLN D 277 13.85 -4.75 -17.52
CA GLN D 277 13.66 -3.61 -18.40
C GLN D 277 14.99 -2.99 -18.84
N ALA D 278 15.94 -3.85 -19.19
CA ALA D 278 17.17 -3.43 -19.84
C ALA D 278 16.91 -3.37 -21.34
N THR D 279 17.68 -2.52 -22.05
CA THR D 279 17.61 -2.50 -23.50
C THR D 279 18.09 -3.84 -24.04
N PRO D 280 17.36 -4.46 -24.97
CA PRO D 280 17.77 -5.79 -25.45
C PRO D 280 19.16 -5.71 -26.09
N TYR D 281 19.94 -6.78 -25.93
CA TYR D 281 21.37 -6.73 -26.26
C TYR D 281 21.62 -6.25 -27.68
N TRP D 282 20.96 -6.87 -28.67
CA TRP D 282 21.26 -6.53 -30.06
C TRP D 282 20.72 -5.16 -30.46
N GLN D 283 19.65 -4.69 -29.79
CA GLN D 283 19.23 -3.31 -29.99
C GLN D 283 20.28 -2.35 -29.45
N GLN D 284 20.86 -2.66 -28.29
CA GLN D 284 21.95 -1.84 -27.76
C GLN D 284 23.14 -1.86 -28.70
N ALA D 285 23.37 -2.98 -29.38
CA ALA D 285 24.45 -3.06 -30.34
C ALA D 285 24.15 -2.26 -31.60
N ILE D 286 22.95 -2.45 -32.17
CA ILE D 286 22.61 -1.79 -33.43
C ILE D 286 22.56 -0.27 -33.26
N TYR D 287 21.94 0.19 -32.17
CA TYR D 287 21.87 1.62 -31.92
C TYR D 287 23.27 2.23 -31.88
N THR D 288 24.19 1.59 -31.16
CA THR D 288 25.54 2.15 -31.02
C THR D 288 26.25 2.18 -32.36
N ALA D 289 26.06 1.12 -33.17
CA ALA D 289 26.75 1.05 -34.46
C ALA D 289 26.18 2.08 -35.44
N ALA D 290 24.85 2.19 -35.51
CA ALA D 290 24.24 3.15 -36.43
C ALA D 290 24.61 4.58 -36.03
N VAL D 291 24.77 4.85 -34.74
CA VAL D 291 25.20 6.18 -34.32
C VAL D 291 26.68 6.39 -34.67
N ILE D 292 27.49 5.34 -34.58
CA ILE D 292 28.89 5.45 -35.00
C ILE D 292 28.97 5.73 -36.50
N GLU D 293 28.08 5.10 -37.27
CA GLU D 293 28.08 5.29 -38.73
C GLU D 293 27.75 6.73 -39.09
N GLY D 294 26.76 7.32 -38.40
CA GLY D 294 26.44 8.71 -38.62
C GLY D 294 27.52 9.65 -38.10
N LEU D 295 28.16 9.27 -36.99
CA LEU D 295 29.29 10.05 -36.51
C LEU D 295 30.49 9.92 -37.45
N THR D 296 30.68 8.73 -38.03
CA THR D 296 31.79 8.52 -38.96
C THR D 296 31.59 9.35 -40.23
N ARG D 297 30.36 9.40 -40.74
CA ARG D 297 30.11 10.16 -41.96
C ARG D 297 30.30 11.67 -41.77
N ALA D 298 30.03 12.18 -40.57
CA ALA D 298 30.18 13.60 -40.27
C ALA D 298 31.60 13.96 -39.85
N MET D 299 32.48 12.99 -39.73
CA MET D 299 33.85 13.22 -39.32
C MET D 299 34.67 13.75 -40.50
N PRO D 300 35.69 14.58 -40.24
CA PRO D 300 36.55 15.05 -41.34
C PRO D 300 37.26 13.90 -42.03
N ARG D 301 37.44 14.05 -43.35
CA ARG D 301 38.08 13.00 -44.15
C ARG D 301 39.51 12.72 -43.69
N GLU D 302 40.19 13.74 -43.14
CA GLU D 302 41.56 13.57 -42.67
C GLU D 302 41.66 12.54 -41.56
N LEU D 303 40.62 12.41 -40.73
CA LEU D 303 40.60 11.57 -39.55
C LEU D 303 39.62 10.40 -39.59
N ARG D 304 38.83 10.28 -40.68
CA ARG D 304 37.83 9.20 -40.74
C ARG D 304 38.52 7.85 -40.76
N PRO D 305 38.14 6.93 -39.89
CA PRO D 305 38.70 5.57 -39.95
C PRO D 305 37.95 4.70 -40.95
N GLU D 306 38.32 3.42 -41.03
CA GLU D 306 37.59 2.50 -41.91
C GLU D 306 36.13 2.45 -41.52
N SER D 307 35.26 2.77 -42.48
CA SER D 307 33.84 2.88 -42.16
C SER D 307 33.25 1.54 -41.74
N GLY D 308 33.67 0.45 -42.38
CA GLY D 308 33.10 -0.85 -42.05
C GLY D 308 33.54 -1.38 -40.70
N LEU D 309 34.82 -1.22 -40.37
CA LEU D 309 35.32 -1.68 -39.07
C LEU D 309 34.73 -0.86 -37.93
N SER D 310 34.45 0.42 -38.16
CA SER D 310 33.83 1.24 -37.12
C SER D 310 32.45 0.69 -36.77
N TYR D 311 31.70 0.22 -37.79
CA TYR D 311 30.38 -0.35 -37.54
C TYR D 311 30.49 -1.63 -36.72
N LEU D 312 31.54 -2.42 -36.96
CA LEU D 312 31.75 -3.63 -36.18
C LEU D 312 32.08 -3.31 -34.72
N GLY D 313 32.77 -2.20 -34.48
CA GLY D 313 33.10 -1.84 -33.11
C GLY D 313 31.89 -1.49 -32.27
N GLY D 314 30.90 -0.83 -32.89
CA GLY D 314 29.67 -0.57 -32.17
C GLY D 314 28.85 -1.83 -31.95
N LEU D 315 28.89 -2.75 -32.93
CA LEU D 315 28.13 -3.99 -32.79
C LEU D 315 28.68 -4.87 -31.67
N LEU D 316 29.98 -4.79 -31.41
CA LEU D 316 30.66 -5.68 -30.48
C LEU D 316 31.18 -4.96 -29.24
N HIS D 317 30.83 -3.68 -29.05
CA HIS D 317 31.33 -2.95 -27.88
C HIS D 317 30.85 -3.60 -26.60
N ASN D 318 29.69 -4.25 -26.63
CA ASN D 318 29.08 -4.82 -25.46
C ASN D 318 29.35 -6.31 -25.33
N PHE D 319 30.33 -6.82 -26.08
CA PHE D 319 30.53 -8.27 -26.14
C PHE D 319 30.97 -8.84 -24.80
N GLY D 320 31.64 -8.03 -23.96
CA GLY D 320 32.06 -8.52 -22.66
C GLY D 320 30.88 -8.90 -21.77
N TYR D 321 29.72 -8.28 -22.02
CA TYR D 321 28.50 -8.68 -21.32
C TYR D 321 28.17 -10.15 -21.57
N LEU D 322 28.20 -10.59 -22.85
CA LEU D 322 27.95 -12.00 -23.15
C LEU D 322 29.03 -12.90 -22.56
N VAL D 323 30.28 -12.41 -22.48
CA VAL D 323 31.36 -13.19 -21.90
C VAL D 323 31.11 -13.42 -20.41
N LEU D 324 30.65 -12.39 -19.71
CA LEU D 324 30.44 -12.50 -18.27
C LEU D 324 29.36 -13.52 -17.94
N ALA D 325 28.30 -13.58 -18.75
CA ALA D 325 27.24 -14.54 -18.48
C ALA D 325 27.72 -16.00 -18.62
N HIS D 326 28.72 -16.25 -19.48
CA HIS D 326 29.24 -17.61 -19.63
C HIS D 326 30.27 -17.97 -18.58
N VAL D 327 31.20 -17.07 -18.26
CA VAL D 327 32.30 -17.41 -17.37
C VAL D 327 31.86 -17.38 -15.91
N PHE D 328 30.99 -16.45 -15.52
CA PHE D 328 30.50 -16.33 -14.15
C PHE D 328 28.98 -16.23 -14.13
N PRO D 329 28.26 -17.30 -14.48
CA PRO D 329 26.77 -17.22 -14.51
C PRO D 329 26.15 -16.83 -13.18
N PRO D 330 26.61 -17.39 -12.03
CA PRO D 330 25.93 -17.01 -10.77
C PRO D 330 26.17 -15.56 -10.40
N HIS D 331 27.41 -15.08 -10.54
CA HIS D 331 27.71 -13.69 -10.25
C HIS D 331 27.08 -12.75 -11.26
N PHE D 332 26.83 -13.23 -12.49
CA PHE D 332 26.17 -12.40 -13.48
C PHE D 332 24.75 -12.06 -13.04
N SER D 333 24.04 -13.03 -12.44
CA SER D 333 22.71 -12.74 -11.90
C SER D 333 22.78 -11.75 -10.75
N LEU D 334 23.85 -11.82 -9.93
CA LEU D 334 24.08 -10.82 -8.90
C LEU D 334 24.39 -9.45 -9.49
N ILE D 335 25.11 -9.42 -10.61
CA ILE D 335 25.37 -8.16 -11.30
C ILE D 335 24.07 -7.54 -11.80
N CYS D 336 23.16 -8.37 -12.34
CA CYS D 336 21.90 -7.83 -12.82
C CYS D 336 21.10 -7.24 -11.68
N ARG D 337 21.08 -7.91 -10.53
CA ARG D 337 20.30 -7.43 -9.39
C ARG D 337 20.83 -6.10 -8.88
N HIS D 338 22.14 -5.88 -8.95
CA HIS D 338 22.71 -4.61 -8.48
C HIS D 338 22.52 -3.48 -9.49
N LEU D 339 22.43 -3.80 -10.79
CA LEU D 339 22.09 -2.77 -11.77
C LEU D 339 20.68 -2.23 -11.53
N GLU D 340 19.77 -3.09 -11.06
CA GLU D 340 18.41 -2.64 -10.78
C GLU D 340 18.36 -1.67 -9.61
N VAL D 341 19.32 -1.76 -8.68
CA VAL D 341 19.28 -0.93 -7.49
C VAL D 341 20.28 0.22 -7.54
N ASN D 342 21.02 0.36 -8.64
CA ASN D 342 21.91 1.51 -8.87
C ASN D 342 21.62 2.07 -10.26
N PRO D 343 20.43 2.65 -10.47
CA PRO D 343 20.13 3.24 -11.77
C PRO D 343 21.06 4.37 -12.16
N HIS D 344 21.66 5.04 -11.18
CA HIS D 344 22.47 6.23 -11.39
C HIS D 344 23.90 5.91 -11.84
N LEU D 345 24.27 4.64 -11.96
CA LEU D 345 25.65 4.24 -12.23
C LEU D 345 25.76 3.45 -13.53
N GLY D 346 26.87 3.64 -14.23
CA GLY D 346 27.19 2.78 -15.35
C GLY D 346 27.66 1.42 -14.88
N HIS D 347 27.60 0.44 -15.80
CA HIS D 347 27.87 -0.94 -15.44
C HIS D 347 29.27 -1.14 -14.90
N ALA D 348 30.22 -0.30 -15.29
CA ALA D 348 31.61 -0.52 -14.94
C ALA D 348 31.84 -0.50 -13.42
N TYR D 349 31.16 0.42 -12.72
CA TYR D 349 31.38 0.53 -11.27
C TYR D 349 30.92 -0.72 -10.53
N ILE D 350 29.80 -1.31 -10.96
CA ILE D 350 29.26 -2.48 -10.28
C ILE D 350 30.16 -3.69 -10.50
N GLU D 351 30.60 -3.89 -11.76
CA GLU D 351 31.38 -5.07 -12.14
C GLU D 351 32.75 -5.09 -11.45
N GLN D 352 33.40 -3.93 -11.35
CA GLN D 352 34.70 -3.87 -10.68
C GLN D 352 34.55 -4.18 -9.20
N HIS D 353 33.45 -3.74 -8.59
CA HIS D 353 33.24 -3.92 -7.16
C HIS D 353 33.03 -5.39 -6.82
N LEU D 354 32.29 -6.12 -7.66
CA LEU D 354 31.97 -7.51 -7.36
C LEU D 354 33.05 -8.49 -7.83
N LEU D 355 33.66 -8.24 -9.00
CA LEU D 355 34.62 -9.17 -9.59
C LEU D 355 36.04 -8.65 -9.75
N GLY D 356 36.28 -7.34 -9.67
CA GLY D 356 37.62 -6.84 -9.89
C GLY D 356 37.97 -6.56 -11.33
N ILE D 357 37.03 -6.75 -12.27
CA ILE D 357 37.23 -6.49 -13.69
C ILE D 357 35.96 -5.85 -14.26
N THR D 358 36.12 -5.25 -15.43
CA THR D 358 35.01 -4.64 -16.17
C THR D 358 34.68 -5.56 -17.34
N ARG D 359 33.46 -5.43 -17.88
CA ARG D 359 33.12 -6.19 -19.08
C ARG D 359 34.01 -5.77 -20.23
N GLU D 360 34.47 -4.52 -20.21
CA GLU D 360 35.41 -4.05 -21.22
C GLU D 360 36.73 -4.81 -21.15
N GLN D 361 37.20 -5.10 -19.95
CA GLN D 361 38.51 -5.76 -19.81
C GLN D 361 38.49 -7.15 -20.44
N ILE D 362 37.44 -7.93 -20.18
CA ILE D 362 37.42 -9.32 -20.61
C ILE D 362 36.96 -9.44 -22.05
N GLY D 363 36.10 -8.54 -22.52
CA GLY D 363 35.66 -8.61 -23.90
C GLY D 363 36.77 -8.26 -24.88
N ALA D 364 37.59 -7.27 -24.53
CA ALA D 364 38.76 -6.96 -25.35
C ALA D 364 39.76 -8.10 -25.33
N TRP D 365 39.88 -8.78 -24.18
CA TRP D 365 40.81 -9.91 -24.09
C TRP D 365 40.38 -11.06 -25.00
N LEU D 366 39.07 -11.30 -25.12
CA LEU D 366 38.62 -12.36 -26.01
C LEU D 366 38.86 -12.01 -27.49
N MET D 367 38.84 -10.72 -27.83
CA MET D 367 39.07 -10.33 -29.21
C MET D 367 40.47 -10.70 -29.68
N ARG D 368 41.46 -10.54 -28.81
CA ARG D 368 42.84 -10.77 -29.25
C ARG D 368 43.25 -12.24 -29.16
N VAL D 369 42.69 -13.03 -28.25
CA VAL D 369 42.99 -14.47 -28.25
C VAL D 369 42.39 -15.12 -29.49
N TRP D 370 41.32 -14.52 -30.04
CA TRP D 370 40.75 -14.95 -31.31
C TRP D 370 41.43 -14.32 -32.51
N ASP D 371 42.46 -13.51 -32.27
CA ASP D 371 43.22 -12.83 -33.31
C ASP D 371 42.32 -11.96 -34.20
N MET D 372 41.33 -11.34 -33.57
CA MET D 372 40.55 -10.28 -34.19
C MET D 372 41.45 -9.06 -34.35
N PRO D 373 41.12 -8.14 -35.26
CA PRO D 373 42.05 -7.02 -35.50
C PRO D 373 42.27 -6.25 -34.21
N ASP D 374 43.53 -5.86 -34.00
CA ASP D 374 43.90 -5.20 -32.75
C ASP D 374 43.19 -3.86 -32.62
N ASP D 375 42.73 -3.28 -33.74
CA ASP D 375 41.88 -2.10 -33.65
C ASP D 375 40.65 -2.39 -32.81
N LEU D 376 40.07 -3.57 -33.00
CA LEU D 376 38.84 -3.94 -32.31
C LEU D 376 39.09 -4.20 -30.83
N TYR D 377 40.26 -4.74 -30.47
CA TYR D 377 40.65 -4.85 -29.08
C TYR D 377 40.75 -3.49 -28.43
N CYS D 378 41.44 -2.55 -29.10
CA CYS D 378 41.56 -1.21 -28.53
C CYS D 378 40.21 -0.53 -28.39
N ALA D 379 39.29 -0.79 -29.32
CA ALA D 379 37.97 -0.15 -29.25
C ALA D 379 37.20 -0.61 -28.03
N LEU D 380 37.21 -1.91 -27.76
CA LEU D 380 36.43 -2.45 -26.64
C LEU D 380 37.08 -2.12 -25.30
N ARG D 381 38.41 -2.22 -25.22
CA ARG D 381 39.11 -2.06 -23.96
C ARG D 381 38.99 -0.63 -23.42
N PHE D 382 38.86 0.36 -24.30
CA PHE D 382 38.93 1.76 -23.91
C PHE D 382 37.66 2.53 -24.25
N GLN D 383 36.52 1.85 -24.40
CA GLN D 383 35.30 2.57 -24.74
C GLN D 383 34.81 3.44 -23.59
N GLN D 384 35.28 3.20 -22.36
CA GLN D 384 34.83 3.96 -21.20
C GLN D 384 35.72 5.15 -20.87
N ASP D 385 36.83 5.35 -21.58
CA ASP D 385 37.78 6.42 -21.26
C ASP D 385 37.89 7.43 -22.41
N PRO D 386 37.24 8.59 -22.29
CA PRO D 386 37.36 9.62 -23.35
C PRO D 386 38.74 10.23 -23.46
N SER D 387 39.60 10.06 -22.45
CA SER D 387 40.93 10.66 -22.45
C SER D 387 41.97 9.80 -23.15
N TYR D 388 41.58 8.63 -23.67
CA TYR D 388 42.55 7.74 -24.31
C TYR D 388 43.10 8.40 -25.58
N THR D 389 44.44 8.35 -25.71
CA THR D 389 45.13 8.92 -26.87
C THR D 389 46.13 7.94 -27.46
N GLY D 390 46.09 6.67 -27.05
CA GLY D 390 47.03 5.68 -27.52
C GLY D 390 46.69 5.16 -28.89
N PRO D 391 47.25 4.00 -29.24
CA PRO D 391 47.02 3.44 -30.58
C PRO D 391 45.55 3.15 -30.85
N ASN D 392 45.15 3.43 -32.09
CA ASN D 392 43.78 3.19 -32.56
C ASN D 392 42.74 3.93 -31.71
N ALA D 393 43.13 5.08 -31.17
CA ALA D 393 42.25 5.81 -30.27
C ALA D 393 40.94 6.20 -30.94
N VAL D 394 40.94 6.43 -32.26
CA VAL D 394 39.74 6.91 -32.93
C VAL D 394 38.61 5.89 -32.82
N TYR D 395 38.95 4.60 -32.80
CA TYR D 395 37.93 3.57 -32.68
C TYR D 395 37.35 3.51 -31.27
N ALA D 396 38.21 3.55 -30.25
CA ALA D 396 37.73 3.55 -28.87
C ALA D 396 37.04 4.87 -28.51
N ASN D 397 37.59 5.99 -28.97
CA ASN D 397 36.95 7.28 -28.71
C ASN D 397 35.57 7.35 -29.34
N LEU D 398 35.37 6.71 -30.50
CA LEU D 398 34.06 6.75 -31.13
C LEU D 398 33.01 5.99 -30.32
N ILE D 399 33.37 4.85 -29.76
CA ILE D 399 32.43 4.11 -28.91
C ILE D 399 32.15 4.90 -27.63
N CYS D 400 33.15 5.62 -27.12
CA CYS D 400 32.95 6.41 -25.91
C CYS D 400 31.92 7.50 -26.13
N LEU D 401 32.07 8.26 -27.22
CA LEU D 401 31.13 9.34 -27.49
C LEU D 401 29.72 8.81 -27.78
N THR D 402 29.61 7.66 -28.46
CA THR D 402 28.29 7.18 -28.85
C THR D 402 27.51 6.66 -27.65
N ASN D 403 28.13 5.85 -26.79
CA ASN D 403 27.42 5.36 -25.62
C ASN D 403 27.04 6.51 -24.70
N ARG D 404 27.91 7.51 -24.59
CA ARG D 404 27.63 8.68 -23.77
C ARG D 404 26.49 9.51 -24.36
N LEU D 405 26.49 9.70 -25.68
CA LEU D 405 25.40 10.42 -26.33
C LEU D 405 24.09 9.64 -26.26
N LEU D 406 24.16 8.30 -26.36
CA LEU D 406 22.95 7.50 -26.28
C LEU D 406 22.31 7.57 -24.89
N ARG D 407 23.13 7.69 -23.85
CA ARG D 407 22.60 7.72 -22.49
C ARG D 407 21.74 8.97 -22.25
N ASN D 408 22.18 10.12 -22.77
CA ASN D 408 21.41 11.36 -22.56
C ASN D 408 20.01 11.27 -23.16
N SER D 409 19.87 10.64 -24.32
CA SER D 409 18.53 10.42 -24.87
C SER D 409 17.70 9.47 -24.03
N GLY D 410 18.33 8.48 -23.39
CA GLY D 410 17.62 7.57 -22.51
C GLY D 410 18.08 6.14 -22.66
N ILE D 411 18.33 5.72 -23.90
CA ILE D 411 18.78 4.37 -24.17
C ILE D 411 20.17 4.15 -23.57
N GLY D 412 20.39 2.98 -22.99
CA GLY D 412 21.62 2.66 -22.31
C GLY D 412 21.41 2.50 -20.81
N ASP D 413 22.52 2.40 -20.10
CA ASP D 413 22.50 2.18 -18.66
C ASP D 413 23.14 3.37 -17.92
N GLY D 414 22.75 3.54 -16.66
CA GLY D 414 23.29 4.59 -15.84
C GLY D 414 22.58 5.92 -16.03
N THR D 415 23.09 6.94 -15.35
CA THR D 415 22.57 8.29 -15.45
C THR D 415 23.26 9.04 -16.59
N GLN D 416 22.72 10.22 -16.89
CA GLN D 416 23.29 11.08 -17.93
C GLN D 416 24.70 11.54 -17.52
N GLN D 417 25.63 11.51 -18.47
CA GLN D 417 27.04 11.69 -18.17
C GLN D 417 27.66 12.80 -19.02
N ALA D 418 28.69 13.43 -18.45
CA ALA D 418 29.39 14.54 -19.11
C ALA D 418 30.26 14.05 -20.26
N ILE D 419 30.31 14.84 -21.33
CA ILE D 419 31.14 14.58 -22.50
C ILE D 419 32.20 15.66 -22.59
N PRO D 420 33.47 15.35 -22.32
CA PRO D 420 34.51 16.38 -22.36
C PRO D 420 34.67 16.95 -23.76
N ALA D 421 35.00 18.25 -23.80
CA ALA D 421 35.21 18.92 -25.07
C ALA D 421 36.41 18.34 -25.82
N ALA D 422 37.41 17.82 -25.09
CA ALA D 422 38.62 17.31 -25.73
C ALA D 422 38.31 16.13 -26.65
N LEU D 423 37.29 15.35 -26.32
CA LEU D 423 36.86 14.27 -27.20
C LEU D 423 36.21 14.82 -28.47
N TYR D 424 35.38 15.87 -28.34
CA TYR D 424 34.82 16.52 -29.52
C TYR D 424 35.93 17.11 -30.39
N GLU D 425 36.99 17.62 -29.76
CA GLU D 425 38.09 18.23 -30.50
C GLU D 425 38.97 17.20 -31.16
N ARG D 426 39.29 16.12 -30.44
CA ARG D 426 40.19 15.10 -30.99
C ARG D 426 39.57 14.39 -32.20
N LEU D 427 38.26 14.21 -32.21
CA LEU D 427 37.59 13.65 -33.40
C LEU D 427 37.17 14.72 -34.40
N GLY D 428 37.30 16.00 -34.04
CA GLY D 428 36.94 17.07 -34.94
C GLY D 428 35.46 17.25 -35.22
N ILE D 429 34.58 16.83 -34.30
CA ILE D 429 33.14 16.96 -34.48
C ILE D 429 32.60 17.96 -33.45
N THR D 430 31.78 18.90 -33.92
CA THR D 430 31.05 19.78 -33.03
C THR D 430 29.85 19.06 -32.42
N PRO D 431 29.48 19.41 -31.18
CA PRO D 431 28.34 18.71 -30.55
C PRO D 431 27.05 18.80 -31.34
N GLU D 432 26.79 19.93 -32.03
CA GLU D 432 25.59 20.04 -32.84
C GLU D 432 25.61 19.04 -33.98
N LYS D 433 26.77 18.88 -34.61
CA LYS D 433 26.90 17.86 -35.65
C LYS D 433 26.74 16.47 -35.07
N ALA D 434 27.24 16.24 -33.86
CA ALA D 434 27.10 14.93 -33.22
C ALA D 434 25.66 14.66 -32.83
N GLY D 435 25.01 15.63 -32.19
CA GLY D 435 23.61 15.46 -31.82
C GLY D 435 22.69 15.39 -33.03
N ASP D 436 23.02 16.11 -34.10
CA ASP D 436 22.20 16.07 -35.30
C ASP D 436 22.18 14.67 -35.91
N ALA D 437 23.31 13.97 -35.86
CA ALA D 437 23.34 12.59 -36.34
C ALA D 437 22.53 11.67 -35.44
N VAL D 438 22.62 11.88 -34.11
CA VAL D 438 21.88 11.03 -33.17
C VAL D 438 20.38 11.24 -33.34
N LYS D 439 19.96 12.49 -33.59
CA LYS D 439 18.55 12.76 -33.86
C LYS D 439 18.10 12.09 -35.15
N LYS D 440 18.98 12.08 -36.16
CA LYS D 440 18.65 11.43 -37.43
C LYS D 440 18.54 9.92 -37.29
N VAL D 441 19.22 9.33 -36.30
CA VAL D 441 19.16 7.88 -36.09
C VAL D 441 17.90 7.50 -35.30
N LEU D 442 17.55 8.28 -34.28
CA LEU D 442 16.42 7.92 -33.45
C LEU D 442 15.08 8.04 -34.17
N GLU D 443 14.99 8.89 -35.19
CA GLU D 443 13.79 8.95 -36.01
C GLU D 443 13.55 7.65 -36.77
N ALA D 444 14.61 6.97 -37.17
CA ALA D 444 14.55 5.70 -37.88
C ALA D 444 14.68 4.51 -36.94
N GLU D 445 14.54 4.71 -35.63
CA GLU D 445 14.78 3.64 -34.67
C GLU D 445 13.84 2.46 -34.87
N ALA D 446 12.65 2.70 -35.41
CA ALA D 446 11.69 1.60 -35.60
C ALA D 446 12.23 0.55 -36.57
N ALA D 447 12.87 0.99 -37.67
CA ALA D 447 13.48 0.04 -38.60
C ALA D 447 14.65 -0.70 -37.96
N LEU D 448 15.37 -0.02 -37.05
CA LEU D 448 16.46 -0.67 -36.32
C LEU D 448 15.92 -1.77 -35.40
N ARG D 449 14.73 -1.54 -34.81
CA ARG D 449 14.17 -2.51 -33.88
C ARG D 449 13.74 -3.78 -34.60
N GLU D 450 13.14 -3.65 -35.78
CA GLU D 450 12.76 -4.83 -36.56
C GLU D 450 13.97 -5.60 -37.07
N LEU D 451 15.06 -4.89 -37.37
CA LEU D 451 16.29 -5.58 -37.74
C LEU D 451 16.92 -6.26 -36.53
N ALA D 452 16.65 -5.75 -35.33
CA ALA D 452 17.09 -6.34 -34.07
C ALA D 452 16.02 -7.22 -33.43
N ALA D 453 14.96 -7.55 -34.17
CA ALA D 453 13.97 -8.53 -33.73
C ALA D 453 14.13 -9.86 -34.44
N GLN D 454 14.90 -9.91 -35.54
CA GLN D 454 15.31 -11.17 -36.14
C GLN D 454 16.25 -11.94 -35.23
N PHE D 455 16.88 -11.24 -34.29
CA PHE D 455 17.97 -11.77 -33.48
C PHE D 455 17.49 -12.24 -32.11
N ASN D 456 16.18 -12.46 -31.94
CA ASN D 456 15.68 -13.16 -30.76
C ASN D 456 15.75 -14.67 -30.92
N ARG D 457 16.17 -15.17 -32.09
CA ARG D 457 16.51 -16.58 -32.27
C ARG D 457 17.90 -16.68 -32.91
#